data_1914
# 
_entry.id   1914 
# 
_audit_conform.dict_name       mmcif_pdbx.dic 
_audit_conform.dict_version    5.393 
_audit_conform.dict_location   http://mmcif.pdb.org/dictionaries/ascii/mmcif_pdbx.dic 
# 
loop_
_database_2.database_id 
_database_2.database_code 
_database_2.pdbx_database_accession 
_database_2.pdbx_DOI 
PDB   1914         pdb_00001914 10.2210/pdb1914/pdb 
WWPDB D_1000170202 ?            ?                   
# 
loop_
_pdbx_audit_revision_history.ordinal 
_pdbx_audit_revision_history.data_content_type 
_pdbx_audit_revision_history.major_revision 
_pdbx_audit_revision_history.minor_revision 
_pdbx_audit_revision_history.revision_date 
1 'Structure model' 1 0 1998-12-30 
2 'Structure model' 1 1 2008-03-05 
3 'Structure model' 1 2 2011-07-13 
4 'Structure model' 1 3 2011-11-16 
5 'Structure model' 1 4 2024-06-05 
# 
_pdbx_audit_revision_details.ordinal             1 
_pdbx_audit_revision_details.revision_ordinal    1 
_pdbx_audit_revision_details.data_content_type   'Structure model' 
_pdbx_audit_revision_details.provider            repository 
_pdbx_audit_revision_details.type                'Initial release' 
_pdbx_audit_revision_details.description         ? 
_pdbx_audit_revision_details.details             ? 
# 
loop_
_pdbx_audit_revision_group.ordinal 
_pdbx_audit_revision_group.revision_ordinal 
_pdbx_audit_revision_group.data_content_type 
_pdbx_audit_revision_group.group 
1 2 'Structure model' 'Version format compliance' 
2 3 'Structure model' 'Version format compliance' 
3 4 'Structure model' 'Atomic model'              
4 5 'Structure model' 'Data collection'           
5 5 'Structure model' 'Database references'       
6 5 'Structure model' 'Derived calculations'      
7 5 'Structure model' Other                       
# 
loop_
_pdbx_audit_revision_category.ordinal 
_pdbx_audit_revision_category.revision_ordinal 
_pdbx_audit_revision_category.data_content_type 
_pdbx_audit_revision_category.category 
1 5 'Structure model' chem_comp_atom       
2 5 'Structure model' chem_comp_bond       
3 5 'Structure model' database_2           
4 5 'Structure model' pdbx_database_status 
5 5 'Structure model' struct_conn          
6 5 'Structure model' struct_site          
# 
loop_
_pdbx_audit_revision_item.ordinal 
_pdbx_audit_revision_item.revision_ordinal 
_pdbx_audit_revision_item.data_content_type 
_pdbx_audit_revision_item.item 
1  5 'Structure model' '_database_2.pdbx_DOI'                
2  5 'Structure model' '_database_2.pdbx_database_accession' 
3  5 'Structure model' '_pdbx_database_status.process_site'  
4  5 'Structure model' '_struct_conn.pdbx_leaving_atom_flag' 
5  5 'Structure model' '_struct_conn.ptnr1_auth_comp_id'     
6  5 'Structure model' '_struct_conn.ptnr1_auth_seq_id'      
7  5 'Structure model' '_struct_conn.ptnr1_label_asym_id'    
8  5 'Structure model' '_struct_conn.ptnr1_label_atom_id'    
9  5 'Structure model' '_struct_conn.ptnr1_label_comp_id'    
10 5 'Structure model' '_struct_conn.ptnr1_label_seq_id'     
11 5 'Structure model' '_struct_conn.ptnr2_auth_comp_id'     
12 5 'Structure model' '_struct_conn.ptnr2_auth_seq_id'      
13 5 'Structure model' '_struct_conn.ptnr2_label_asym_id'    
14 5 'Structure model' '_struct_conn.ptnr2_label_atom_id'    
15 5 'Structure model' '_struct_conn.ptnr2_label_comp_id'    
16 5 'Structure model' '_struct_conn.ptnr2_label_seq_id'     
17 5 'Structure model' '_struct_site.pdbx_auth_asym_id'      
18 5 'Structure model' '_struct_site.pdbx_auth_comp_id'      
19 5 'Structure model' '_struct_site.pdbx_auth_seq_id'       
# 
_pdbx_database_status.status_code                     REL 
_pdbx_database_status.entry_id                        1914 
_pdbx_database_status.recvd_initial_deposition_date   1997-11-13 
_pdbx_database_status.deposit_site                    ? 
_pdbx_database_status.process_site                    BNL 
_pdbx_database_status.status_code_sf                  REL 
_pdbx_database_status.status_code_mr                  ? 
_pdbx_database_status.SG_entry                        ? 
_pdbx_database_status.pdb_format_compatible           Y 
_pdbx_database_status.status_code_cs                  ? 
_pdbx_database_status.status_code_nmr_data            ? 
_pdbx_database_status.methods_development_category    ? 
# 
loop_
_audit_author.name 
_audit_author.pdbx_ordinal 
'Birse, D.'  1 
'Kapp, U.'   2 
'Strub, K.'  3 
'Cusack, S.' 4 
'Aberg, A.'  5 
# 
loop_
_citation.id 
_citation.title 
_citation.journal_abbrev 
_citation.journal_volume 
_citation.page_first 
_citation.page_last 
_citation.year 
_citation.journal_id_ASTM 
_citation.country 
_citation.journal_id_ISSN 
_citation.journal_id_CSD 
_citation.book_publisher 
_citation.pdbx_database_id_PubMed 
_citation.pdbx_database_id_DOI 
primary 'The crystal structure of the signal recognition particle Alu RNA binding heterodimer, SRP9/14.'                         
'EMBO J.'    16  3757 3766 1997 EMJODG UK 0261-4189 0897 ? 9233785 10.1093/emboj/16.13.3757 
1       'Crystallization and Preliminary Crystallographic Analysis of the Signal Recognition Particle Srpphi14-9 Fusion Protein' 
'FEBS Lett.' 384 215  ?    1996 FEBLAL NE 0014-5793 0165 ? ?       ?                        
# 
loop_
_citation_author.citation_id 
_citation_author.name 
_citation_author.ordinal 
_citation_author.identifier_ORCID 
primary 'Birse, D.E.' 1  ? 
primary 'Kapp, U.'    2  ? 
primary 'Strub, K.'   3  ? 
primary 'Cusack, S.'  4  ? 
primary 'Aberg, A.'   5  ? 
1       'Birse, D.E.' 6  ? 
1       'Doublie, S.' 7  ? 
1       'Kapp, U.'    8  ? 
1       'Strub, K.'   9  ? 
1       'Cusack, S.'  10 ? 
1       'Aberg, A.'   11 ? 
# 
loop_
_entity.id 
_entity.type 
_entity.src_method 
_entity.pdbx_description 
_entity.formula_weight 
_entity.pdbx_number_of_molecules 
_entity.pdbx_ec 
_entity.pdbx_mutation 
_entity.pdbx_fragment 
_entity.details 
1 polymer     man 'SIGNAL RECOGNITION PARTICLE 9/14 FUSION PROTEIN' 26389.631 1  ? ? 'ALU RNA BINDING HETERODIMER' ? 
2 non-polymer syn 'PHOSPHATE ION'                                   94.971    1  ? ? ?                             ? 
3 non-polymer syn BETA-MERCAPTOETHANOL                              78.133    1  ? ? ?                             ? 
4 water       nat water                                             18.015    17 ? ? ?                             ? 
# 
_entity_name_com.entity_id   1 
_entity_name_com.name        'SRP9/14, ALU BM, RBD' 
# 
_entity_poly.entity_id                      1 
_entity_poly.type                           'polypeptide(L)' 
_entity_poly.nstd_linkage                   no 
_entity_poly.nstd_monomer                   no 
_entity_poly.pdbx_seq_one_letter_code       
;MASMTGGQQMGRIPGNSPRMVLLESEQFLTELTRLFQKCRSSGSVFITLKKYDGRTKPIPRKSSVEGLEPAENKCLLRAT
DGKRKISTVVSSKEVNKFQMAYSNLLRANMDGLKKRDKKNKSKKSKPAQGGEQKLISEEDDSAGSPMPQFQTWEEFSRAA
EKLYLADPMKVRVVLKYRHVDGNLCIKVTDDLVCLVYRTDQAQDVKKIEKFHSQLMRLMVAKESRNVTMETE
;
_entity_poly.pdbx_seq_one_letter_code_can   
;MASMTGGQQMGRIPGNSPRMVLLESEQFLTELTRLFQKCRSSGSVFITLKKYDGRTKPIPRKSSVEGLEPAENKCLLRAT
DGKRKISTVVSSKEVNKFQMAYSNLLRANMDGLKKRDKKNKSKKSKPAQGGEQKLISEEDDSAGSPMPQFQTWEEFSRAA
EKLYLADPMKVRVVLKYRHVDGNLCIKVTDDLVCLVYRTDQAQDVKKIEKFHSQLMRLMVAKESRNVTMETE
;
_entity_poly.pdbx_strand_id                 A 
_entity_poly.pdbx_target_identifier         ? 
# 
loop_
_pdbx_entity_nonpoly.entity_id 
_pdbx_entity_nonpoly.name 
_pdbx_entity_nonpoly.comp_id 
2 'PHOSPHATE ION'      PO4 
3 BETA-MERCAPTOETHANOL BME 
4 water                HOH 
# 
loop_
_entity_poly_seq.entity_id 
_entity_poly_seq.num 
_entity_poly_seq.mon_id 
_entity_poly_seq.hetero 
1 1   MET n 
1 2   ALA n 
1 3   SER n 
1 4   MET n 
1 5   THR n 
1 6   GLY n 
1 7   GLY n 
1 8   GLN n 
1 9   GLN n 
1 10  MET n 
1 11  GLY n 
1 12  ARG n 
1 13  ILE n 
1 14  PRO n 
1 15  GLY n 
1 16  ASN n 
1 17  SER n 
1 18  PRO n 
1 19  ARG n 
1 20  MET n 
1 21  VAL n 
1 22  LEU n 
1 23  LEU n 
1 24  GLU n 
1 25  SER n 
1 26  GLU n 
1 27  GLN n 
1 28  PHE n 
1 29  LEU n 
1 30  THR n 
1 31  GLU n 
1 32  LEU n 
1 33  THR n 
1 34  ARG n 
1 35  LEU n 
1 36  PHE n 
1 37  GLN n 
1 38  LYS n 
1 39  CYS n 
1 40  ARG n 
1 41  SER n 
1 42  SER n 
1 43  GLY n 
1 44  SER n 
1 45  VAL n 
1 46  PHE n 
1 47  ILE n 
1 48  THR n 
1 49  LEU n 
1 50  LYS n 
1 51  LYS n 
1 52  TYR n 
1 53  ASP n 
1 54  GLY n 
1 55  ARG n 
1 56  THR n 
1 57  LYS n 
1 58  PRO n 
1 59  ILE n 
1 60  PRO n 
1 61  ARG n 
1 62  LYS n 
1 63  SER n 
1 64  SER n 
1 65  VAL n 
1 66  GLU n 
1 67  GLY n 
1 68  LEU n 
1 69  GLU n 
1 70  PRO n 
1 71  ALA n 
1 72  GLU n 
1 73  ASN n 
1 74  LYS n 
1 75  CYS n 
1 76  LEU n 
1 77  LEU n 
1 78  ARG n 
1 79  ALA n 
1 80  THR n 
1 81  ASP n 
1 82  GLY n 
1 83  LYS n 
1 84  ARG n 
1 85  LYS n 
1 86  ILE n 
1 87  SER n 
1 88  THR n 
1 89  VAL n 
1 90  VAL n 
1 91  SER n 
1 92  SER n 
1 93  LYS n 
1 94  GLU n 
1 95  VAL n 
1 96  ASN n 
1 97  LYS n 
1 98  PHE n 
1 99  GLN n 
1 100 MET n 
1 101 ALA n 
1 102 TYR n 
1 103 SER n 
1 104 ASN n 
1 105 LEU n 
1 106 LEU n 
1 107 ARG n 
1 108 ALA n 
1 109 ASN n 
1 110 MET n 
1 111 ASP n 
1 112 GLY n 
1 113 LEU n 
1 114 LYS n 
1 115 LYS n 
1 116 ARG n 
1 117 ASP n 
1 118 LYS n 
1 119 LYS n 
1 120 ASN n 
1 121 LYS n 
1 122 SER n 
1 123 LYS n 
1 124 LYS n 
1 125 SER n 
1 126 LYS n 
1 127 PRO n 
1 128 ALA n 
1 129 GLN n 
1 130 GLY n 
1 131 GLY n 
1 132 GLU n 
1 133 GLN n 
1 134 LYS n 
1 135 LEU n 
1 136 ILE n 
1 137 SER n 
1 138 GLU n 
1 139 GLU n 
1 140 ASP n 
1 141 ASP n 
1 142 SER n 
1 143 ALA n 
1 144 GLY n 
1 145 SER n 
1 146 PRO n 
1 147 MET n 
1 148 PRO n 
1 149 GLN n 
1 150 PHE n 
1 151 GLN n 
1 152 THR n 
1 153 TRP n 
1 154 GLU n 
1 155 GLU n 
1 156 PHE n 
1 157 SER n 
1 158 ARG n 
1 159 ALA n 
1 160 ALA n 
1 161 GLU n 
1 162 LYS n 
1 163 LEU n 
1 164 TYR n 
1 165 LEU n 
1 166 ALA n 
1 167 ASP n 
1 168 PRO n 
1 169 MET n 
1 170 LYS n 
1 171 VAL n 
1 172 ARG n 
1 173 VAL n 
1 174 VAL n 
1 175 LEU n 
1 176 LYS n 
1 177 TYR n 
1 178 ARG n 
1 179 HIS n 
1 180 VAL n 
1 181 ASP n 
1 182 GLY n 
1 183 ASN n 
1 184 LEU n 
1 185 CYS n 
1 186 ILE n 
1 187 LYS n 
1 188 VAL n 
1 189 THR n 
1 190 ASP n 
1 191 ASP n 
1 192 LEU n 
1 193 VAL n 
1 194 CYS n 
1 195 LEU n 
1 196 VAL n 
1 197 TYR n 
1 198 ARG n 
1 199 THR n 
1 200 ASP n 
1 201 GLN n 
1 202 ALA n 
1 203 GLN n 
1 204 ASP n 
1 205 VAL n 
1 206 LYS n 
1 207 LYS n 
1 208 ILE n 
1 209 GLU n 
1 210 LYS n 
1 211 PHE n 
1 212 HIS n 
1 213 SER n 
1 214 GLN n 
1 215 LEU n 
1 216 MET n 
1 217 ARG n 
1 218 LEU n 
1 219 MET n 
1 220 VAL n 
1 221 ALA n 
1 222 LYS n 
1 223 GLU n 
1 224 SER n 
1 225 ARG n 
1 226 ASN n 
1 227 VAL n 
1 228 THR n 
1 229 MET n 
1 230 GLU n 
1 231 THR n 
1 232 GLU n 
# 
_entity_src_gen.entity_id                          1 
_entity_src_gen.pdbx_src_id                        1 
_entity_src_gen.pdbx_alt_source_flag               sample 
_entity_src_gen.pdbx_seq_type                      ? 
_entity_src_gen.pdbx_beg_seq_num                   ? 
_entity_src_gen.pdbx_end_seq_num                   ? 
_entity_src_gen.gene_src_common_name               'house mouse' 
_entity_src_gen.gene_src_genus                     Mus 
_entity_src_gen.pdbx_gene_src_gene                 ? 
_entity_src_gen.gene_src_species                   ? 
_entity_src_gen.gene_src_strain                    ? 
_entity_src_gen.gene_src_tissue                    ? 
_entity_src_gen.gene_src_tissue_fraction           ? 
_entity_src_gen.gene_src_details                   ? 
_entity_src_gen.pdbx_gene_src_fragment             ? 
_entity_src_gen.pdbx_gene_src_scientific_name      'Mus musculus' 
_entity_src_gen.pdbx_gene_src_ncbi_taxonomy_id     10090 
_entity_src_gen.pdbx_gene_src_variant              ? 
_entity_src_gen.pdbx_gene_src_cell_line            'BL21 PLYSS' 
_entity_src_gen.pdbx_gene_src_atcc                 ? 
_entity_src_gen.pdbx_gene_src_organ                ? 
_entity_src_gen.pdbx_gene_src_organelle            ? 
_entity_src_gen.pdbx_gene_src_cell                 ? 
_entity_src_gen.pdbx_gene_src_cellular_location    CYTOPLASM 
_entity_src_gen.host_org_common_name               ? 
_entity_src_gen.pdbx_host_org_scientific_name      'Escherichia coli' 
_entity_src_gen.pdbx_host_org_ncbi_taxonomy_id     562 
_entity_src_gen.host_org_genus                     Escherichia 
_entity_src_gen.pdbx_host_org_gene                 ? 
_entity_src_gen.pdbx_host_org_organ                ? 
_entity_src_gen.host_org_species                   ? 
_entity_src_gen.pdbx_host_org_tissue               ? 
_entity_src_gen.pdbx_host_org_tissue_fraction      ? 
_entity_src_gen.pdbx_host_org_strain               ? 
_entity_src_gen.pdbx_host_org_variant              ? 
_entity_src_gen.pdbx_host_org_cell_line            ? 
_entity_src_gen.pdbx_host_org_atcc                 ? 
_entity_src_gen.pdbx_host_org_culture_collection   ? 
_entity_src_gen.pdbx_host_org_cell                 ? 
_entity_src_gen.pdbx_host_org_organelle            ? 
_entity_src_gen.pdbx_host_org_cellular_location    ? 
_entity_src_gen.pdbx_host_org_vector_type          ? 
_entity_src_gen.pdbx_host_org_vector               ? 
_entity_src_gen.host_org_details                   ? 
_entity_src_gen.expression_system_id               ? 
_entity_src_gen.plasmid_name                       PET3C 
_entity_src_gen.plasmid_details                    ? 
_entity_src_gen.pdbx_description                   ? 
# 
loop_
_chem_comp.id 
_chem_comp.type 
_chem_comp.mon_nstd_flag 
_chem_comp.name 
_chem_comp.pdbx_synonyms 
_chem_comp.formula 
_chem_comp.formula_weight 
ALA 'L-peptide linking' y ALANINE              ? 'C3 H7 N O2'     89.093  
ARG 'L-peptide linking' y ARGININE             ? 'C6 H15 N4 O2 1' 175.209 
ASN 'L-peptide linking' y ASPARAGINE           ? 'C4 H8 N2 O3'    132.118 
ASP 'L-peptide linking' y 'ASPARTIC ACID'      ? 'C4 H7 N O4'     133.103 
BME non-polymer         . BETA-MERCAPTOETHANOL ? 'C2 H6 O S'      78.133  
CYS 'L-peptide linking' y CYSTEINE             ? 'C3 H7 N O2 S'   121.158 
GLN 'L-peptide linking' y GLUTAMINE            ? 'C5 H10 N2 O3'   146.144 
GLU 'L-peptide linking' y 'GLUTAMIC ACID'      ? 'C5 H9 N O4'     147.129 
GLY 'peptide linking'   y GLYCINE              ? 'C2 H5 N O2'     75.067  
HIS 'L-peptide linking' y HISTIDINE            ? 'C6 H10 N3 O2 1' 156.162 
HOH non-polymer         . WATER                ? 'H2 O'           18.015  
ILE 'L-peptide linking' y ISOLEUCINE           ? 'C6 H13 N O2'    131.173 
LEU 'L-peptide linking' y LEUCINE              ? 'C6 H13 N O2'    131.173 
LYS 'L-peptide linking' y LYSINE               ? 'C6 H15 N2 O2 1' 147.195 
MET 'L-peptide linking' y METHIONINE           ? 'C5 H11 N O2 S'  149.211 
PHE 'L-peptide linking' y PHENYLALANINE        ? 'C9 H11 N O2'    165.189 
PO4 non-polymer         . 'PHOSPHATE ION'      ? 'O4 P -3'        94.971  
PRO 'L-peptide linking' y PROLINE              ? 'C5 H9 N O2'     115.130 
SER 'L-peptide linking' y SERINE               ? 'C3 H7 N O3'     105.093 
THR 'L-peptide linking' y THREONINE            ? 'C4 H9 N O3'     119.119 
TRP 'L-peptide linking' y TRYPTOPHAN           ? 'C11 H12 N2 O2'  204.225 
TYR 'L-peptide linking' y TYROSINE             ? 'C9 H11 N O3'    181.189 
VAL 'L-peptide linking' y VALINE               ? 'C5 H11 N O2'    117.146 
# 
loop_
_pdbx_poly_seq_scheme.asym_id 
_pdbx_poly_seq_scheme.entity_id 
_pdbx_poly_seq_scheme.seq_id 
_pdbx_poly_seq_scheme.mon_id 
_pdbx_poly_seq_scheme.ndb_seq_num 
_pdbx_poly_seq_scheme.pdb_seq_num 
_pdbx_poly_seq_scheme.auth_seq_num 
_pdbx_poly_seq_scheme.pdb_mon_id 
_pdbx_poly_seq_scheme.auth_mon_id 
_pdbx_poly_seq_scheme.pdb_strand_id 
_pdbx_poly_seq_scheme.pdb_ins_code 
_pdbx_poly_seq_scheme.hetero 
A 1 1   MET 1   1982 ?    ?   ?   A . n 
A 1 2   ALA 2   1983 ?    ?   ?   A . n 
A 1 3   SER 3   1984 ?    ?   ?   A . n 
A 1 4   MET 4   1985 ?    ?   ?   A . n 
A 1 5   THR 5   1986 ?    ?   ?   A . n 
A 1 6   GLY 6   1987 ?    ?   ?   A . n 
A 1 7   GLY 7   1988 ?    ?   ?   A . n 
A 1 8   GLN 8   1989 ?    ?   ?   A . n 
A 1 9   GLN 9   1990 ?    ?   ?   A . n 
A 1 10  MET 10  1991 ?    ?   ?   A . n 
A 1 11  GLY 11  1992 ?    ?   ?   A . n 
A 1 12  ARG 12  1993 ?    ?   ?   A . n 
A 1 13  ILE 13  1994 ?    ?   ?   A . n 
A 1 14  PRO 14  1995 ?    ?   ?   A . n 
A 1 15  GLY 15  1996 ?    ?   ?   A . n 
A 1 16  ASN 16  1997 ?    ?   ?   A . n 
A 1 17  SER 17  1998 ?    ?   ?   A . n 
A 1 18  PRO 18  1999 ?    ?   ?   A . n 
A 1 19  ARG 19  2000 ?    ?   ?   A . n 
A 1 20  MET 20  2001 2001 MET MET A . n 
A 1 21  VAL 21  2002 2002 VAL VAL A . n 
A 1 22  LEU 22  2003 2003 LEU LEU A . n 
A 1 23  LEU 23  2004 2004 LEU LEU A . n 
A 1 24  GLU 24  2005 2005 GLU GLU A . n 
A 1 25  SER 25  2006 2006 SER SER A . n 
A 1 26  GLU 26  2007 2007 GLU GLU A . n 
A 1 27  GLN 27  2008 2008 GLN GLN A . n 
A 1 28  PHE 28  2009 2009 PHE PHE A . n 
A 1 29  LEU 29  2010 2010 LEU LEU A . n 
A 1 30  THR 30  2011 2011 THR THR A . n 
A 1 31  GLU 31  2012 2012 GLU GLU A . n 
A 1 32  LEU 32  2013 2013 LEU LEU A . n 
A 1 33  THR 33  2014 2014 THR THR A . n 
A 1 34  ARG 34  2015 2015 ARG ARG A . n 
A 1 35  LEU 35  2016 2016 LEU LEU A . n 
A 1 36  PHE 36  2017 2017 PHE PHE A . n 
A 1 37  GLN 37  2018 2018 GLN GLN A . n 
A 1 38  LYS 38  2019 2019 LYS LYS A . n 
A 1 39  CYS 39  2020 2020 CYS CYS A . n 
A 1 40  ARG 40  2021 2021 ARG ARG A . n 
A 1 41  SER 41  2022 2022 SER SER A . n 
A 1 42  SER 42  2023 2023 SER SER A . n 
A 1 43  GLY 43  2024 2024 GLY GLY A . n 
A 1 44  SER 44  2025 2025 SER SER A . n 
A 1 45  VAL 45  2026 2026 VAL VAL A . n 
A 1 46  PHE 46  2027 2027 PHE PHE A . n 
A 1 47  ILE 47  2028 2028 ILE ILE A . n 
A 1 48  THR 48  2029 2029 THR THR A . n 
A 1 49  LEU 49  2030 2030 LEU LEU A . n 
A 1 50  LYS 50  2031 2031 LYS LYS A . n 
A 1 51  LYS 51  2032 2032 LYS LYS A . n 
A 1 52  TYR 52  2033 2033 TYR TYR A . n 
A 1 53  ASP 53  2034 2034 ASP ASP A . n 
A 1 54  GLY 54  2035 ?    ?   ?   A . n 
A 1 55  ARG 55  2036 ?    ?   ?   A . n 
A 1 56  THR 56  2037 ?    ?   ?   A . n 
A 1 57  LYS 57  2038 ?    ?   ?   A . n 
A 1 58  PRO 58  2039 ?    ?   ?   A . n 
A 1 59  ILE 59  2040 ?    ?   ?   A . n 
A 1 60  PRO 60  2041 ?    ?   ?   A . n 
A 1 61  ARG 61  2042 ?    ?   ?   A . n 
A 1 62  LYS 62  2043 ?    ?   ?   A . n 
A 1 63  SER 63  2044 ?    ?   ?   A . n 
A 1 64  SER 64  2045 ?    ?   ?   A . n 
A 1 65  VAL 65  2046 ?    ?   ?   A . n 
A 1 66  GLU 66  2047 2047 GLU GLU A . n 
A 1 67  GLY 67  2048 2048 GLY GLY A . n 
A 1 68  LEU 68  2049 2049 LEU LEU A . n 
A 1 69  GLU 69  2050 2050 GLU GLU A . n 
A 1 70  PRO 70  2051 2051 PRO PRO A . n 
A 1 71  ALA 71  2052 2052 ALA ALA A . n 
A 1 72  GLU 72  2053 2053 GLU GLU A . n 
A 1 73  ASN 73  2054 2054 ASN ASN A . n 
A 1 74  LYS 74  2055 2055 LYS LYS A . n 
A 1 75  CYS 75  2056 2056 CYS CYS A . n 
A 1 76  LEU 76  2057 2057 LEU LEU A . n 
A 1 77  LEU 77  2058 2058 LEU LEU A . n 
A 1 78  ARG 78  2059 2059 ARG ARG A . n 
A 1 79  ALA 79  2060 2060 ALA ALA A . n 
A 1 80  THR 80  2061 2061 THR THR A . n 
A 1 81  ASP 81  2062 2062 ASP ASP A . n 
A 1 82  GLY 82  2063 2063 GLY GLY A . n 
A 1 83  LYS 83  2064 2064 LYS LYS A . n 
A 1 84  ARG 84  2065 2065 ARG ARG A . n 
A 1 85  LYS 85  2066 2066 LYS LYS A . n 
A 1 86  ILE 86  2067 2067 ILE ILE A . n 
A 1 87  SER 87  2068 2068 SER SER A . n 
A 1 88  THR 88  2069 2069 THR THR A . n 
A 1 89  VAL 89  2070 2070 VAL VAL A . n 
A 1 90  VAL 90  2071 2071 VAL VAL A . n 
A 1 91  SER 91  2072 2072 SER SER A . n 
A 1 92  SER 92  2073 2073 SER SER A . n 
A 1 93  LYS 93  2074 2074 LYS LYS A . n 
A 1 94  GLU 94  2075 2075 GLU GLU A . n 
A 1 95  VAL 95  2076 2076 VAL VAL A . n 
A 1 96  ASN 96  2077 2077 ASN ASN A . n 
A 1 97  LYS 97  2078 2078 LYS LYS A . n 
A 1 98  PHE 98  2079 2079 PHE PHE A . n 
A 1 99  GLN 99  2080 2080 GLN GLN A . n 
A 1 100 MET 100 2081 2081 MET MET A . n 
A 1 101 ALA 101 2082 2082 ALA ALA A . n 
A 1 102 TYR 102 2083 2083 TYR TYR A . n 
A 1 103 SER 103 2084 2084 SER SER A . n 
A 1 104 ASN 104 2085 2085 ASN ASN A . n 
A 1 105 LEU 105 2086 2086 LEU LEU A . n 
A 1 106 LEU 106 2087 2087 LEU LEU A . n 
A 1 107 ARG 107 2088 2088 ARG ARG A . n 
A 1 108 ALA 108 2089 2089 ALA ALA A . n 
A 1 109 ASN 109 2090 2090 ASN ASN A . n 
A 1 110 MET 110 2091 2091 MET MET A . n 
A 1 111 ASP 111 2092 2092 ASP ASP A . n 
A 1 112 GLY 112 2093 2093 GLY GLY A . n 
A 1 113 LEU 113 2094 2094 LEU LEU A . n 
A 1 114 LYS 114 2095 2095 LYS LYS A . n 
A 1 115 LYS 115 2096 2096 LYS LYS A . n 
A 1 116 ARG 116 2097 2097 ARG ARG A . n 
A 1 117 ASP 117 2990 ?    ?   ?   A . n 
A 1 118 LYS 118 2991 ?    ?   ?   A . n 
A 1 119 LYS 119 2992 ?    ?   ?   A . n 
A 1 120 ASN 120 2993 ?    ?   ?   A . n 
A 1 121 LYS 121 2994 ?    ?   ?   A . n 
A 1 122 SER 122 2995 ?    ?   ?   A . n 
A 1 123 LYS 123 2996 ?    ?   ?   A . n 
A 1 124 LYS 124 2997 ?    ?   ?   A . n 
A 1 125 SER 125 2998 ?    ?   ?   A . n 
A 1 126 LYS 126 2999 ?    ?   ?   A . n 
A 1 127 PRO 127 3000 ?    ?   ?   A . n 
A 1 128 ALA 128 3001 3001 ALA ALA A . n 
A 1 129 GLN 129 3002 3002 GLN GLN A . n 
A 1 130 GLY 130 3003 3003 GLY GLY A . n 
A 1 131 GLY 131 3004 3004 GLY GLY A . n 
A 1 132 GLU 132 3005 3005 GLU GLU A . n 
A 1 133 GLN 133 3006 3006 GLN GLN A . n 
A 1 134 LYS 134 3007 3007 LYS LYS A . n 
A 1 135 LEU 135 3008 3008 LEU LEU A . n 
A 1 136 ILE 136 3990 ?    ?   ?   A . n 
A 1 137 SER 137 3991 ?    ?   ?   A . n 
A 1 138 GLU 138 3992 ?    ?   ?   A . n 
A 1 139 GLU 139 3993 ?    ?   ?   A . n 
A 1 140 ASP 140 3994 ?    ?   ?   A . n 
A 1 141 ASP 141 3995 ?    ?   ?   A . n 
A 1 142 SER 142 3996 ?    ?   ?   A . n 
A 1 143 ALA 143 3997 ?    ?   ?   A . n 
A 1 144 GLY 144 3998 ?    ?   ?   A . n 
A 1 145 SER 145 3999 ?    ?   ?   A . n 
A 1 146 PRO 146 4000 ?    ?   ?   A . n 
A 1 147 MET 147 4001 ?    ?   ?   A . n 
A 1 148 PRO 148 4002 ?    ?   ?   A . n 
A 1 149 GLN 149 4003 ?    ?   ?   A . n 
A 1 150 PHE 150 4004 4004 PHE PHE A . n 
A 1 151 GLN 151 4005 4005 GLN GLN A . n 
A 1 152 THR 152 4006 4006 THR THR A . n 
A 1 153 TRP 153 4007 4007 TRP TRP A . n 
A 1 154 GLU 154 4008 4008 GLU GLU A . n 
A 1 155 GLU 155 4009 4009 GLU GLU A . n 
A 1 156 PHE 156 4010 4010 PHE PHE A . n 
A 1 157 SER 157 4011 4011 SER SER A . n 
A 1 158 ARG 158 4012 4012 ARG ARG A . n 
A 1 159 ALA 159 4013 4013 ALA ALA A . n 
A 1 160 ALA 160 4014 4014 ALA ALA A . n 
A 1 161 GLU 161 4015 4015 GLU GLU A . n 
A 1 162 LYS 162 4016 4016 LYS LYS A . n 
A 1 163 LEU 163 4017 4017 LEU LEU A . n 
A 1 164 TYR 164 4018 4018 TYR TYR A . n 
A 1 165 LEU 165 4019 4019 LEU LEU A . n 
A 1 166 ALA 166 4020 4020 ALA ALA A . n 
A 1 167 ASP 167 4021 4021 ASP ASP A . n 
A 1 168 PRO 168 4022 4022 PRO PRO A . n 
A 1 169 MET 169 4023 4023 MET MET A . n 
A 1 170 LYS 170 4024 4024 LYS LYS A . n 
A 1 171 VAL 171 4025 4025 VAL VAL A . n 
A 1 172 ARG 172 4026 4026 ARG ARG A . n 
A 1 173 VAL 173 4027 4027 VAL VAL A . n 
A 1 174 VAL 174 4028 4028 VAL VAL A . n 
A 1 175 LEU 175 4029 4029 LEU LEU A . n 
A 1 176 LYS 176 4030 4030 LYS LYS A . n 
A 1 177 TYR 177 4031 4031 TYR TYR A . n 
A 1 178 ARG 178 4032 4032 ARG ARG A . n 
A 1 179 HIS 179 4033 4033 HIS HIS A . n 
A 1 180 VAL 180 4034 4034 VAL VAL A . n 
A 1 181 ASP 181 4035 4035 ASP ASP A . n 
A 1 182 GLY 182 4036 4036 GLY GLY A . n 
A 1 183 ASN 183 4037 4037 ASN ASN A . n 
A 1 184 LEU 184 4038 4038 LEU LEU A . n 
A 1 185 CYS 185 4039 4039 CYS CYS A . n 
A 1 186 ILE 186 4040 4040 ILE ILE A . n 
A 1 187 LYS 187 4041 4041 LYS LYS A . n 
A 1 188 VAL 188 4042 4042 VAL VAL A . n 
A 1 189 THR 189 4043 4043 THR THR A . n 
A 1 190 ASP 190 4044 4044 ASP ASP A . n 
A 1 191 ASP 191 4045 4045 ASP ASP A . n 
A 1 192 LEU 192 4046 4046 LEU LEU A . n 
A 1 193 VAL 193 4047 4047 VAL VAL A . n 
A 1 194 CYS 194 4048 4048 CYS CYS A . n 
A 1 195 LEU 195 4049 4049 LEU LEU A . n 
A 1 196 VAL 196 4050 4050 VAL VAL A . n 
A 1 197 TYR 197 4051 4051 TYR TYR A . n 
A 1 198 ARG 198 4052 4052 ARG ARG A . n 
A 1 199 THR 199 4053 4053 THR THR A . n 
A 1 200 ASP 200 4054 4054 ASP ASP A . n 
A 1 201 GLN 201 4055 4055 GLN GLN A . n 
A 1 202 ALA 202 4056 4056 ALA ALA A . n 
A 1 203 GLN 203 4057 4057 GLN GLN A . n 
A 1 204 ASP 204 4058 4058 ASP ASP A . n 
A 1 205 VAL 205 4059 4059 VAL VAL A . n 
A 1 206 LYS 206 4060 4060 LYS LYS A . n 
A 1 207 LYS 207 4061 4061 LYS LYS A . n 
A 1 208 ILE 208 4062 4062 ILE ILE A . n 
A 1 209 GLU 209 4063 4063 GLU GLU A . n 
A 1 210 LYS 210 4064 4064 LYS LYS A . n 
A 1 211 PHE 211 4065 4065 PHE PHE A . n 
A 1 212 HIS 212 4066 4066 HIS HIS A . n 
A 1 213 SER 213 4067 4067 SER SER A . n 
A 1 214 GLN 214 4068 4068 GLN GLN A . n 
A 1 215 LEU 215 4069 4069 LEU LEU A . n 
A 1 216 MET 216 4070 4070 MET MET A . n 
A 1 217 ARG 217 4071 4071 ARG ARG A . n 
A 1 218 LEU 218 4072 4072 LEU LEU A . n 
A 1 219 MET 219 4073 4073 MET MET A . n 
A 1 220 VAL 220 4074 4074 VAL VAL A . n 
A 1 221 ALA 221 4075 4075 ALA ALA A . n 
A 1 222 LYS 222 4076 4076 LYS LYS A . n 
A 1 223 GLU 223 4077 4077 GLU GLU A . n 
A 1 224 SER 224 4078 4078 SER SER A . n 
A 1 225 ARG 225 4079 4079 ARG ARG A . n 
A 1 226 ASN 226 4080 4080 ASN ASN A . n 
A 1 227 VAL 227 4081 4081 VAL VAL A . n 
A 1 228 THR 228 4082 ?    ?   ?   A . n 
A 1 229 MET 229 4083 ?    ?   ?   A . n 
A 1 230 GLU 230 4084 ?    ?   ?   A . n 
A 1 231 THR 231 4085 ?    ?   ?   A . n 
A 1 232 GLU 232 4086 ?    ?   ?   A . n 
# 
loop_
_pdbx_nonpoly_scheme.asym_id 
_pdbx_nonpoly_scheme.entity_id 
_pdbx_nonpoly_scheme.mon_id 
_pdbx_nonpoly_scheme.ndb_seq_num 
_pdbx_nonpoly_scheme.pdb_seq_num 
_pdbx_nonpoly_scheme.auth_seq_num 
_pdbx_nonpoly_scheme.pdb_mon_id 
_pdbx_nonpoly_scheme.auth_mon_id 
_pdbx_nonpoly_scheme.pdb_strand_id 
_pdbx_nonpoly_scheme.pdb_ins_code 
B 2 PO4 1  5001 5001 PO4 PO4 A . 
C 3 BME 1  6000 6000 BME BME A . 
D 4 HOH 1  9000 9000 HOH HOH A . 
D 4 HOH 2  9001 9001 HOH HOH A . 
D 4 HOH 3  9002 9002 HOH HOH A . 
D 4 HOH 4  9003 9003 HOH HOH A . 
D 4 HOH 5  9004 9004 HOH HOH A . 
D 4 HOH 6  9005 9005 HOH HOH A . 
D 4 HOH 7  9006 9006 HOH HOH A . 
D 4 HOH 8  9007 9007 HOH HOH A . 
D 4 HOH 9  9008 9008 HOH HOH A . 
D 4 HOH 10 9009 9009 HOH HOH A . 
D 4 HOH 11 9010 9010 HOH HOH A . 
D 4 HOH 12 9011 9011 HOH HOH A . 
D 4 HOH 13 9012 9012 HOH HOH A . 
D 4 HOH 14 9013 9013 HOH HOH A . 
D 4 HOH 15 9014 9014 HOH HOH A . 
D 4 HOH 16 9015 9015 HOH HOH A . 
D 4 HOH 17 9016 9016 HOH HOH A . 
# 
loop_
_software.name 
_software.classification 
_software.version 
_software.citation_id 
_software.pdbx_ordinal 
X-PLOR 'model building' 3.8 ? 1 
X-PLOR refinement       3.8 ? 2 
DENZO  'data reduction' .   ? 3 
MOSFLM 'data reduction' .   ? 4 
CCP4   'data scaling'   .   ? 5 
X-PLOR phasing          3.8 ? 6 
# 
_cell.entry_id           1914 
_cell.length_a           69.020 
_cell.length_b           69.020 
_cell.length_c           90.440 
_cell.angle_alpha        90.00 
_cell.angle_beta         90.00 
_cell.angle_gamma        90.00 
_cell.Z_PDB              8 
_cell.pdbx_unique_axis   ? 
# 
_symmetry.entry_id                         1914 
_symmetry.space_group_name_H-M             'P 43 2 2' 
_symmetry.pdbx_full_space_group_name_H-M   ? 
_symmetry.cell_setting                     ? 
_symmetry.Int_Tables_number                95 
# 
_exptl.entry_id          1914 
_exptl.method            'X-RAY DIFFRACTION' 
_exptl.crystals_number   10 
# 
_exptl_crystal.id                    1 
_exptl_crystal.density_meas          ? 
_exptl_crystal.density_Matthews      3.0 
_exptl_crystal.density_percent_sol   34 
_exptl_crystal.description           'DATA WERE COLLECTED ON SELENIUM, MERCURY AND PLATINUM DERIVATIVES TO SOLVE MIR STRUCTURE' 
# 
_exptl_crystal_grow.crystal_id      1 
_exptl_crystal_grow.method          'hanging drop' 
_exptl_crystal_grow.temp            277 
_exptl_crystal_grow.temp_details    ? 
_exptl_crystal_grow.pH              7.7 
_exptl_crystal_grow.pdbx_pH_range   ? 
_exptl_crystal_grow.pdbx_details    
;THE SRPPHI14-9 PROTEIN WAS CRYSTALLIZED (BIRSE ET AL., FEBS LETTERS, 1996) BY THE HANGING DROP METHOD IN 2.0 M NAH2/K2H PO4, PH 7.7, 2% MPD, 1.0 MM NAN3 AT 4 DEGREES C WITH A FINAL PROTEIN CONCENTRATION OF 5-8 MG ML-1. CRYSTALS FORMED OVER 2-3 WEEKS AND WERE TYPICALLY 150 X 150 X 300 MM3 IN SPACE, hanging drop, temperature 277K
;
# 
_diffrn.id                     1 
_diffrn.ambient_temp           100 
_diffrn.ambient_temp_details   ? 
_diffrn.crystal_id             1 
# 
_diffrn_detector.diffrn_id              1 
_diffrn_detector.detector               'IMAGE PLATE' 
_diffrn_detector.type                   MARRESEARCH 
_diffrn_detector.pdbx_collection_date   1996-09 
_diffrn_detector.details                'TOROIDAL MIRRORS' 
# 
_diffrn_radiation.diffrn_id                        1 
_diffrn_radiation.wavelength_id                    1 
_diffrn_radiation.pdbx_monochromatic_or_laue_m_l   M 
_diffrn_radiation.monochromator                    'CU FILTER' 
_diffrn_radiation.pdbx_diffrn_protocol             ? 
_diffrn_radiation.pdbx_scattering_type             x-ray 
# 
loop_
_diffrn_radiation_wavelength.id 
_diffrn_radiation_wavelength.wavelength 
_diffrn_radiation_wavelength.wt 
1 0.900 1.0 
2 1.100 1.0 
# 
_diffrn_source.diffrn_id                   1 
_diffrn_source.source                      SYNCHROTRON 
_diffrn_source.type                        'ESRF BEAMLINE ID2' 
_diffrn_source.pdbx_synchrotron_site       ESRF 
_diffrn_source.pdbx_synchrotron_beamline   ID2 
_diffrn_source.pdbx_wavelength             0.900 
_diffrn_source.pdbx_wavelength_list        '0.900, 1.100' 
# 
_reflns.entry_id                     1914 
_reflns.observed_criterion_sigma_I   3 
_reflns.observed_criterion_sigma_F   ? 
_reflns.d_resolution_low             30.0 
_reflns.d_resolution_high            2.53 
_reflns.number_obs                   36596 
_reflns.number_all                   ? 
_reflns.percent_possible_obs         98.7 
_reflns.pdbx_Rmerge_I_obs            0.0690000 
_reflns.pdbx_Rsym_value              0.0690000 
_reflns.pdbx_netI_over_sigmaI        5.8 
_reflns.B_iso_Wilson_estimate        ? 
_reflns.pdbx_redundancy              5.0 
_reflns.pdbx_diffrn_id               1 
_reflns.pdbx_ordinal                 1 
# 
_reflns_shell.d_res_high             2.53 
_reflns_shell.d_res_low              2.6 
_reflns_shell.percent_possible_all   97.2 
_reflns_shell.Rmerge_I_obs           0.0218000 
_reflns_shell.pdbx_Rsym_value        0.0218000 
_reflns_shell.meanI_over_sigI_obs    2.4 
_reflns_shell.pdbx_redundancy        4.2 
_reflns_shell.pdbx_diffrn_id         ? 
_reflns_shell.pdbx_ordinal           1 
# 
_refine.entry_id                                 1914 
_refine.ls_number_reflns_obs                     7634 
_refine.ls_number_reflns_all                     ? 
_refine.pdbx_ls_sigma_I                          ? 
_refine.pdbx_ls_sigma_F                          2.0 
_refine.pdbx_data_cutoff_high_absF               10000000.0 
_refine.pdbx_data_cutoff_low_absF                0.001 
_refine.pdbx_data_cutoff_high_rms_absF           ? 
_refine.ls_d_res_low                             20.0 
_refine.ls_d_res_high                            2.53 
_refine.ls_percent_reflns_obs                    98.7 
_refine.ls_R_factor_obs                          0.2480000 
_refine.ls_R_factor_all                          ? 
_refine.ls_R_factor_R_work                       0.2480000 
_refine.ls_R_factor_R_free                       0.2990000 
_refine.ls_R_factor_R_free_error                 ? 
_refine.ls_R_factor_R_free_error_details         ? 
_refine.ls_percent_reflns_R_free                 8.0 
_refine.ls_number_reflns_R_free                  ? 
_refine.ls_number_parameters                     ? 
_refine.ls_number_restraints                     ? 
_refine.occupancy_min                            ? 
_refine.occupancy_max                            ? 
_refine.B_iso_mean                               ? 
_refine.aniso_B[1][1]                            ? 
_refine.aniso_B[2][2]                            ? 
_refine.aniso_B[3][3]                            ? 
_refine.aniso_B[1][2]                            ? 
_refine.aniso_B[1][3]                            ? 
_refine.aniso_B[2][3]                            ? 
_refine.solvent_model_details                    ? 
_refine.solvent_model_param_ksol                 ? 
_refine.solvent_model_param_bsol                 ? 
_refine.pdbx_ls_cross_valid_method               THROUGHOUT 
_refine.details                                  
;THE MODEL INCLUDES 77 RESIDUES OF SRP9 (4-81) AND 84
 RESIDUES OF SRP14 (1-34) AND (47-97). THE SRP14 LOOP
 ELECTRON DENSITY CONNECTING 14B1-14B2 (34-47) IS WEAK
 SUGGESTING THAT THE LOOP IS FLEXIBLE. 5 C-TERMINAL AND 3
 N-TERMINAL RESIDUES OF SRP9 AND 13 C-TERMINAL RESIDUES OF
 SRP14 HAVE POORLY DEFINED DENSITY. IN ADDITION, THE MODEL
 DOES NOT INCLUDE THE SRPF14-9 N-TERMINAL F EXTENSION
 (18 RESIDUES) NOR THE ENTIRE LINKER REGION OF WHICH ONLY 8
 OF 17 RESIDUES ARE ORDERED.
;
_refine.pdbx_starting_model                      ? 
_refine.pdbx_method_to_determine_struct          'MULTIPLE ISOMORPHOUS REPLACEMENT' 
_refine.pdbx_isotropic_thermal_model             ? 
_refine.pdbx_stereochemistry_target_values       ? 
_refine.pdbx_stereochem_target_val_spec_case     ? 
_refine.pdbx_R_Free_selection_details            RANDOM 
_refine.pdbx_overall_ESU_R                       ? 
_refine.pdbx_overall_ESU_R_Free                  ? 
_refine.overall_SU_ML                            ? 
_refine.overall_SU_B                             ? 
_refine.pdbx_refine_id                           'X-RAY DIFFRACTION' 
_refine.pdbx_diffrn_id                           1 
_refine.pdbx_TLS_residual_ADP_flag               ? 
_refine.correlation_coeff_Fo_to_Fc               ? 
_refine.correlation_coeff_Fo_to_Fc_free          ? 
_refine.pdbx_solvent_vdw_probe_radii             ? 
_refine.pdbx_solvent_ion_probe_radii             ? 
_refine.pdbx_solvent_shrinkage_radii             ? 
_refine.pdbx_overall_phase_error                 ? 
_refine.overall_SU_R_Cruickshank_DPI             ? 
_refine.pdbx_overall_SU_R_free_Cruickshank_DPI   ? 
_refine.pdbx_overall_SU_R_Blow_DPI               ? 
_refine.pdbx_overall_SU_R_free_Blow_DPI          ? 
# 
_refine_analyze.entry_id                        1914 
_refine_analyze.Luzzati_coordinate_error_obs    ? 
_refine_analyze.Luzzati_sigma_a_obs             ? 
_refine_analyze.Luzzati_d_res_low_obs           20.0 
_refine_analyze.Luzzati_coordinate_error_free   ? 
_refine_analyze.Luzzati_sigma_a_free            ? 
_refine_analyze.Luzzati_d_res_low_free          ? 
_refine_analyze.number_disordered_residues      ? 
_refine_analyze.occupancy_sum_hydrogen          ? 
_refine_analyze.occupancy_sum_non_hydrogen      ? 
_refine_analyze.pdbx_refine_id                  'X-RAY DIFFRACTION' 
# 
_refine_hist.pdbx_refine_id                   'X-RAY DIFFRACTION' 
_refine_hist.cycle_id                         LAST 
_refine_hist.pdbx_number_atoms_protein        1383 
_refine_hist.pdbx_number_atoms_nucleic_acid   0 
_refine_hist.pdbx_number_atoms_ligand         2 
_refine_hist.number_atoms_solvent             39 
_refine_hist.number_atoms_total               1424 
_refine_hist.d_res_high                       2.53 
_refine_hist.d_res_low                        20.0 
# 
_refine_ls_shell.pdbx_total_number_of_bins_used   ? 
_refine_ls_shell.d_res_high                       2.53 
_refine_ls_shell.d_res_low                        2.64 
_refine_ls_shell.number_reflns_R_work             ? 
_refine_ls_shell.R_factor_R_work                  ? 
_refine_ls_shell.percent_reflns_obs               97.2 
_refine_ls_shell.R_factor_R_free                  ? 
_refine_ls_shell.R_factor_R_free_error            ? 
_refine_ls_shell.percent_reflns_R_free            ? 
_refine_ls_shell.number_reflns_R_free             ? 
_refine_ls_shell.pdbx_refine_id                   'X-RAY DIFFRACTION' 
_refine_ls_shell.number_reflns_all                ? 
_refine_ls_shell.R_factor_all                     ? 
# 
loop_
_pdbx_xplor_file.serial_no 
_pdbx_xplor_file.param_file 
_pdbx_xplor_file.topol_file 
_pdbx_xplor_file.pdbx_refine_id 
1 PARAM19X.PRO TOPH19X.PRO  'X-RAY DIFFRACTION' 
2 PARHCSDX.PRO TOPHCSDX.PRO 'X-RAY DIFFRACTION' 
# 
_struct.entry_id                  1914 
_struct.title                     'SIGNAL RECOGNITION PARTICLE ALU RNA BINDING HETERODIMER, SRP9/14' 
_struct.pdbx_model_details        ? 
_struct.pdbx_CASP_flag            ? 
_struct.pdbx_model_type_details   ? 
# 
_struct_keywords.entry_id        1914 
_struct_keywords.pdbx_keywords   'ALU DOMAIN' 
_struct_keywords.text            'ALU DOMAIN, RNA BINDING, SIGNAL RECOGNITION PARTICLE (SRP), TRANSLATION REGULATION' 
# 
loop_
_struct_asym.id 
_struct_asym.pdbx_blank_PDB_chainid_flag 
_struct_asym.pdbx_modified 
_struct_asym.entity_id 
_struct_asym.details 
A N N 1 ? 
B N N 2 ? 
C N N 3 ? 
D N N 4 ? 
# 
_struct_ref.id                         1 
_struct_ref.db_name                    UNP 
_struct_ref.db_code                    SR14_MOUSE 
_struct_ref.entity_id                  1 
_struct_ref.pdbx_db_accession          P16254 
_struct_ref.pdbx_align_begin           1 
_struct_ref.pdbx_seq_one_letter_code   
;MVLLESEQFLTELTRLFQKCRSSGSVFITLKKYDGRTKPIPRKSSVEGLEPAENKCLLRATDGKRKISTVVSSKEVNKFQ
MAYSNLLRANMDGLKKRDKKNKSKKSKPAQ
;
_struct_ref.pdbx_db_isoform            ? 
# 
_struct_ref_seq.align_id                      1 
_struct_ref_seq.ref_id                        1 
_struct_ref_seq.pdbx_PDB_id_code              1914 
_struct_ref_seq.pdbx_strand_id                A 
_struct_ref_seq.seq_align_beg                 20 
_struct_ref_seq.pdbx_seq_align_beg_ins_code   ? 
_struct_ref_seq.seq_align_end                 129 
_struct_ref_seq.pdbx_seq_align_end_ins_code   ? 
_struct_ref_seq.pdbx_db_accession             P16254 
_struct_ref_seq.db_align_beg                  1 
_struct_ref_seq.pdbx_db_align_beg_ins_code    ? 
_struct_ref_seq.db_align_end                  110 
_struct_ref_seq.pdbx_db_align_end_ins_code    ? 
_struct_ref_seq.pdbx_auth_seq_align_beg       2001 
_struct_ref_seq.pdbx_auth_seq_align_end       3002 
# 
_pdbx_struct_assembly.id                   1 
_pdbx_struct_assembly.details              author_defined_assembly 
_pdbx_struct_assembly.method_details       ? 
_pdbx_struct_assembly.oligomeric_details   monomeric 
_pdbx_struct_assembly.oligomeric_count     1 
# 
_pdbx_struct_assembly_gen.assembly_id       1 
_pdbx_struct_assembly_gen.oper_expression   1 
_pdbx_struct_assembly_gen.asym_id_list      A,B,C,D 
# 
_pdbx_struct_oper_list.id                   1 
_pdbx_struct_oper_list.type                 'identity operation' 
_pdbx_struct_oper_list.name                 1_555 
_pdbx_struct_oper_list.symmetry_operation   x,y,z 
_pdbx_struct_oper_list.matrix[1][1]         1.0000000000 
_pdbx_struct_oper_list.matrix[1][2]         0.0000000000 
_pdbx_struct_oper_list.matrix[1][3]         0.0000000000 
_pdbx_struct_oper_list.vector[1]            0.0000000000 
_pdbx_struct_oper_list.matrix[2][1]         0.0000000000 
_pdbx_struct_oper_list.matrix[2][2]         1.0000000000 
_pdbx_struct_oper_list.matrix[2][3]         0.0000000000 
_pdbx_struct_oper_list.vector[2]            0.0000000000 
_pdbx_struct_oper_list.matrix[3][1]         0.0000000000 
_pdbx_struct_oper_list.matrix[3][2]         0.0000000000 
_pdbx_struct_oper_list.matrix[3][3]         1.0000000000 
_pdbx_struct_oper_list.vector[3]            0.0000000000 
# 
_struct_biol.id   1 
# 
loop_
_struct_conf.conf_type_id 
_struct_conf.id 
_struct_conf.pdbx_PDB_helix_id 
_struct_conf.beg_label_comp_id 
_struct_conf.beg_label_asym_id 
_struct_conf.beg_label_seq_id 
_struct_conf.pdbx_beg_PDB_ins_code 
_struct_conf.end_label_comp_id 
_struct_conf.end_label_asym_id 
_struct_conf.end_label_seq_id 
_struct_conf.pdbx_end_PDB_ins_code 
_struct_conf.beg_auth_comp_id 
_struct_conf.beg_auth_asym_id 
_struct_conf.beg_auth_seq_id 
_struct_conf.end_auth_comp_id 
_struct_conf.end_auth_asym_id 
_struct_conf.end_auth_seq_id 
_struct_conf.pdbx_PDB_helix_class 
_struct_conf.details 
_struct_conf.pdbx_PDB_helix_length 
HELX_P HELX_P1 1 SER A 25  ? CYS A 39  ? SER A 2006 CYS A 2020 1 ? 15 
HELX_P HELX_P2 2 VAL A 95  ? ASN A 109 ? VAL A 2076 ASN A 2090 1 ? 15 
HELX_P HELX_P3 3 TRP A 153 ? ALA A 166 ? TRP A 4007 ALA A 4020 1 ? 14 
HELX_P HELX_P4 4 ALA A 202 ? VAL A 220 ? ALA A 4056 VAL A 4074 1 ? 19 
# 
_struct_conf_type.id          HELX_P 
_struct_conf_type.criteria    ? 
_struct_conf_type.reference   ? 
# 
_struct_conn.id                            covale1 
_struct_conn.conn_type_id                  covale 
_struct_conn.pdbx_leaving_atom_flag        none 
_struct_conn.pdbx_PDB_id                   ? 
_struct_conn.ptnr1_label_asym_id           A 
_struct_conn.ptnr1_label_comp_id           CYS 
_struct_conn.ptnr1_label_seq_id            185 
_struct_conn.ptnr1_label_atom_id           SG 
_struct_conn.pdbx_ptnr1_label_alt_id       ? 
_struct_conn.pdbx_ptnr1_PDB_ins_code       ? 
_struct_conn.pdbx_ptnr1_standard_comp_id   ? 
_struct_conn.ptnr1_symmetry                1_555 
_struct_conn.ptnr2_label_asym_id           C 
_struct_conn.ptnr2_label_comp_id           BME 
_struct_conn.ptnr2_label_seq_id            . 
_struct_conn.ptnr2_label_atom_id           S2 
_struct_conn.pdbx_ptnr2_label_alt_id       ? 
_struct_conn.pdbx_ptnr2_PDB_ins_code       ? 
_struct_conn.ptnr1_auth_asym_id            A 
_struct_conn.ptnr1_auth_comp_id            CYS 
_struct_conn.ptnr1_auth_seq_id             4039 
_struct_conn.ptnr2_auth_asym_id            A 
_struct_conn.ptnr2_auth_comp_id            BME 
_struct_conn.ptnr2_auth_seq_id             6000 
_struct_conn.ptnr2_symmetry                1_555 
_struct_conn.pdbx_ptnr3_label_atom_id      ? 
_struct_conn.pdbx_ptnr3_label_seq_id       ? 
_struct_conn.pdbx_ptnr3_label_comp_id      ? 
_struct_conn.pdbx_ptnr3_label_asym_id      ? 
_struct_conn.pdbx_ptnr3_label_alt_id       ? 
_struct_conn.pdbx_ptnr3_PDB_ins_code       ? 
_struct_conn.details                       ? 
_struct_conn.pdbx_dist_value               2.025 
_struct_conn.pdbx_value_order              ? 
_struct_conn.pdbx_role                     ? 
# 
_struct_conn_type.id          covale 
_struct_conn_type.criteria    ? 
_struct_conn_type.reference   ? 
# 
_struct_sheet.id               A 
_struct_sheet.type             ? 
_struct_sheet.number_strands   7 
_struct_sheet.details          ? 
# 
loop_
_struct_sheet_order.sheet_id 
_struct_sheet_order.range_id_1 
_struct_sheet_order.range_id_2 
_struct_sheet_order.offset 
_struct_sheet_order.sense 
A 1 2 ? anti-parallel 
A 2 3 ? anti-parallel 
A 3 4 ? anti-parallel 
A 4 5 ? anti-parallel 
A 5 6 ? anti-parallel 
A 6 7 ? anti-parallel 
# 
loop_
_struct_sheet_range.sheet_id 
_struct_sheet_range.id 
_struct_sheet_range.beg_label_comp_id 
_struct_sheet_range.beg_label_asym_id 
_struct_sheet_range.beg_label_seq_id 
_struct_sheet_range.pdbx_beg_PDB_ins_code 
_struct_sheet_range.end_label_comp_id 
_struct_sheet_range.end_label_asym_id 
_struct_sheet_range.end_label_seq_id 
_struct_sheet_range.pdbx_end_PDB_ins_code 
_struct_sheet_range.beg_auth_comp_id 
_struct_sheet_range.beg_auth_asym_id 
_struct_sheet_range.beg_auth_seq_id 
_struct_sheet_range.end_auth_comp_id 
_struct_sheet_range.end_auth_asym_id 
_struct_sheet_range.end_auth_seq_id 
A 1 LYS A 85  ? SER A 91  ? LYS A 2066 SER A 2072 
A 2 LYS A 74  ? THR A 80  ? LYS A 2055 THR A 2061 
A 3 VAL A 45  ? TYR A 52  ? VAL A 2026 TYR A 2033 
A 4 ARG A 172 ? ARG A 178 ? ARG A 4026 ARG A 4032 
A 5 ASN A 183 ? THR A 189 ? ASN A 4037 THR A 4043 
A 6 CYS A 194 ? THR A 199 ? CYS A 4048 THR A 4053 
A 7 GLY A 130 ? LYS A 134 ? GLY A 3003 LYS A 3007 
# 
loop_
_pdbx_struct_sheet_hbond.sheet_id 
_pdbx_struct_sheet_hbond.range_id_1 
_pdbx_struct_sheet_hbond.range_id_2 
_pdbx_struct_sheet_hbond.range_1_label_atom_id 
_pdbx_struct_sheet_hbond.range_1_label_comp_id 
_pdbx_struct_sheet_hbond.range_1_label_asym_id 
_pdbx_struct_sheet_hbond.range_1_label_seq_id 
_pdbx_struct_sheet_hbond.range_1_PDB_ins_code 
_pdbx_struct_sheet_hbond.range_1_auth_atom_id 
_pdbx_struct_sheet_hbond.range_1_auth_comp_id 
_pdbx_struct_sheet_hbond.range_1_auth_asym_id 
_pdbx_struct_sheet_hbond.range_1_auth_seq_id 
_pdbx_struct_sheet_hbond.range_2_label_atom_id 
_pdbx_struct_sheet_hbond.range_2_label_comp_id 
_pdbx_struct_sheet_hbond.range_2_label_asym_id 
_pdbx_struct_sheet_hbond.range_2_label_seq_id 
_pdbx_struct_sheet_hbond.range_2_PDB_ins_code 
_pdbx_struct_sheet_hbond.range_2_auth_atom_id 
_pdbx_struct_sheet_hbond.range_2_auth_comp_id 
_pdbx_struct_sheet_hbond.range_2_auth_asym_id 
_pdbx_struct_sheet_hbond.range_2_auth_seq_id 
A 1 2 O ILE A 86  ? O ILE A 2067 N ALA A 79  ? N ALA A 2060 
A 2 3 O LYS A 74  ? O LYS A 2055 N TYR A 52  ? N TYR A 2033 
A 3 4 O VAL A 45  ? O VAL A 2026 N TYR A 177 ? N TYR A 4031 
A 4 5 O ARG A 172 ? O ARG A 4026 N THR A 189 ? N THR A 4043 
A 5 6 O LEU A 184 ? O LEU A 4038 N THR A 199 ? N THR A 4053 
A 6 7 O CYS A 194 ? O CYS A 4048 N LYS A 134 ? N LYS A 3007 
# 
loop_
_struct_site.id 
_struct_site.pdbx_evidence_code 
_struct_site.pdbx_auth_asym_id 
_struct_site.pdbx_auth_comp_id 
_struct_site.pdbx_auth_seq_id 
_struct_site.pdbx_auth_ins_code 
_struct_site.pdbx_num_residues 
_struct_site.details 
AC1 Software A PO4 5001 ? 4 'BINDING SITE FOR RESIDUE PO4 A 5001' 
AC2 Software A BME 6000 ? 3 'BINDING SITE FOR RESIDUE BME A 6000' 
# 
loop_
_struct_site_gen.id 
_struct_site_gen.site_id 
_struct_site_gen.pdbx_num_res 
_struct_site_gen.label_comp_id 
_struct_site_gen.label_asym_id 
_struct_site_gen.label_seq_id 
_struct_site_gen.pdbx_auth_ins_code 
_struct_site_gen.auth_comp_id 
_struct_site_gen.auth_asym_id 
_struct_site_gen.auth_seq_id 
_struct_site_gen.label_atom_id 
_struct_site_gen.label_alt_id 
_struct_site_gen.symmetry 
_struct_site_gen.details 
1 AC1 4 LYS A 50  ? LYS A 2031 . ? 1_555 ? 
2 AC1 4 ARG A 78  ? ARG A 2059 . ? 1_555 ? 
3 AC1 4 ARG A 172 ? ARG A 4026 . ? 1_555 ? 
4 AC1 4 VAL A 227 ? VAL A 4081 . ? 3_754 ? 
5 AC2 3 VAL A 174 ? VAL A 4028 . ? 1_555 ? 
6 AC2 3 CYS A 185 ? CYS A 4039 . ? 1_555 ? 
7 AC2 3 ARG A 198 ? ARG A 4052 . ? 1_555 ? 
# 
_pdbx_validate_close_contact.id               1 
_pdbx_validate_close_contact.PDB_model_num    1 
_pdbx_validate_close_contact.auth_atom_id_1   O 
_pdbx_validate_close_contact.auth_asym_id_1   A 
_pdbx_validate_close_contact.auth_comp_id_1   PHE 
_pdbx_validate_close_contact.auth_seq_id_1    4004 
_pdbx_validate_close_contact.PDB_ins_code_1   ? 
_pdbx_validate_close_contact.label_alt_id_1   ? 
_pdbx_validate_close_contact.auth_atom_id_2   N 
_pdbx_validate_close_contact.auth_asym_id_2   A 
_pdbx_validate_close_contact.auth_comp_id_2   THR 
_pdbx_validate_close_contact.auth_seq_id_2    4006 
_pdbx_validate_close_contact.PDB_ins_code_2   ? 
_pdbx_validate_close_contact.label_alt_id_2   ? 
_pdbx_validate_close_contact.dist             2.10 
# 
_pdbx_validate_symm_contact.id                1 
_pdbx_validate_symm_contact.PDB_model_num     1 
_pdbx_validate_symm_contact.auth_atom_id_1    NE2 
_pdbx_validate_symm_contact.auth_asym_id_1    A 
_pdbx_validate_symm_contact.auth_comp_id_1    GLN 
_pdbx_validate_symm_contact.auth_seq_id_1     2018 
_pdbx_validate_symm_contact.PDB_ins_code_1    ? 
_pdbx_validate_symm_contact.label_alt_id_1    ? 
_pdbx_validate_symm_contact.site_symmetry_1   1_555 
_pdbx_validate_symm_contact.auth_atom_id_2    OE1 
_pdbx_validate_symm_contact.auth_asym_id_2    A 
_pdbx_validate_symm_contact.auth_comp_id_2    GLU 
_pdbx_validate_symm_contact.auth_seq_id_2     4008 
_pdbx_validate_symm_contact.PDB_ins_code_2    ? 
_pdbx_validate_symm_contact.label_alt_id_2    ? 
_pdbx_validate_symm_contact.site_symmetry_2   3_654 
_pdbx_validate_symm_contact.dist              2.06 
# 
loop_
_pdbx_validate_rmsd_bond.id 
_pdbx_validate_rmsd_bond.PDB_model_num 
_pdbx_validate_rmsd_bond.auth_atom_id_1 
_pdbx_validate_rmsd_bond.auth_asym_id_1 
_pdbx_validate_rmsd_bond.auth_comp_id_1 
_pdbx_validate_rmsd_bond.auth_seq_id_1 
_pdbx_validate_rmsd_bond.PDB_ins_code_1 
_pdbx_validate_rmsd_bond.label_alt_id_1 
_pdbx_validate_rmsd_bond.auth_atom_id_2 
_pdbx_validate_rmsd_bond.auth_asym_id_2 
_pdbx_validate_rmsd_bond.auth_comp_id_2 
_pdbx_validate_rmsd_bond.auth_seq_id_2 
_pdbx_validate_rmsd_bond.PDB_ins_code_2 
_pdbx_validate_rmsd_bond.label_alt_id_2 
_pdbx_validate_rmsd_bond.bond_value 
_pdbx_validate_rmsd_bond.bond_target_value 
_pdbx_validate_rmsd_bond.bond_deviation 
_pdbx_validate_rmsd_bond.bond_standard_deviation 
_pdbx_validate_rmsd_bond.linker_flag 
1 1 N  A GLY 2048 ? ? CA  A GLY 2048 ? ? 1.587 1.456 0.131  0.015 N 
2 1 CB A THR 2061 ? ? CG2 A THR 2061 ? ? 1.028 1.519 -0.491 0.033 N 
# 
loop_
_pdbx_validate_rmsd_angle.id 
_pdbx_validate_rmsd_angle.PDB_model_num 
_pdbx_validate_rmsd_angle.auth_atom_id_1 
_pdbx_validate_rmsd_angle.auth_asym_id_1 
_pdbx_validate_rmsd_angle.auth_comp_id_1 
_pdbx_validate_rmsd_angle.auth_seq_id_1 
_pdbx_validate_rmsd_angle.PDB_ins_code_1 
_pdbx_validate_rmsd_angle.label_alt_id_1 
_pdbx_validate_rmsd_angle.auth_atom_id_2 
_pdbx_validate_rmsd_angle.auth_asym_id_2 
_pdbx_validate_rmsd_angle.auth_comp_id_2 
_pdbx_validate_rmsd_angle.auth_seq_id_2 
_pdbx_validate_rmsd_angle.PDB_ins_code_2 
_pdbx_validate_rmsd_angle.label_alt_id_2 
_pdbx_validate_rmsd_angle.auth_atom_id_3 
_pdbx_validate_rmsd_angle.auth_asym_id_3 
_pdbx_validate_rmsd_angle.auth_comp_id_3 
_pdbx_validate_rmsd_angle.auth_seq_id_3 
_pdbx_validate_rmsd_angle.PDB_ins_code_3 
_pdbx_validate_rmsd_angle.label_alt_id_3 
_pdbx_validate_rmsd_angle.angle_value 
_pdbx_validate_rmsd_angle.angle_target_value 
_pdbx_validate_rmsd_angle.angle_deviation 
_pdbx_validate_rmsd_angle.angle_standard_deviation 
_pdbx_validate_rmsd_angle.linker_flag 
1  1 NE A ARG 2021 ? ? CZ A ARG 2021 ? ? NH2 A ARG 2021 ? ? 123.58 120.30 3.28   0.50 N 
2  1 CB A GLU 2047 ? ? CA A GLU 2047 ? ? C   A GLU 2047 ? ? 138.24 110.40 27.84  2.00 N 
3  1 N  A GLU 2047 ? ? CA A GLU 2047 ? ? C   A GLU 2047 ? ? 91.47  111.00 -19.53 2.70 N 
4  1 CA A GLU 2047 ? ? C  A GLU 2047 ? ? N   A GLY 2048 ? ? 140.04 116.20 23.84  2.00 Y 
5  1 O  A GLU 2047 ? ? C  A GLU 2047 ? ? N   A GLY 2048 ? ? 98.65  123.20 -24.55 1.70 Y 
6  1 NE A ARG 2065 ? ? CZ A ARG 2065 ? ? NH2 A ARG 2065 ? ? 123.36 120.30 3.06   0.50 N 
7  1 C  A ARG 2065 ? ? N  A LYS 2066 ? ? CA  A LYS 2066 ? ? 139.76 121.70 18.06  2.50 Y 
8  1 C  A LYS 2096 ? ? N  A ARG 2097 ? ? CA  A ARG 2097 ? ? 138.39 121.70 16.69  2.50 Y 
9  1 O  A PHE 4004 ? ? C  A PHE 4004 ? ? N   A GLN 4005 ? ? 132.45 122.70 9.75   1.60 Y 
10 1 N  A ASN 4080 ? ? CA A ASN 4080 ? ? C   A ASN 4080 ? ? 128.14 111.00 17.14  2.70 N 
# 
loop_
_pdbx_validate_torsion.id 
_pdbx_validate_torsion.PDB_model_num 
_pdbx_validate_torsion.auth_comp_id 
_pdbx_validate_torsion.auth_asym_id 
_pdbx_validate_torsion.auth_seq_id 
_pdbx_validate_torsion.PDB_ins_code 
_pdbx_validate_torsion.label_alt_id 
_pdbx_validate_torsion.phi 
_pdbx_validate_torsion.psi 
1  1 LEU A 2049 ? ? 65.94   62.86  
2  1 PRO A 2051 ? ? -62.46  16.63  
3  1 ALA A 2052 ? ? 100.04  -70.15 
4  1 GLU A 2053 ? ? 115.57  94.41  
5  1 GLU A 2075 ? ? -140.87 21.81  
6  1 LYS A 2095 ? ? -44.87  97.91  
7  1 LYS A 2096 ? ? -22.92  -82.14 
8  1 GLN A 4005 ? ? 44.86   -93.01 
9  1 LEU A 4046 ? ? -117.31 -71.54 
10 1 ASN A 4080 ? ? -95.66  54.62  
# 
_pdbx_validate_chiral.id              1 
_pdbx_validate_chiral.PDB_model_num   1 
_pdbx_validate_chiral.auth_atom_id    CA 
_pdbx_validate_chiral.label_alt_id    ? 
_pdbx_validate_chiral.auth_asym_id    A 
_pdbx_validate_chiral.auth_comp_id    GLU 
_pdbx_validate_chiral.auth_seq_id     2047 
_pdbx_validate_chiral.PDB_ins_code    ? 
_pdbx_validate_chiral.details         'WRONG HAND' 
_pdbx_validate_chiral.omega           . 
# 
_pdbx_validate_main_chain_plane.id                       1 
_pdbx_validate_main_chain_plane.PDB_model_num            1 
_pdbx_validate_main_chain_plane.auth_comp_id             ARG 
_pdbx_validate_main_chain_plane.auth_asym_id             A 
_pdbx_validate_main_chain_plane.auth_seq_id              2065 
_pdbx_validate_main_chain_plane.PDB_ins_code             ? 
_pdbx_validate_main_chain_plane.label_alt_id             ? 
_pdbx_validate_main_chain_plane.improper_torsion_angle   15.87 
# 
_pdbx_struct_special_symmetry.id              1 
_pdbx_struct_special_symmetry.PDB_model_num   1 
_pdbx_struct_special_symmetry.auth_asym_id    A 
_pdbx_struct_special_symmetry.auth_comp_id    HOH 
_pdbx_struct_special_symmetry.auth_seq_id     9000 
_pdbx_struct_special_symmetry.PDB_ins_code    ? 
_pdbx_struct_special_symmetry.label_asym_id   D 
_pdbx_struct_special_symmetry.label_comp_id   HOH 
_pdbx_struct_special_symmetry.label_seq_id    . 
# 
loop_
_pdbx_unobs_or_zero_occ_residues.id 
_pdbx_unobs_or_zero_occ_residues.PDB_model_num 
_pdbx_unobs_or_zero_occ_residues.polymer_flag 
_pdbx_unobs_or_zero_occ_residues.occupancy_flag 
_pdbx_unobs_or_zero_occ_residues.auth_asym_id 
_pdbx_unobs_or_zero_occ_residues.auth_comp_id 
_pdbx_unobs_or_zero_occ_residues.auth_seq_id 
_pdbx_unobs_or_zero_occ_residues.PDB_ins_code 
_pdbx_unobs_or_zero_occ_residues.label_asym_id 
_pdbx_unobs_or_zero_occ_residues.label_comp_id 
_pdbx_unobs_or_zero_occ_residues.label_seq_id 
1  1 Y 1 A MET 1982 ? A MET 1   
2  1 Y 1 A ALA 1983 ? A ALA 2   
3  1 Y 1 A SER 1984 ? A SER 3   
4  1 Y 1 A MET 1985 ? A MET 4   
5  1 Y 1 A THR 1986 ? A THR 5   
6  1 Y 1 A GLY 1987 ? A GLY 6   
7  1 Y 1 A GLY 1988 ? A GLY 7   
8  1 Y 1 A GLN 1989 ? A GLN 8   
9  1 Y 1 A GLN 1990 ? A GLN 9   
10 1 Y 1 A MET 1991 ? A MET 10  
11 1 Y 1 A GLY 1992 ? A GLY 11  
12 1 Y 1 A ARG 1993 ? A ARG 12  
13 1 Y 1 A ILE 1994 ? A ILE 13  
14 1 Y 1 A PRO 1995 ? A PRO 14  
15 1 Y 1 A GLY 1996 ? A GLY 15  
16 1 Y 1 A ASN 1997 ? A ASN 16  
17 1 Y 1 A SER 1998 ? A SER 17  
18 1 Y 1 A PRO 1999 ? A PRO 18  
19 1 Y 1 A ARG 2000 ? A ARG 19  
20 1 Y 1 A GLY 2035 ? A GLY 54  
21 1 Y 1 A ARG 2036 ? A ARG 55  
22 1 Y 1 A THR 2037 ? A THR 56  
23 1 Y 1 A LYS 2038 ? A LYS 57  
24 1 Y 1 A PRO 2039 ? A PRO 58  
25 1 Y 1 A ILE 2040 ? A ILE 59  
26 1 Y 1 A PRO 2041 ? A PRO 60  
27 1 Y 1 A ARG 2042 ? A ARG 61  
28 1 Y 1 A LYS 2043 ? A LYS 62  
29 1 Y 1 A SER 2044 ? A SER 63  
30 1 Y 1 A SER 2045 ? A SER 64  
31 1 Y 1 A VAL 2046 ? A VAL 65  
32 1 Y 1 A ASP 2990 ? A ASP 117 
33 1 Y 1 A LYS 2991 ? A LYS 118 
34 1 Y 1 A LYS 2992 ? A LYS 119 
35 1 Y 1 A ASN 2993 ? A ASN 120 
36 1 Y 1 A LYS 2994 ? A LYS 121 
37 1 Y 1 A SER 2995 ? A SER 122 
38 1 Y 1 A LYS 2996 ? A LYS 123 
39 1 Y 1 A LYS 2997 ? A LYS 124 
40 1 Y 1 A SER 2998 ? A SER 125 
41 1 Y 1 A LYS 2999 ? A LYS 126 
42 1 Y 1 A PRO 3000 ? A PRO 127 
43 1 Y 1 A ILE 3990 ? A ILE 136 
44 1 Y 1 A SER 3991 ? A SER 137 
45 1 Y 1 A GLU 3992 ? A GLU 138 
46 1 Y 1 A GLU 3993 ? A GLU 139 
47 1 Y 1 A ASP 3994 ? A ASP 140 
48 1 Y 1 A ASP 3995 ? A ASP 141 
49 1 Y 1 A SER 3996 ? A SER 142 
50 1 Y 1 A ALA 3997 ? A ALA 143 
51 1 Y 1 A GLY 3998 ? A GLY 144 
52 1 Y 1 A SER 3999 ? A SER 145 
53 1 Y 1 A PRO 4000 ? A PRO 146 
54 1 Y 1 A MET 4001 ? A MET 147 
55 1 Y 1 A PRO 4002 ? A PRO 148 
56 1 Y 1 A GLN 4003 ? A GLN 149 
57 1 Y 1 A THR 4082 ? A THR 228 
58 1 Y 1 A MET 4083 ? A MET 229 
59 1 Y 1 A GLU 4084 ? A GLU 230 
60 1 Y 1 A THR 4085 ? A THR 231 
61 1 Y 1 A GLU 4086 ? A GLU 232 
# 
loop_
_chem_comp_atom.comp_id 
_chem_comp_atom.atom_id 
_chem_comp_atom.type_symbol 
_chem_comp_atom.pdbx_aromatic_flag 
_chem_comp_atom.pdbx_stereo_config 
_chem_comp_atom.pdbx_ordinal 
ALA N    N N N 1   
ALA CA   C N S 2   
ALA C    C N N 3   
ALA O    O N N 4   
ALA CB   C N N 5   
ALA OXT  O N N 6   
ALA H    H N N 7   
ALA H2   H N N 8   
ALA HA   H N N 9   
ALA HB1  H N N 10  
ALA HB2  H N N 11  
ALA HB3  H N N 12  
ALA HXT  H N N 13  
ARG N    N N N 14  
ARG CA   C N S 15  
ARG C    C N N 16  
ARG O    O N N 17  
ARG CB   C N N 18  
ARG CG   C N N 19  
ARG CD   C N N 20  
ARG NE   N N N 21  
ARG CZ   C N N 22  
ARG NH1  N N N 23  
ARG NH2  N N N 24  
ARG OXT  O N N 25  
ARG H    H N N 26  
ARG H2   H N N 27  
ARG HA   H N N 28  
ARG HB2  H N N 29  
ARG HB3  H N N 30  
ARG HG2  H N N 31  
ARG HG3  H N N 32  
ARG HD2  H N N 33  
ARG HD3  H N N 34  
ARG HE   H N N 35  
ARG HH11 H N N 36  
ARG HH12 H N N 37  
ARG HH21 H N N 38  
ARG HH22 H N N 39  
ARG HXT  H N N 40  
ASN N    N N N 41  
ASN CA   C N S 42  
ASN C    C N N 43  
ASN O    O N N 44  
ASN CB   C N N 45  
ASN CG   C N N 46  
ASN OD1  O N N 47  
ASN ND2  N N N 48  
ASN OXT  O N N 49  
ASN H    H N N 50  
ASN H2   H N N 51  
ASN HA   H N N 52  
ASN HB2  H N N 53  
ASN HB3  H N N 54  
ASN HD21 H N N 55  
ASN HD22 H N N 56  
ASN HXT  H N N 57  
ASP N    N N N 58  
ASP CA   C N S 59  
ASP C    C N N 60  
ASP O    O N N 61  
ASP CB   C N N 62  
ASP CG   C N N 63  
ASP OD1  O N N 64  
ASP OD2  O N N 65  
ASP OXT  O N N 66  
ASP H    H N N 67  
ASP H2   H N N 68  
ASP HA   H N N 69  
ASP HB2  H N N 70  
ASP HB3  H N N 71  
ASP HD2  H N N 72  
ASP HXT  H N N 73  
BME C1   C N N 74  
BME C2   C N N 75  
BME O1   O N N 76  
BME S2   S N N 77  
BME H11  H N N 78  
BME H12  H N N 79  
BME H21  H N N 80  
BME H22  H N N 81  
BME HO1  H N N 82  
BME HS2  H N N 83  
CYS N    N N N 84  
CYS CA   C N R 85  
CYS C    C N N 86  
CYS O    O N N 87  
CYS CB   C N N 88  
CYS SG   S N N 89  
CYS OXT  O N N 90  
CYS H    H N N 91  
CYS H2   H N N 92  
CYS HA   H N N 93  
CYS HB2  H N N 94  
CYS HB3  H N N 95  
CYS HG   H N N 96  
CYS HXT  H N N 97  
GLN N    N N N 98  
GLN CA   C N S 99  
GLN C    C N N 100 
GLN O    O N N 101 
GLN CB   C N N 102 
GLN CG   C N N 103 
GLN CD   C N N 104 
GLN OE1  O N N 105 
GLN NE2  N N N 106 
GLN OXT  O N N 107 
GLN H    H N N 108 
GLN H2   H N N 109 
GLN HA   H N N 110 
GLN HB2  H N N 111 
GLN HB3  H N N 112 
GLN HG2  H N N 113 
GLN HG3  H N N 114 
GLN HE21 H N N 115 
GLN HE22 H N N 116 
GLN HXT  H N N 117 
GLU N    N N N 118 
GLU CA   C N S 119 
GLU C    C N N 120 
GLU O    O N N 121 
GLU CB   C N N 122 
GLU CG   C N N 123 
GLU CD   C N N 124 
GLU OE1  O N N 125 
GLU OE2  O N N 126 
GLU OXT  O N N 127 
GLU H    H N N 128 
GLU H2   H N N 129 
GLU HA   H N N 130 
GLU HB2  H N N 131 
GLU HB3  H N N 132 
GLU HG2  H N N 133 
GLU HG3  H N N 134 
GLU HE2  H N N 135 
GLU HXT  H N N 136 
GLY N    N N N 137 
GLY CA   C N N 138 
GLY C    C N N 139 
GLY O    O N N 140 
GLY OXT  O N N 141 
GLY H    H N N 142 
GLY H2   H N N 143 
GLY HA2  H N N 144 
GLY HA3  H N N 145 
GLY HXT  H N N 146 
HIS N    N N N 147 
HIS CA   C N S 148 
HIS C    C N N 149 
HIS O    O N N 150 
HIS CB   C N N 151 
HIS CG   C Y N 152 
HIS ND1  N Y N 153 
HIS CD2  C Y N 154 
HIS CE1  C Y N 155 
HIS NE2  N Y N 156 
HIS OXT  O N N 157 
HIS H    H N N 158 
HIS H2   H N N 159 
HIS HA   H N N 160 
HIS HB2  H N N 161 
HIS HB3  H N N 162 
HIS HD1  H N N 163 
HIS HD2  H N N 164 
HIS HE1  H N N 165 
HIS HE2  H N N 166 
HIS HXT  H N N 167 
HOH O    O N N 168 
HOH H1   H N N 169 
HOH H2   H N N 170 
ILE N    N N N 171 
ILE CA   C N S 172 
ILE C    C N N 173 
ILE O    O N N 174 
ILE CB   C N S 175 
ILE CG1  C N N 176 
ILE CG2  C N N 177 
ILE CD1  C N N 178 
ILE OXT  O N N 179 
ILE H    H N N 180 
ILE H2   H N N 181 
ILE HA   H N N 182 
ILE HB   H N N 183 
ILE HG12 H N N 184 
ILE HG13 H N N 185 
ILE HG21 H N N 186 
ILE HG22 H N N 187 
ILE HG23 H N N 188 
ILE HD11 H N N 189 
ILE HD12 H N N 190 
ILE HD13 H N N 191 
ILE HXT  H N N 192 
LEU N    N N N 193 
LEU CA   C N S 194 
LEU C    C N N 195 
LEU O    O N N 196 
LEU CB   C N N 197 
LEU CG   C N N 198 
LEU CD1  C N N 199 
LEU CD2  C N N 200 
LEU OXT  O N N 201 
LEU H    H N N 202 
LEU H2   H N N 203 
LEU HA   H N N 204 
LEU HB2  H N N 205 
LEU HB3  H N N 206 
LEU HG   H N N 207 
LEU HD11 H N N 208 
LEU HD12 H N N 209 
LEU HD13 H N N 210 
LEU HD21 H N N 211 
LEU HD22 H N N 212 
LEU HD23 H N N 213 
LEU HXT  H N N 214 
LYS N    N N N 215 
LYS CA   C N S 216 
LYS C    C N N 217 
LYS O    O N N 218 
LYS CB   C N N 219 
LYS CG   C N N 220 
LYS CD   C N N 221 
LYS CE   C N N 222 
LYS NZ   N N N 223 
LYS OXT  O N N 224 
LYS H    H N N 225 
LYS H2   H N N 226 
LYS HA   H N N 227 
LYS HB2  H N N 228 
LYS HB3  H N N 229 
LYS HG2  H N N 230 
LYS HG3  H N N 231 
LYS HD2  H N N 232 
LYS HD3  H N N 233 
LYS HE2  H N N 234 
LYS HE3  H N N 235 
LYS HZ1  H N N 236 
LYS HZ2  H N N 237 
LYS HZ3  H N N 238 
LYS HXT  H N N 239 
MET N    N N N 240 
MET CA   C N S 241 
MET C    C N N 242 
MET O    O N N 243 
MET CB   C N N 244 
MET CG   C N N 245 
MET SD   S N N 246 
MET CE   C N N 247 
MET OXT  O N N 248 
MET H    H N N 249 
MET H2   H N N 250 
MET HA   H N N 251 
MET HB2  H N N 252 
MET HB3  H N N 253 
MET HG2  H N N 254 
MET HG3  H N N 255 
MET HE1  H N N 256 
MET HE2  H N N 257 
MET HE3  H N N 258 
MET HXT  H N N 259 
PHE N    N N N 260 
PHE CA   C N S 261 
PHE C    C N N 262 
PHE O    O N N 263 
PHE CB   C N N 264 
PHE CG   C Y N 265 
PHE CD1  C Y N 266 
PHE CD2  C Y N 267 
PHE CE1  C Y N 268 
PHE CE2  C Y N 269 
PHE CZ   C Y N 270 
PHE OXT  O N N 271 
PHE H    H N N 272 
PHE H2   H N N 273 
PHE HA   H N N 274 
PHE HB2  H N N 275 
PHE HB3  H N N 276 
PHE HD1  H N N 277 
PHE HD2  H N N 278 
PHE HE1  H N N 279 
PHE HE2  H N N 280 
PHE HZ   H N N 281 
PHE HXT  H N N 282 
PO4 P    P N N 283 
PO4 O1   O N N 284 
PO4 O2   O N N 285 
PO4 O3   O N N 286 
PO4 O4   O N N 287 
PRO N    N N N 288 
PRO CA   C N S 289 
PRO C    C N N 290 
PRO O    O N N 291 
PRO CB   C N N 292 
PRO CG   C N N 293 
PRO CD   C N N 294 
PRO OXT  O N N 295 
PRO H    H N N 296 
PRO HA   H N N 297 
PRO HB2  H N N 298 
PRO HB3  H N N 299 
PRO HG2  H N N 300 
PRO HG3  H N N 301 
PRO HD2  H N N 302 
PRO HD3  H N N 303 
PRO HXT  H N N 304 
SER N    N N N 305 
SER CA   C N S 306 
SER C    C N N 307 
SER O    O N N 308 
SER CB   C N N 309 
SER OG   O N N 310 
SER OXT  O N N 311 
SER H    H N N 312 
SER H2   H N N 313 
SER HA   H N N 314 
SER HB2  H N N 315 
SER HB3  H N N 316 
SER HG   H N N 317 
SER HXT  H N N 318 
THR N    N N N 319 
THR CA   C N S 320 
THR C    C N N 321 
THR O    O N N 322 
THR CB   C N R 323 
THR OG1  O N N 324 
THR CG2  C N N 325 
THR OXT  O N N 326 
THR H    H N N 327 
THR H2   H N N 328 
THR HA   H N N 329 
THR HB   H N N 330 
THR HG1  H N N 331 
THR HG21 H N N 332 
THR HG22 H N N 333 
THR HG23 H N N 334 
THR HXT  H N N 335 
TRP N    N N N 336 
TRP CA   C N S 337 
TRP C    C N N 338 
TRP O    O N N 339 
TRP CB   C N N 340 
TRP CG   C Y N 341 
TRP CD1  C Y N 342 
TRP CD2  C Y N 343 
TRP NE1  N Y N 344 
TRP CE2  C Y N 345 
TRP CE3  C Y N 346 
TRP CZ2  C Y N 347 
TRP CZ3  C Y N 348 
TRP CH2  C Y N 349 
TRP OXT  O N N 350 
TRP H    H N N 351 
TRP H2   H N N 352 
TRP HA   H N N 353 
TRP HB2  H N N 354 
TRP HB3  H N N 355 
TRP HD1  H N N 356 
TRP HE1  H N N 357 
TRP HE3  H N N 358 
TRP HZ2  H N N 359 
TRP HZ3  H N N 360 
TRP HH2  H N N 361 
TRP HXT  H N N 362 
TYR N    N N N 363 
TYR CA   C N S 364 
TYR C    C N N 365 
TYR O    O N N 366 
TYR CB   C N N 367 
TYR CG   C Y N 368 
TYR CD1  C Y N 369 
TYR CD2  C Y N 370 
TYR CE1  C Y N 371 
TYR CE2  C Y N 372 
TYR CZ   C Y N 373 
TYR OH   O N N 374 
TYR OXT  O N N 375 
TYR H    H N N 376 
TYR H2   H N N 377 
TYR HA   H N N 378 
TYR HB2  H N N 379 
TYR HB3  H N N 380 
TYR HD1  H N N 381 
TYR HD2  H N N 382 
TYR HE1  H N N 383 
TYR HE2  H N N 384 
TYR HH   H N N 385 
TYR HXT  H N N 386 
VAL N    N N N 387 
VAL CA   C N S 388 
VAL C    C N N 389 
VAL O    O N N 390 
VAL CB   C N N 391 
VAL CG1  C N N 392 
VAL CG2  C N N 393 
VAL OXT  O N N 394 
VAL H    H N N 395 
VAL H2   H N N 396 
VAL HA   H N N 397 
VAL HB   H N N 398 
VAL HG11 H N N 399 
VAL HG12 H N N 400 
VAL HG13 H N N 401 
VAL HG21 H N N 402 
VAL HG22 H N N 403 
VAL HG23 H N N 404 
VAL HXT  H N N 405 
# 
loop_
_chem_comp_bond.comp_id 
_chem_comp_bond.atom_id_1 
_chem_comp_bond.atom_id_2 
_chem_comp_bond.value_order 
_chem_comp_bond.pdbx_aromatic_flag 
_chem_comp_bond.pdbx_stereo_config 
_chem_comp_bond.pdbx_ordinal 
ALA N   CA   sing N N 1   
ALA N   H    sing N N 2   
ALA N   H2   sing N N 3   
ALA CA  C    sing N N 4   
ALA CA  CB   sing N N 5   
ALA CA  HA   sing N N 6   
ALA C   O    doub N N 7   
ALA C   OXT  sing N N 8   
ALA CB  HB1  sing N N 9   
ALA CB  HB2  sing N N 10  
ALA CB  HB3  sing N N 11  
ALA OXT HXT  sing N N 12  
ARG N   CA   sing N N 13  
ARG N   H    sing N N 14  
ARG N   H2   sing N N 15  
ARG CA  C    sing N N 16  
ARG CA  CB   sing N N 17  
ARG CA  HA   sing N N 18  
ARG C   O    doub N N 19  
ARG C   OXT  sing N N 20  
ARG CB  CG   sing N N 21  
ARG CB  HB2  sing N N 22  
ARG CB  HB3  sing N N 23  
ARG CG  CD   sing N N 24  
ARG CG  HG2  sing N N 25  
ARG CG  HG3  sing N N 26  
ARG CD  NE   sing N N 27  
ARG CD  HD2  sing N N 28  
ARG CD  HD3  sing N N 29  
ARG NE  CZ   sing N N 30  
ARG NE  HE   sing N N 31  
ARG CZ  NH1  sing N N 32  
ARG CZ  NH2  doub N N 33  
ARG NH1 HH11 sing N N 34  
ARG NH1 HH12 sing N N 35  
ARG NH2 HH21 sing N N 36  
ARG NH2 HH22 sing N N 37  
ARG OXT HXT  sing N N 38  
ASN N   CA   sing N N 39  
ASN N   H    sing N N 40  
ASN N   H2   sing N N 41  
ASN CA  C    sing N N 42  
ASN CA  CB   sing N N 43  
ASN CA  HA   sing N N 44  
ASN C   O    doub N N 45  
ASN C   OXT  sing N N 46  
ASN CB  CG   sing N N 47  
ASN CB  HB2  sing N N 48  
ASN CB  HB3  sing N N 49  
ASN CG  OD1  doub N N 50  
ASN CG  ND2  sing N N 51  
ASN ND2 HD21 sing N N 52  
ASN ND2 HD22 sing N N 53  
ASN OXT HXT  sing N N 54  
ASP N   CA   sing N N 55  
ASP N   H    sing N N 56  
ASP N   H2   sing N N 57  
ASP CA  C    sing N N 58  
ASP CA  CB   sing N N 59  
ASP CA  HA   sing N N 60  
ASP C   O    doub N N 61  
ASP C   OXT  sing N N 62  
ASP CB  CG   sing N N 63  
ASP CB  HB2  sing N N 64  
ASP CB  HB3  sing N N 65  
ASP CG  OD1  doub N N 66  
ASP CG  OD2  sing N N 67  
ASP OD2 HD2  sing N N 68  
ASP OXT HXT  sing N N 69  
BME C1  C2   sing N N 70  
BME C1  O1   sing N N 71  
BME C1  H11  sing N N 72  
BME C1  H12  sing N N 73  
BME C2  S2   sing N N 74  
BME C2  H21  sing N N 75  
BME C2  H22  sing N N 76  
BME O1  HO1  sing N N 77  
BME S2  HS2  sing N N 78  
CYS N   CA   sing N N 79  
CYS N   H    sing N N 80  
CYS N   H2   sing N N 81  
CYS CA  C    sing N N 82  
CYS CA  CB   sing N N 83  
CYS CA  HA   sing N N 84  
CYS C   O    doub N N 85  
CYS C   OXT  sing N N 86  
CYS CB  SG   sing N N 87  
CYS CB  HB2  sing N N 88  
CYS CB  HB3  sing N N 89  
CYS SG  HG   sing N N 90  
CYS OXT HXT  sing N N 91  
GLN N   CA   sing N N 92  
GLN N   H    sing N N 93  
GLN N   H2   sing N N 94  
GLN CA  C    sing N N 95  
GLN CA  CB   sing N N 96  
GLN CA  HA   sing N N 97  
GLN C   O    doub N N 98  
GLN C   OXT  sing N N 99  
GLN CB  CG   sing N N 100 
GLN CB  HB2  sing N N 101 
GLN CB  HB3  sing N N 102 
GLN CG  CD   sing N N 103 
GLN CG  HG2  sing N N 104 
GLN CG  HG3  sing N N 105 
GLN CD  OE1  doub N N 106 
GLN CD  NE2  sing N N 107 
GLN NE2 HE21 sing N N 108 
GLN NE2 HE22 sing N N 109 
GLN OXT HXT  sing N N 110 
GLU N   CA   sing N N 111 
GLU N   H    sing N N 112 
GLU N   H2   sing N N 113 
GLU CA  C    sing N N 114 
GLU CA  CB   sing N N 115 
GLU CA  HA   sing N N 116 
GLU C   O    doub N N 117 
GLU C   OXT  sing N N 118 
GLU CB  CG   sing N N 119 
GLU CB  HB2  sing N N 120 
GLU CB  HB3  sing N N 121 
GLU CG  CD   sing N N 122 
GLU CG  HG2  sing N N 123 
GLU CG  HG3  sing N N 124 
GLU CD  OE1  doub N N 125 
GLU CD  OE2  sing N N 126 
GLU OE2 HE2  sing N N 127 
GLU OXT HXT  sing N N 128 
GLY N   CA   sing N N 129 
GLY N   H    sing N N 130 
GLY N   H2   sing N N 131 
GLY CA  C    sing N N 132 
GLY CA  HA2  sing N N 133 
GLY CA  HA3  sing N N 134 
GLY C   O    doub N N 135 
GLY C   OXT  sing N N 136 
GLY OXT HXT  sing N N 137 
HIS N   CA   sing N N 138 
HIS N   H    sing N N 139 
HIS N   H2   sing N N 140 
HIS CA  C    sing N N 141 
HIS CA  CB   sing N N 142 
HIS CA  HA   sing N N 143 
HIS C   O    doub N N 144 
HIS C   OXT  sing N N 145 
HIS CB  CG   sing N N 146 
HIS CB  HB2  sing N N 147 
HIS CB  HB3  sing N N 148 
HIS CG  ND1  sing Y N 149 
HIS CG  CD2  doub Y N 150 
HIS ND1 CE1  doub Y N 151 
HIS ND1 HD1  sing N N 152 
HIS CD2 NE2  sing Y N 153 
HIS CD2 HD2  sing N N 154 
HIS CE1 NE2  sing Y N 155 
HIS CE1 HE1  sing N N 156 
HIS NE2 HE2  sing N N 157 
HIS OXT HXT  sing N N 158 
HOH O   H1   sing N N 159 
HOH O   H2   sing N N 160 
ILE N   CA   sing N N 161 
ILE N   H    sing N N 162 
ILE N   H2   sing N N 163 
ILE CA  C    sing N N 164 
ILE CA  CB   sing N N 165 
ILE CA  HA   sing N N 166 
ILE C   O    doub N N 167 
ILE C   OXT  sing N N 168 
ILE CB  CG1  sing N N 169 
ILE CB  CG2  sing N N 170 
ILE CB  HB   sing N N 171 
ILE CG1 CD1  sing N N 172 
ILE CG1 HG12 sing N N 173 
ILE CG1 HG13 sing N N 174 
ILE CG2 HG21 sing N N 175 
ILE CG2 HG22 sing N N 176 
ILE CG2 HG23 sing N N 177 
ILE CD1 HD11 sing N N 178 
ILE CD1 HD12 sing N N 179 
ILE CD1 HD13 sing N N 180 
ILE OXT HXT  sing N N 181 
LEU N   CA   sing N N 182 
LEU N   H    sing N N 183 
LEU N   H2   sing N N 184 
LEU CA  C    sing N N 185 
LEU CA  CB   sing N N 186 
LEU CA  HA   sing N N 187 
LEU C   O    doub N N 188 
LEU C   OXT  sing N N 189 
LEU CB  CG   sing N N 190 
LEU CB  HB2  sing N N 191 
LEU CB  HB3  sing N N 192 
LEU CG  CD1  sing N N 193 
LEU CG  CD2  sing N N 194 
LEU CG  HG   sing N N 195 
LEU CD1 HD11 sing N N 196 
LEU CD1 HD12 sing N N 197 
LEU CD1 HD13 sing N N 198 
LEU CD2 HD21 sing N N 199 
LEU CD2 HD22 sing N N 200 
LEU CD2 HD23 sing N N 201 
LEU OXT HXT  sing N N 202 
LYS N   CA   sing N N 203 
LYS N   H    sing N N 204 
LYS N   H2   sing N N 205 
LYS CA  C    sing N N 206 
LYS CA  CB   sing N N 207 
LYS CA  HA   sing N N 208 
LYS C   O    doub N N 209 
LYS C   OXT  sing N N 210 
LYS CB  CG   sing N N 211 
LYS CB  HB2  sing N N 212 
LYS CB  HB3  sing N N 213 
LYS CG  CD   sing N N 214 
LYS CG  HG2  sing N N 215 
LYS CG  HG3  sing N N 216 
LYS CD  CE   sing N N 217 
LYS CD  HD2  sing N N 218 
LYS CD  HD3  sing N N 219 
LYS CE  NZ   sing N N 220 
LYS CE  HE2  sing N N 221 
LYS CE  HE3  sing N N 222 
LYS NZ  HZ1  sing N N 223 
LYS NZ  HZ2  sing N N 224 
LYS NZ  HZ3  sing N N 225 
LYS OXT HXT  sing N N 226 
MET N   CA   sing N N 227 
MET N   H    sing N N 228 
MET N   H2   sing N N 229 
MET CA  C    sing N N 230 
MET CA  CB   sing N N 231 
MET CA  HA   sing N N 232 
MET C   O    doub N N 233 
MET C   OXT  sing N N 234 
MET CB  CG   sing N N 235 
MET CB  HB2  sing N N 236 
MET CB  HB3  sing N N 237 
MET CG  SD   sing N N 238 
MET CG  HG2  sing N N 239 
MET CG  HG3  sing N N 240 
MET SD  CE   sing N N 241 
MET CE  HE1  sing N N 242 
MET CE  HE2  sing N N 243 
MET CE  HE3  sing N N 244 
MET OXT HXT  sing N N 245 
PHE N   CA   sing N N 246 
PHE N   H    sing N N 247 
PHE N   H2   sing N N 248 
PHE CA  C    sing N N 249 
PHE CA  CB   sing N N 250 
PHE CA  HA   sing N N 251 
PHE C   O    doub N N 252 
PHE C   OXT  sing N N 253 
PHE CB  CG   sing N N 254 
PHE CB  HB2  sing N N 255 
PHE CB  HB3  sing N N 256 
PHE CG  CD1  doub Y N 257 
PHE CG  CD2  sing Y N 258 
PHE CD1 CE1  sing Y N 259 
PHE CD1 HD1  sing N N 260 
PHE CD2 CE2  doub Y N 261 
PHE CD2 HD2  sing N N 262 
PHE CE1 CZ   doub Y N 263 
PHE CE1 HE1  sing N N 264 
PHE CE2 CZ   sing Y N 265 
PHE CE2 HE2  sing N N 266 
PHE CZ  HZ   sing N N 267 
PHE OXT HXT  sing N N 268 
PO4 P   O1   doub N N 269 
PO4 P   O2   sing N N 270 
PO4 P   O3   sing N N 271 
PO4 P   O4   sing N N 272 
PRO N   CA   sing N N 273 
PRO N   CD   sing N N 274 
PRO N   H    sing N N 275 
PRO CA  C    sing N N 276 
PRO CA  CB   sing N N 277 
PRO CA  HA   sing N N 278 
PRO C   O    doub N N 279 
PRO C   OXT  sing N N 280 
PRO CB  CG   sing N N 281 
PRO CB  HB2  sing N N 282 
PRO CB  HB3  sing N N 283 
PRO CG  CD   sing N N 284 
PRO CG  HG2  sing N N 285 
PRO CG  HG3  sing N N 286 
PRO CD  HD2  sing N N 287 
PRO CD  HD3  sing N N 288 
PRO OXT HXT  sing N N 289 
SER N   CA   sing N N 290 
SER N   H    sing N N 291 
SER N   H2   sing N N 292 
SER CA  C    sing N N 293 
SER CA  CB   sing N N 294 
SER CA  HA   sing N N 295 
SER C   O    doub N N 296 
SER C   OXT  sing N N 297 
SER CB  OG   sing N N 298 
SER CB  HB2  sing N N 299 
SER CB  HB3  sing N N 300 
SER OG  HG   sing N N 301 
SER OXT HXT  sing N N 302 
THR N   CA   sing N N 303 
THR N   H    sing N N 304 
THR N   H2   sing N N 305 
THR CA  C    sing N N 306 
THR CA  CB   sing N N 307 
THR CA  HA   sing N N 308 
THR C   O    doub N N 309 
THR C   OXT  sing N N 310 
THR CB  OG1  sing N N 311 
THR CB  CG2  sing N N 312 
THR CB  HB   sing N N 313 
THR OG1 HG1  sing N N 314 
THR CG2 HG21 sing N N 315 
THR CG2 HG22 sing N N 316 
THR CG2 HG23 sing N N 317 
THR OXT HXT  sing N N 318 
TRP N   CA   sing N N 319 
TRP N   H    sing N N 320 
TRP N   H2   sing N N 321 
TRP CA  C    sing N N 322 
TRP CA  CB   sing N N 323 
TRP CA  HA   sing N N 324 
TRP C   O    doub N N 325 
TRP C   OXT  sing N N 326 
TRP CB  CG   sing N N 327 
TRP CB  HB2  sing N N 328 
TRP CB  HB3  sing N N 329 
TRP CG  CD1  doub Y N 330 
TRP CG  CD2  sing Y N 331 
TRP CD1 NE1  sing Y N 332 
TRP CD1 HD1  sing N N 333 
TRP CD2 CE2  doub Y N 334 
TRP CD2 CE3  sing Y N 335 
TRP NE1 CE2  sing Y N 336 
TRP NE1 HE1  sing N N 337 
TRP CE2 CZ2  sing Y N 338 
TRP CE3 CZ3  doub Y N 339 
TRP CE3 HE3  sing N N 340 
TRP CZ2 CH2  doub Y N 341 
TRP CZ2 HZ2  sing N N 342 
TRP CZ3 CH2  sing Y N 343 
TRP CZ3 HZ3  sing N N 344 
TRP CH2 HH2  sing N N 345 
TRP OXT HXT  sing N N 346 
TYR N   CA   sing N N 347 
TYR N   H    sing N N 348 
TYR N   H2   sing N N 349 
TYR CA  C    sing N N 350 
TYR CA  CB   sing N N 351 
TYR CA  HA   sing N N 352 
TYR C   O    doub N N 353 
TYR C   OXT  sing N N 354 
TYR CB  CG   sing N N 355 
TYR CB  HB2  sing N N 356 
TYR CB  HB3  sing N N 357 
TYR CG  CD1  doub Y N 358 
TYR CG  CD2  sing Y N 359 
TYR CD1 CE1  sing Y N 360 
TYR CD1 HD1  sing N N 361 
TYR CD2 CE2  doub Y N 362 
TYR CD2 HD2  sing N N 363 
TYR CE1 CZ   doub Y N 364 
TYR CE1 HE1  sing N N 365 
TYR CE2 CZ   sing Y N 366 
TYR CE2 HE2  sing N N 367 
TYR CZ  OH   sing N N 368 
TYR OH  HH   sing N N 369 
TYR OXT HXT  sing N N 370 
VAL N   CA   sing N N 371 
VAL N   H    sing N N 372 
VAL N   H2   sing N N 373 
VAL CA  C    sing N N 374 
VAL CA  CB   sing N N 375 
VAL CA  HA   sing N N 376 
VAL C   O    doub N N 377 
VAL C   OXT  sing N N 378 
VAL CB  CG1  sing N N 379 
VAL CB  CG2  sing N N 380 
VAL CB  HB   sing N N 381 
VAL CG1 HG11 sing N N 382 
VAL CG1 HG12 sing N N 383 
VAL CG1 HG13 sing N N 384 
VAL CG2 HG21 sing N N 385 
VAL CG2 HG22 sing N N 386 
VAL CG2 HG23 sing N N 387 
VAL OXT HXT  sing N N 388 
# 
_atom_sites.entry_id                    1914 
_atom_sites.fract_transf_matrix[1][1]   -0.00223159 
_atom_sites.fract_transf_matrix[1][2]   -0.00160641 
_atom_sites.fract_transf_matrix[1][3]   0.01422570 
_atom_sites.fract_transf_matrix[2][1]   0.00596118 
_atom_sites.fract_transf_matrix[2][2]   0.01298569 
_atom_sites.fract_transf_matrix[2][3]   0.00240152 
_atom_sites.fract_transf_matrix[3][1]   -0.00993288 
_atom_sites.fract_transf_matrix[3][2]   0.00474876 
_atom_sites.fract_transf_matrix[3][3]   -0.00102193 
_atom_sites.fract_transf_vector[1]      0.719137 
_atom_sites.fract_transf_vector[2]      0.787048 
_atom_sites.fract_transf_vector[3]      0.475502 
# 
loop_
_atom_type.symbol 
C 
N 
O 
P 
S 
# 
loop_
_atom_site.group_PDB 
_atom_site.id 
_atom_site.type_symbol 
_atom_site.label_atom_id 
_atom_site.label_alt_id 
_atom_site.label_comp_id 
_atom_site.label_asym_id 
_atom_site.label_entity_id 
_atom_site.label_seq_id 
_atom_site.pdbx_PDB_ins_code 
_atom_site.Cartn_x 
_atom_site.Cartn_y 
_atom_site.Cartn_z 
_atom_site.occupancy 
_atom_site.B_iso_or_equiv 
_atom_site.pdbx_formal_charge 
_atom_site.auth_seq_id 
_atom_site.auth_comp_id 
_atom_site.auth_asym_id 
_atom_site.auth_atom_id 
_atom_site.pdbx_PDB_model_num 
ATOM   1    N N   . MET A 1 20  ? 18.303  3.489   3.113   1.00 76.20  ? 2001 MET A N   1 
ATOM   2    C CA  . MET A 1 20  ? 17.021  3.739   2.465   1.00 75.69  ? 2001 MET A CA  1 
ATOM   3    C C   . MET A 1 20  ? 17.207  5.084   1.846   1.00 70.40  ? 2001 MET A C   1 
ATOM   4    O O   . MET A 1 20  ? 18.182  5.791   2.067   1.00 74.13  ? 2001 MET A O   1 
ATOM   5    C CB  . MET A 1 20  ? 15.876  3.613   3.472   1.00 76.64  ? 2001 MET A CB  1 
ATOM   6    C CG  . MET A 1 20  ? 14.492  3.709   2.835   1.00 78.98  ? 2001 MET A CG  1 
ATOM   7    S SD  . MET A 1 20  ? 13.180  3.407   4.000   1.00 78.30  ? 2001 MET A SD  1 
ATOM   8    C CE  . MET A 1 20  ? 13.310  1.744   4.616   1.00 82.32  ? 2001 MET A CE  1 
ATOM   9    N N   . VAL A 1 21  ? 16.294  5.470   1.080   1.00 65.67  ? 2002 VAL A N   1 
ATOM   10   C CA  . VAL A 1 21  ? 16.508  6.635   0.302   1.00 60.41  ? 2002 VAL A CA  1 
ATOM   11   C C   . VAL A 1 21  ? 15.153  7.305   0.196   1.00 58.57  ? 2002 VAL A C   1 
ATOM   12   O O   . VAL A 1 21  ? 14.188  6.705   -0.316  1.00 55.42  ? 2002 VAL A O   1 
ATOM   13   C CB  . VAL A 1 21  ? 16.971  6.031   -1.033  1.00 57.64  ? 2002 VAL A CB  1 
ATOM   14   C CG1 . VAL A 1 21  ? 16.875  6.964   -2.209  1.00 61.71  ? 2002 VAL A CG1 1 
ATOM   15   C CG2 . VAL A 1 21  ? 18.408  5.509   -0.979  1.00 50.04  ? 2002 VAL A CG2 1 
ATOM   16   N N   . LEU A 1 22  ? 15.122  8.512   0.744   1.00 59.12  ? 2003 LEU A N   1 
ATOM   17   C CA  . LEU A 1 22  ? 13.960  9.380   0.642   1.00 54.50  ? 2003 LEU A CA  1 
ATOM   18   C C   . LEU A 1 22  ? 14.016  9.943   -0.755  1.00 52.56  ? 2003 LEU A C   1 
ATOM   19   O O   . LEU A 1 22  ? 15.032  10.503  -1.182  1.00 51.74  ? 2003 LEU A O   1 
ATOM   20   C CB  . LEU A 1 22  ? 14.017  10.513  1.675   1.00 53.18  ? 2003 LEU A CB  1 
ATOM   21   C CG  . LEU A 1 22  ? 12.638  10.852  2.255   1.00 54.69  ? 2003 LEU A CG  1 
ATOM   22   C CD1 . LEU A 1 22  ? 11.920  9.617   2.800   1.00 54.47  ? 2003 LEU A CD1 1 
ATOM   23   C CD2 . LEU A 1 22  ? 12.704  11.845  3.416   1.00 64.44  ? 2003 LEU A CD2 1 
ATOM   24   N N   . LEU A 1 23  ? 12.948  9.762   -1.474  1.00 41.38  ? 2004 LEU A N   1 
ATOM   25   C CA  . LEU A 1 23  ? 12.902  10.232  -2.839  1.00 39.17  ? 2004 LEU A CA  1 
ATOM   26   C C   . LEU A 1 23  ? 11.717  11.151  -3.039  1.00 43.83  ? 2004 LEU A C   1 
ATOM   27   O O   . LEU A 1 23  ? 10.896  11.347  -2.130  1.00 44.54  ? 2004 LEU A O   1 
ATOM   28   C CB  . LEU A 1 23  ? 12.783  9.040   -3.791  1.00 30.30  ? 2004 LEU A CB  1 
ATOM   29   C CG  . LEU A 1 23  ? 13.966  8.074   -3.686  1.00 32.51  ? 2004 LEU A CG  1 
ATOM   30   C CD1 . LEU A 1 23  ? 13.848  6.880   -4.631  1.00 33.26  ? 2004 LEU A CD1 1 
ATOM   31   C CD2 . LEU A 1 23  ? 15.305  8.737   -4.014  1.00 43.01  ? 2004 LEU A CD2 1 
ATOM   32   N N   . GLU A 1 24  ? 11.689  11.693  -4.237  1.00 43.28  ? 2005 GLU A N   1 
ATOM   33   C CA  . GLU A 1 24  ? 10.623  12.561  -4.701  1.00 42.09  ? 2005 GLU A CA  1 
ATOM   34   C C   . GLU A 1 24  ? 9.518   11.656  -5.234  1.00 37.86  ? 2005 GLU A C   1 
ATOM   35   O O   . GLU A 1 24  ? 9.727   10.459  -5.466  1.00 33.00  ? 2005 GLU A O   1 
ATOM   36   C CB  . GLU A 1 24  ? 11.167  13.469  -5.807  1.00 50.68  ? 2005 GLU A CB  1 
ATOM   37   C CG  . GLU A 1 24  ? 10.276  14.680  -6.083  1.00 66.49  ? 2005 GLU A CG  1 
ATOM   38   C CD  . GLU A 1 24  ? 10.309  15.720  -4.958  1.00 78.71  ? 2005 GLU A CD  1 
ATOM   39   O OE1 . GLU A 1 24  ? 10.916  15.451  -3.853  1.00 82.74  ? 2005 GLU A OE1 1 
ATOM   40   O OE2 . GLU A 1 24  ? 9.730   16.857  -5.119  1.00 85.70  ? 2005 GLU A OE2 1 
ATOM   41   N N   . SER A 1 25  ? 8.355   12.231  -5.421  1.00 38.09  ? 2006 SER A N   1 
ATOM   42   C CA  . SER A 1 25  ? 7.207   11.474  -5.915  1.00 40.25  ? 2006 SER A CA  1 
ATOM   43   C C   . SER A 1 25  ? 7.586   10.628  -7.131  1.00 45.38  ? 2006 SER A C   1 
ATOM   44   O O   . SER A 1 25  ? 7.472   9.395   -7.117  1.00 51.27  ? 2006 SER A O   1 
ATOM   45   C CB  . SER A 1 25  ? 6.079   12.425  -6.306  1.00 37.83  ? 2006 SER A CB  1 
ATOM   46   O OG  . SER A 1 25  ? 5.325   12.788  -5.158  1.00 47.50  ? 2006 SER A OG  1 
ATOM   47   N N   . GLU A 1 26  ? 8.050   11.309  -8.165  1.00 44.27  ? 2007 GLU A N   1 
ATOM   48   C CA  . GLU A 1 26  ? 8.389   10.667  -9.444  1.00 40.68  ? 2007 GLU A CA  1 
ATOM   49   C C   . GLU A 1 26  ? 9.692   9.852   -9.376  1.00 33.37  ? 2007 GLU A C   1 
ATOM   50   O O   . GLU A 1 26  ? 9.880   8.873   -10.106 1.00 36.84  ? 2007 GLU A O   1 
ATOM   51   C CB  . GLU A 1 26  ? 8.488   11.718  -10.549 1.00 47.78  ? 2007 GLU A CB  1 
ATOM   52   C CG  . GLU A 1 26  ? 7.121   12.049  -11.161 1.00 58.67  ? 2007 GLU A CG  1 
ATOM   53   C CD  . GLU A 1 26  ? 7.154   12.153  -12.690 1.00 66.09  ? 2007 GLU A CD  1 
ATOM   54   O OE1 . GLU A 1 26  ? 8.256   11.952  -13.323 1.00 58.52  ? 2007 GLU A OE1 1 
ATOM   55   O OE2 . GLU A 1 26  ? 6.081   12.445  -13.335 1.00 66.56  ? 2007 GLU A OE2 1 
ATOM   56   N N   . GLN A 1 27  ? 10.616  10.235  -8.514  1.00 36.36  ? 2008 GLN A N   1 
ATOM   57   C CA  . GLN A 1 27  ? 11.870  9.469   -8.390  1.00 30.10  ? 2008 GLN A CA  1 
ATOM   58   C C   . GLN A 1 27  ? 11.565  8.129   -7.712  1.00 33.28  ? 2008 GLN A C   1 
ATOM   59   O O   . GLN A 1 27  ? 12.215  7.107   -7.969  1.00 39.27  ? 2008 GLN A O   1 
ATOM   60   C CB  . GLN A 1 27  ? 12.911  10.231  -7.573  1.00 33.82  ? 2008 GLN A CB  1 
ATOM   61   C CG  . GLN A 1 27  ? 14.213  9.439   -7.361  1.00 43.11  ? 2008 GLN A CG  1 
ATOM   62   C CD  . GLN A 1 27  ? 15.166  9.505   -8.566  1.00 53.03  ? 2008 GLN A CD  1 
ATOM   63   O OE1 . GLN A 1 27  ? 14.832  10.104  -9.582  1.00 63.74  ? 2008 GLN A OE1 1 
ATOM   64   N NE2 . GLN A 1 27  ? 16.346  8.911   -8.496  1.00 49.54  ? 2008 GLN A NE2 1 
ATOM   65   N N   . PHE A 1 28  ? 10.563  8.156   -6.853  1.00 26.57  ? 2009 PHE A N   1 
ATOM   66   C CA  . PHE A 1 28  ? 10.149  6.960   -6.133  1.00 28.06  ? 2009 PHE A CA  1 
ATOM   67   C C   . PHE A 1 28  ? 9.469   5.989   -7.088  1.00 23.47  ? 2009 PHE A C   1 
ATOM   68   O O   . PHE A 1 28  ? 9.738   4.782   -7.053  1.00 17.45  ? 2009 PHE A O   1 
ATOM   69   C CB  . PHE A 1 28  ? 9.197   7.301   -4.988  1.00 24.29  ? 2009 PHE A CB  1 
ATOM   70   C CG  . PHE A 1 28  ? 8.636   6.057   -4.305  1.00 22.32  ? 2009 PHE A CG  1 
ATOM   71   C CD1 . PHE A 1 28  ? 9.396   5.364   -3.351  1.00 27.83  ? 2009 PHE A CD1 1 
ATOM   72   C CD2 . PHE A 1 28  ? 7.360   5.598   -4.638  1.00 16.78  ? 2009 PHE A CD2 1 
ATOM   73   C CE1 . PHE A 1 28  ? 8.878   4.219   -2.735  1.00 15.68  ? 2009 PHE A CE1 1 
ATOM   74   C CE2 . PHE A 1 28  ? 6.841   4.453   -4.025  1.00 21.52  ? 2009 PHE A CE2 1 
ATOM   75   C CZ  . PHE A 1 28  ? 7.598   3.763   -3.074  1.00 28.21  ? 2009 PHE A CZ  1 
ATOM   76   N N   . LEU A 1 29  ? 8.537   6.514   -7.879  1.00 18.70  ? 2010 LEU A N   1 
ATOM   77   C CA  . LEU A 1 29  ? 7.797   5.699   -8.849  1.00 16.09  ? 2010 LEU A CA  1 
ATOM   78   C C   . LEU A 1 29  ? 8.702   4.998   -9.876  1.00 20.35  ? 2010 LEU A C   1 
ATOM   79   O O   . LEU A 1 29  ? 8.402   3.893   -10.346 1.00 32.60  ? 2010 LEU A O   1 
ATOM   80   C CB  . LEU A 1 29  ? 6.734   6.528   -9.565  1.00 9.97   ? 2010 LEU A CB  1 
ATOM   81   C CG  . LEU A 1 29  ? 5.643   7.020   -8.608  1.00 18.06  ? 2010 LEU A CG  1 
ATOM   82   C CD1 . LEU A 1 29  ? 4.651   7.971   -9.274  1.00 12.55  ? 2010 LEU A CD1 1 
ATOM   83   C CD2 . LEU A 1 29  ? 4.810   5.879   -8.025  1.00 9.11   ? 2010 LEU A CD2 1 
ATOM   84   N N   . THR A 1 30  ? 9.813   5.613   -10.230 1.00 18.15  ? 2011 THR A N   1 
ATOM   85   C CA  . THR A 1 30  ? 10.728  5.015   -11.222 1.00 28.18  ? 2011 THR A CA  1 
ATOM   86   C C   . THR A 1 30  ? 11.588  3.912   -10.583 1.00 28.43  ? 2011 THR A C   1 
ATOM   87   O O   . THR A 1 30  ? 11.947  2.918   -11.233 1.00 41.16  ? 2011 THR A O   1 
ATOM   88   C CB  . THR A 1 30  ? 11.659  6.087   -11.814 1.00 34.30  ? 2011 THR A CB  1 
ATOM   89   O OG1 . THR A 1 30  ? 12.488  6.630   -10.795 1.00 55.57  ? 2011 THR A OG1 1 
ATOM   90   C CG2 . THR A 1 30  ? 10.899  7.253   -12.452 1.00 21.71  ? 2011 THR A CG2 1 
ATOM   91   N N   . GLU A 1 31  ? 11.867  4.139   -9.313  1.00 33.06  ? 2012 GLU A N   1 
ATOM   92   C CA  . GLU A 1 31  ? 12.725  3.291   -8.466  1.00 32.60  ? 2012 GLU A CA  1 
ATOM   93   C C   . GLU A 1 31  ? 12.019  2.017   -8.022  1.00 21.17  ? 2012 GLU A C   1 
ATOM   94   O O   . GLU A 1 31  ? 12.678  0.981   -7.738  1.00 33.08  ? 2012 GLU A O   1 
ATOM   95   C CB  . GLU A 1 31  ? 13.100  4.097   -7.222  1.00 36.39  ? 2012 GLU A CB  1 
ATOM   96   C CG  . GLU A 1 31  ? 14.172  3.439   -6.369  1.00 38.28  ? 2012 GLU A CG  1 
ATOM   97   C CD  . GLU A 1 31  ? 15.544  3.431   -7.041  1.00 53.23  ? 2012 GLU A CD  1 
ATOM   98   O OE1 . GLU A 1 31  ? 15.684  3.937   -8.213  1.00 43.88  ? 2012 GLU A OE1 1 
ATOM   99   O OE2 . GLU A 1 31  ? 16.546  2.912   -6.429  1.00 51.07  ? 2012 GLU A OE2 1 
ATOM   100  N N   . LEU A 1 32  ? 10.646  2.260   -7.899  1.00 23.66  ? 2013 LEU A N   1 
ATOM   101  C CA  . LEU A 1 32  ? 9.673   1.213   -7.536  1.00 31.17  ? 2013 LEU A CA  1 
ATOM   102  C C   . LEU A 1 32  ? 9.555   0.274   -8.730  1.00 27.42  ? 2013 LEU A C   1 
ATOM   103  O O   . LEU A 1 32  ? 9.720   -0.944  -8.595  1.00 31.86  ? 2013 LEU A O   1 
ATOM   104  C CB  . LEU A 1 32  ? 8.310   1.819   -7.203  1.00 28.83  ? 2013 LEU A CB  1 
ATOM   105  C CG  . LEU A 1 32  ? 7.304   0.776   -6.697  1.00 23.87  ? 2013 LEU A CG  1 
ATOM   106  C CD1 . LEU A 1 32  ? 7.811   -0.002  -5.480  1.00 27.01  ? 2013 LEU A CD1 1 
ATOM   107  C CD2 . LEU A 1 32  ? 5.969   1.387   -6.273  1.00 17.87  ? 2013 LEU A CD2 1 
ATOM   108  N N   . THR A 1 33  ? 9.350   0.870   -9.909  1.00 38.13  ? 2014 THR A N   1 
ATOM   109  C CA  . THR A 1 33  ? 9.220   0.146   -11.164 1.00 31.96  ? 2014 THR A CA  1 
ATOM   110  C C   . THR A 1 33  ? 10.433  -0.754  -11.338 1.00 32.87  ? 2014 THR A C   1 
ATOM   111  O O   . THR A 1 33  ? 10.297  -1.924  -11.667 1.00 38.31  ? 2014 THR A O   1 
ATOM   112  C CB  . THR A 1 33  ? 9.121   1.118   -12.358 1.00 40.14  ? 2014 THR A CB  1 
ATOM   113  O OG1 . THR A 1 33  ? 8.044   2.042   -12.133 1.00 34.37  ? 2014 THR A OG1 1 
ATOM   114  C CG2 . THR A 1 33  ? 8.851   0.341   -13.653 1.00 37.68  ? 2014 THR A CG2 1 
ATOM   115  N N   . ARG A 1 34  ? 11.613  -0.219  -11.044 1.00 31.25  ? 2015 ARG A N   1 
ATOM   116  C CA  . ARG A 1 34  ? 12.841  -0.987  -11.148 1.00 29.27  ? 2015 ARG A CA  1 
ATOM   117  C C   . ARG A 1 34  ? 12.899  -2.157  -10.173 1.00 31.16  ? 2015 ARG A C   1 
ATOM   118  O O   . ARG A 1 34  ? 13.560  -3.158  -10.461 1.00 28.73  ? 2015 ARG A O   1 
ATOM   119  C CB  . ARG A 1 34  ? 14.071  -0.100  -10.961 1.00 39.99  ? 2015 ARG A CB  1 
ATOM   120  C CG  . ARG A 1 34  ? 14.276  0.896   -12.068 1.00 46.82  ? 2015 ARG A CG  1 
ATOM   121  C CD  . ARG A 1 34  ? 15.551  1.663   -11.816 1.00 65.08  ? 2015 ARG A CD  1 
ATOM   122  N NE  . ARG A 1 34  ? 15.670  2.835   -12.681 1.00 77.80  ? 2015 ARG A NE  1 
ATOM   123  C CZ  . ARG A 1 34  ? 16.701  3.679   -12.659 1.00 81.57  ? 2015 ARG A CZ  1 
ATOM   124  N NH1 . ARG A 1 34  ? 17.707  3.484   -11.816 1.00 83.11  ? 2015 ARG A NH1 1 
ATOM   125  N NH2 . ARG A 1 34  ? 16.744  4.702   -13.510 1.00 82.89  ? 2015 ARG A NH2 1 
ATOM   126  N N   . LEU A 1 35  ? 12.256  -2.007  -9.006  1.00 33.18  ? 2016 LEU A N   1 
ATOM   127  C CA  . LEU A 1 35  ? 12.204  -3.065  -7.991  1.00 29.63  ? 2016 LEU A CA  1 
ATOM   128  C C   . LEU A 1 35  ? 11.368  -4.204  -8.522  1.00 25.09  ? 2016 LEU A C   1 
ATOM   129  O O   . LEU A 1 35  ? 11.744  -5.356  -8.412  1.00 22.11  ? 2016 LEU A O   1 
ATOM   130  C CB  . LEU A 1 35  ? 11.554  -2.573  -6.687  1.00 33.07  ? 2016 LEU A CB  1 
ATOM   131  C CG  . LEU A 1 35  ? 12.369  -1.704  -5.741  1.00 41.16  ? 2016 LEU A CG  1 
ATOM   132  C CD1 . LEU A 1 35  ? 11.612  -1.547  -4.461  1.00 18.99  ? 2016 LEU A CD1 1 
ATOM   133  C CD2 . LEU A 1 35  ? 13.713  -2.335  -5.487  1.00 25.74  ? 2016 LEU A CD2 1 
ATOM   134  N N   . PHE A 1 36  ? 10.200  -3.855  -9.048  1.00 21.60  ? 2017 PHE A N   1 
ATOM   135  C CA  . PHE A 1 36  ? 9.293   -4.826  -9.631  1.00 24.55  ? 2017 PHE A CA  1 
ATOM   136  C C   . PHE A 1 36  ? 9.985   -5.561  -10.770 1.00 33.65  ? 2017 PHE A C   1 
ATOM   137  O O   . PHE A 1 36  ? 9.880   -6.788  -10.881 1.00 36.32  ? 2017 PHE A O   1 
ATOM   138  C CB  . PHE A 1 36  ? 8.064   -4.121  -10.174 1.00 14.05  ? 2017 PHE A CB  1 
ATOM   139  C CG  . PHE A 1 36  ? 6.946   -3.971  -9.171  1.00 30.36  ? 2017 PHE A CG  1 
ATOM   140  C CD1 . PHE A 1 36  ? 6.380   -5.096  -8.538  1.00 20.79  ? 2017 PHE A CD1 1 
ATOM   141  C CD2 . PHE A 1 36  ? 6.410   -2.716  -8.906  1.00 27.63  ? 2017 PHE A CD2 1 
ATOM   142  C CE1 . PHE A 1 36  ? 5.289   -4.954  -7.664  1.00 22.23  ? 2017 PHE A CE1 1 
ATOM   143  C CE2 . PHE A 1 36  ? 5.327   -2.569  -8.039  1.00 31.62  ? 2017 PHE A CE2 1 
ATOM   144  C CZ  . PHE A 1 36  ? 4.765   -3.692  -7.420  1.00 15.15  ? 2017 PHE A CZ  1 
ATOM   145  N N   . GLN A 1 37  ? 10.752  -4.822  -11.572 1.00 33.22  ? 2018 GLN A N   1 
ATOM   146  C CA  . GLN A 1 37  ? 11.449  -5.418  -12.693 1.00 27.23  ? 2018 GLN A CA  1 
ATOM   147  C C   . GLN A 1 37  ? 12.555  -6.400  -12.290 1.00 27.69  ? 2018 GLN A C   1 
ATOM   148  O O   . GLN A 1 37  ? 12.757  -7.432  -12.944 1.00 29.20  ? 2018 GLN A O   1 
ATOM   149  C CB  . GLN A 1 37  ? 11.974  -4.343  -13.646 1.00 39.42  ? 2018 GLN A CB  1 
ATOM   150  C CG  . GLN A 1 37  ? 10.992  -4.028  -14.781 1.00 30.10  ? 2018 GLN A CG  1 
ATOM   151  C CD  . GLN A 1 37  ? 11.127  -2.598  -15.312 1.00 24.22  ? 2018 GLN A CD  1 
ATOM   152  O OE1 . GLN A 1 37  ? 12.233  -2.079  -15.406 1.00 29.35  ? 2018 GLN A OE1 1 
ATOM   153  N NE2 . GLN A 1 37  ? 10.041  -1.935  -15.670 1.00 37.84  ? 2018 GLN A NE2 1 
ATOM   154  N N   . LYS A 1 38  ? 13.255  -6.129  -11.207 1.00 28.56  ? 2019 LYS A N   1 
ATOM   155  C CA  . LYS A 1 38  ? 14.369  -6.959  -10.780 1.00 32.86  ? 2019 LYS A CA  1 
ATOM   156  C C   . LYS A 1 38  ? 13.885  -8.222  -10.075 1.00 38.82  ? 2019 LYS A C   1 
ATOM   157  O O   . LYS A 1 38  ? 14.668  -9.183  -9.857  1.00 32.15  ? 2019 LYS A O   1 
ATOM   158  C CB  . LYS A 1 38  ? 15.305  -6.162  -9.868  1.00 42.93  ? 2019 LYS A CB  1 
ATOM   159  C CG  . LYS A 1 38  ? 16.506  -6.949  -9.372  1.00 62.90  ? 2019 LYS A CG  1 
ATOM   160  C CD  . LYS A 1 38  ? 17.389  -6.099  -8.474  1.00 75.76  ? 2019 LYS A CD  1 
ATOM   161  C CE  . LYS A 1 38  ? 18.596  -6.883  -7.987  1.00 80.76  ? 2019 LYS A CE  1 
ATOM   162  N NZ  . LYS A 1 38  ? 19.483  -6.055  -7.121  1.00 84.16  ? 2019 LYS A NZ  1 
ATOM   163  N N   . CYS A 1 39  ? 12.619  -8.290  -9.686  1.00 40.61  ? 2020 CYS A N   1 
ATOM   164  C CA  . CYS A 1 39  ? 12.078  -9.453  -8.938  1.00 43.06  ? 2020 CYS A CA  1 
ATOM   165  C C   . CYS A 1 39  ? 11.055  -10.249 -9.744  1.00 45.99  ? 2020 CYS A C   1 
ATOM   166  O O   . CYS A 1 39  ? 9.978   -10.602 -9.245  1.00 52.11  ? 2020 CYS A O   1 
ATOM   167  C CB  . CYS A 1 39  ? 11.358  -8.986  -7.671  1.00 34.73  ? 2020 CYS A CB  1 
ATOM   168  S SG  . CYS A 1 39  ? 12.403  -7.899  -6.594  1.00 38.26  ? 2020 CYS A SG  1 
ATOM   169  N N   . ARG A 1 40  ? 11.405  -10.540 -10.978 1.00 49.62  ? 2021 ARG A N   1 
ATOM   170  C CA  . ARG A 1 40  ? 10.508  -11.274 -11.872 1.00 46.50  ? 2021 ARG A CA  1 
ATOM   171  C C   . ARG A 1 40  ? 10.910  -12.728 -11.987 1.00 44.65  ? 2021 ARG A C   1 
ATOM   172  O O   . ARG A 1 40  ? 10.062  -13.626 -12.079 1.00 45.36  ? 2021 ARG A O   1 
ATOM   173  C CB  . ARG A 1 40  ? 10.535  -10.657 -13.258 1.00 41.25  ? 2021 ARG A CB  1 
ATOM   174  C CG  . ARG A 1 40  ? 9.167   -10.149 -13.679 1.00 43.29  ? 2021 ARG A CG  1 
ATOM   175  C CD  . ARG A 1 40  ? 9.246   -8.934  -14.588 1.00 41.99  ? 2021 ARG A CD  1 
ATOM   176  N NE  . ARG A 1 40  ? 8.127   -8.876  -15.532 1.00 36.86  ? 2021 ARG A NE  1 
ATOM   177  C CZ  . ARG A 1 40  ? 6.843   -8.809  -15.160 1.00 47.34  ? 2021 ARG A CZ  1 
ATOM   178  N NH1 . ARG A 1 40  ? 6.502   -8.783  -13.869 1.00 55.34  ? 2021 ARG A NH1 1 
ATOM   179  N NH2 . ARG A 1 40  ? 5.826   -8.762  -16.025 1.00 52.51  ? 2021 ARG A NH2 1 
ATOM   180  N N   . SER A 1 41  ? 12.205  -12.934 -11.998 1.00 43.70  ? 2022 SER A N   1 
ATOM   181  C CA  . SER A 1 41  ? 12.755  -14.276 -12.075 1.00 45.27  ? 2022 SER A CA  1 
ATOM   182  C C   . SER A 1 41  ? 12.769  -14.863 -10.676 1.00 46.58  ? 2022 SER A C   1 
ATOM   183  O O   . SER A 1 41  ? 12.805  -16.089 -10.499 1.00 48.09  ? 2022 SER A O   1 
ATOM   184  C CB  . SER A 1 41  ? 14.164  -14.239 -12.664 1.00 41.09  ? 2022 SER A CB  1 
ATOM   185  O OG  . SER A 1 41  ? 14.962  -13.303 -11.964 1.00 55.56  ? 2022 SER A OG  1 
ATOM   186  N N   . SER A 1 42  ? 12.732  -13.958 -9.704  1.00 42.59  ? 2023 SER A N   1 
ATOM   187  C CA  . SER A 1 42  ? 12.724  -14.362 -8.302  1.00 35.75  ? 2023 SER A CA  1 
ATOM   188  C C   . SER A 1 42  ? 12.608  -13.191 -7.322  1.00 37.58  ? 2023 SER A C   1 
ATOM   189  O O   . SER A 1 42  ? 12.918  -12.042 -7.651  1.00 28.86  ? 2023 SER A O   1 
ATOM   190  C CB  . SER A 1 42  ? 14.003  -15.129 -7.966  1.00 29.75  ? 2023 SER A CB  1 
ATOM   191  O OG  . SER A 1 42  ? 15.097  -14.234 -7.849  1.00 43.36  ? 2023 SER A OG  1 
ATOM   192  N N   . GLY A 1 43  ? 12.184  -13.508 -6.103  1.00 41.80  ? 2024 GLY A N   1 
ATOM   193  C CA  . GLY A 1 43  ? 12.045  -12.491 -5.079  1.00 33.99  ? 2024 GLY A CA  1 
ATOM   194  C C   . GLY A 1 43  ? 10.651  -11.906 -4.989  1.00 41.75  ? 2024 GLY A C   1 
ATOM   195  O O   . GLY A 1 43  ? 9.740   -12.274 -5.745  1.00 37.58  ? 2024 GLY A O   1 
ATOM   196  N N   . SER A 1 44  ? 10.493  -10.971 -4.061  1.00 39.62  ? 2025 SER A N   1 
ATOM   197  C CA  . SER A 1 44  ? 9.215   -10.326 -3.852  1.00 33.56  ? 2025 SER A CA  1 
ATOM   198  C C   . SER A 1 44  ? 9.429   -8.865  -3.625  1.00 30.10  ? 2025 SER A C   1 
ATOM   199  O O   . SER A 1 44  ? 10.501  -8.429  -3.216  1.00 30.98  ? 2025 SER A O   1 
ATOM   200  C CB  . SER A 1 44  ? 8.516   -10.915 -2.627  1.00 27.46  ? 2025 SER A CB  1 
ATOM   201  O OG  . SER A 1 44  ? 9.334   -11.899 -2.041  1.00 29.91  ? 2025 SER A OG  1 
ATOM   202  N N   . VAL A 1 45  ? 8.401   -8.100  -3.924  1.00 22.98  ? 2026 VAL A N   1 
ATOM   203  C CA  . VAL A 1 45  ? 8.467   -6.681  -3.697  1.00 28.59  ? 2026 VAL A CA  1 
ATOM   204  C C   . VAL A 1 45  ? 7.523   -6.357  -2.551  1.00 18.64  ? 2026 VAL A C   1 
ATOM   205  O O   . VAL A 1 45  ? 6.353   -6.718  -2.593  1.00 25.67  ? 2026 VAL A O   1 
ATOM   206  C CB  . VAL A 1 45  ? 8.059   -5.888  -4.970  1.00 24.67  ? 2026 VAL A CB  1 
ATOM   207  C CG1 . VAL A 1 45  ? 8.027   -4.372  -4.682  1.00 22.30  ? 2026 VAL A CG1 1 
ATOM   208  C CG2 . VAL A 1 45  ? 9.055   -6.170  -6.078  1.00 23.11  ? 2026 VAL A CG2 1 
ATOM   209  N N   . PHE A 1 46  ? 8.053   -5.746  -1.499  1.00 20.78  ? 2027 PHE A N   1 
ATOM   210  C CA  . PHE A 1 46  ? 7.215   -5.344  -0.363  1.00 23.36  ? 2027 PHE A CA  1 
ATOM   211  C C   . PHE A 1 46  ? 7.033   -3.832  -0.424  1.00 20.45  ? 2027 PHE A C   1 
ATOM   212  O O   . PHE A 1 46  ? 7.979   -3.109  -0.700  1.00 21.06  ? 2027 PHE A O   1 
ATOM   213  C CB  . PHE A 1 46  ? 7.868   -5.676  0.985   1.00 24.10  ? 2027 PHE A CB  1 
ATOM   214  C CG  . PHE A 1 46  ? 8.065   -7.135  1.234   1.00 22.49  ? 2027 PHE A CG  1 
ATOM   215  C CD1 . PHE A 1 46  ? 9.252   -7.762  0.852   1.00 24.26  ? 2027 PHE A CD1 1 
ATOM   216  C CD2 . PHE A 1 46  ? 7.097   -7.876  1.933   1.00 27.26  ? 2027 PHE A CD2 1 
ATOM   217  C CE1 . PHE A 1 46  ? 9.478   -9.116  1.156   1.00 25.57  ? 2027 PHE A CE1 1 
ATOM   218  C CE2 . PHE A 1 46  ? 7.315   -9.214  2.243   1.00 18.22  ? 2027 PHE A CE2 1 
ATOM   219  C CZ  . PHE A 1 46  ? 8.512   -9.837  1.853   1.00 24.06  ? 2027 PHE A CZ  1 
ATOM   220  N N   . ILE A 1 47  ? 5.824   -3.385  -0.107  1.00 14.82  ? 2028 ILE A N   1 
ATOM   221  C CA  . ILE A 1 47  ? 5.466   -1.987  -0.085  1.00 22.25  ? 2028 ILE A CA  1 
ATOM   222  C C   . ILE A 1 47  ? 4.724   -1.707  1.231   1.00 26.83  ? 2028 ILE A C   1 
ATOM   223  O O   . ILE A 1 47  ? 3.710   -2.330  1.510   1.00 32.45  ? 2028 ILE A O   1 
ATOM   224  C CB  . ILE A 1 47  ? 4.503   -1.630  -1.267  1.00 18.50  ? 2028 ILE A CB  1 
ATOM   225  C CG1 . ILE A 1 47  ? 5.141   -1.935  -2.617  1.00 14.54  ? 2028 ILE A CG1 1 
ATOM   226  C CG2 . ILE A 1 47  ? 4.152   -0.166  -1.248  1.00 9.11   ? 2028 ILE A CG2 1 
ATOM   227  C CD1 . ILE A 1 47  ? 4.222   -1.561  -3.781  1.00 13.54  ? 2028 ILE A CD1 1 
ATOM   228  N N   . THR A 1 48  ? 5.226   -0.779  2.043   1.00 29.85  ? 2029 THR A N   1 
ATOM   229  C CA  . THR A 1 48  ? 4.533   -0.434  3.284   1.00 20.54  ? 2029 THR A CA  1 
ATOM   230  C C   . THR A 1 48  ? 4.043   1.005   3.270   1.00 22.26  ? 2029 THR A C   1 
ATOM   231  O O   . THR A 1 48  ? 4.717   1.897   2.784   1.00 31.13  ? 2029 THR A O   1 
ATOM   232  C CB  . THR A 1 48  ? 5.366   -0.706  4.545   1.00 25.84  ? 2029 THR A CB  1 
ATOM   233  O OG1 . THR A 1 48  ? 6.536   0.121   4.543   1.00 24.74  ? 2029 THR A OG1 1 
ATOM   234  C CG2 . THR A 1 48  ? 5.764   -2.183  4.598   1.00 15.06  ? 2029 THR A CG2 1 
ATOM   235  N N   . LEU A 1 49  ? 2.838   1.197   3.778   1.00 26.38  ? 2030 LEU A N   1 
ATOM   236  C CA  . LEU A 1 49  ? 2.198   2.491   3.854   1.00 26.73  ? 2030 LEU A CA  1 
ATOM   237  C C   . LEU A 1 49  ? 1.871   2.772   5.329   1.00 32.13  ? 2030 LEU A C   1 
ATOM   238  O O   . LEU A 1 49  ? 1.559   1.844   6.086   1.00 31.64  ? 2030 LEU A O   1 
ATOM   239  C CB  . LEU A 1 49  ? 0.928   2.446   3.006   1.00 27.91  ? 2030 LEU A CB  1 
ATOM   240  C CG  . LEU A 1 49  ? 0.069   3.692   2.954   1.00 35.62  ? 2030 LEU A CG  1 
ATOM   241  C CD1 . LEU A 1 49  ? 0.871   4.884   2.406   1.00 31.65  ? 2030 LEU A CD1 1 
ATOM   242  C CD2 . LEU A 1 49  ? -1.156  3.383   2.106   1.00 29.64  ? 2030 LEU A CD2 1 
ATOM   243  N N   . LYS A 1 50  ? 1.969   4.041   5.739   1.00 35.18  ? 2031 LYS A N   1 
ATOM   244  C CA  . LYS A 1 50  ? 1.678   4.442   7.128   1.00 33.00  ? 2031 LYS A CA  1 
ATOM   245  C C   . LYS A 1 50  ? 1.549   5.952   7.331   1.00 30.07  ? 2031 LYS A C   1 
ATOM   246  O O   . LYS A 1 50  ? 2.262   6.715   6.696   1.00 26.87  ? 2031 LYS A O   1 
ATOM   247  C CB  . LYS A 1 50  ? 2.769   3.905   8.069   1.00 30.87  ? 2031 LYS A CB  1 
ATOM   248  C CG  . LYS A 1 50  ? 2.335   3.866   9.526   1.00 20.26  ? 2031 LYS A CG  1 
ATOM   249  C CD  . LYS A 1 50  ? 3.153   2.901   10.309  1.00 22.73  ? 2031 LYS A CD  1 
ATOM   250  C CE  . LYS A 1 50  ? 2.634   2.788   11.744  1.00 29.78  ? 2031 LYS A CE  1 
ATOM   251  N NZ  . LYS A 1 50  ? 3.702   2.377   12.698  1.00 20.94  ? 2031 LYS A NZ  1 
ATOM   252  N N   . LYS A 1 51  ? 0.623   6.370   8.201   1.00 32.51  ? 2032 LYS A N   1 
ATOM   253  C CA  . LYS A 1 51  ? 0.437   7.793   8.532   1.00 25.71  ? 2032 LYS A CA  1 
ATOM   254  C C   . LYS A 1 51  ? 1.765   8.290   9.139   1.00 34.34  ? 2032 LYS A C   1 
ATOM   255  O O   . LYS A 1 51  ? 2.459   7.536   9.832   1.00 32.71  ? 2032 LYS A O   1 
ATOM   256  C CB  . LYS A 1 51  ? -0.662  7.959   9.571   1.00 14.85  ? 2032 LYS A CB  1 
ATOM   257  C CG  . LYS A 1 51  ? -1.973  8.472   9.086   1.00 18.96  ? 2032 LYS A CG  1 
ATOM   258  C CD  . LYS A 1 51  ? -2.030  9.960   9.191   1.00 30.55  ? 2032 LYS A CD  1 
ATOM   259  C CE  . LYS A 1 51  ? -3.075  10.405  10.185  1.00 29.64  ? 2032 LYS A CE  1 
ATOM   260  N NZ  . LYS A 1 51  ? -4.469  10.173  9.735   1.00 28.63  ? 2032 LYS A NZ  1 
ATOM   261  N N   . TYR A 1 52  ? 2.081   9.561   8.917   1.00 38.41  ? 2033 TYR A N   1 
ATOM   262  C CA  . TYR A 1 52  ? 3.327   10.155  9.396   1.00 49.49  ? 2033 TYR A CA  1 
ATOM   263  C C   . TYR A 1 52  ? 3.111   11.609  9.841   1.00 54.81  ? 2033 TYR A C   1 
ATOM   264  O O   . TYR A 1 52  ? 2.316   12.332  9.245   1.00 43.87  ? 2033 TYR A O   1 
ATOM   265  C CB  . TYR A 1 52  ? 4.375   10.031  8.267   1.00 58.55  ? 2033 TYR A CB  1 
ATOM   266  C CG  . TYR A 1 52  ? 5.550   10.987  8.295   1.00 69.48  ? 2033 TYR A CG  1 
ATOM   267  C CD1 . TYR A 1 52  ? 5.418   12.302  7.836   1.00 71.48  ? 2033 TYR A CD1 1 
ATOM   268  C CD2 . TYR A 1 52  ? 6.801   10.570  8.746   1.00 71.18  ? 2033 TYR A CD2 1 
ATOM   269  C CE1 . TYR A 1 52  ? 6.495   13.177  7.830   1.00 75.24  ? 2033 TYR A CE1 1 
ATOM   270  C CE2 . TYR A 1 52  ? 7.894   11.444  8.741   1.00 74.03  ? 2033 TYR A CE2 1 
ATOM   271  C CZ  . TYR A 1 52  ? 7.732   12.743  8.282   1.00 75.73  ? 2033 TYR A CZ  1 
ATOM   272  O OH  . TYR A 1 52  ? 8.800   13.619  8.286   1.00 86.03  ? 2033 TYR A OH  1 
ATOM   273  N N   . ASP A 1 53  ? 3.802   12.011  10.910  1.00 66.80  ? 2034 ASP A N   1 
ATOM   274  C CA  . ASP A 1 53  ? 3.711   13.375  11.459  1.00 75.82  ? 2034 ASP A CA  1 
ATOM   275  C C   . ASP A 1 53  ? 4.878   14.241  10.953  1.00 77.31  ? 2034 ASP A C   1 
ATOM   276  O O   . ASP A 1 53  ? 6.045   13.916  11.258  1.00 82.63  ? 2034 ASP A O   1 
ATOM   277  C CB  . ASP A 1 53  ? 3.713   13.314  12.999  1.00 80.37  ? 2034 ASP A CB  1 
ATOM   278  C CG  . ASP A 1 53  ? 3.390   14.659  13.657  1.00 88.43  ? 2034 ASP A CG  1 
ATOM   279  O OD1 . ASP A 1 53  ? 3.409   15.707  12.980  1.00 91.73  ? 2034 ASP A OD1 1 
ATOM   280  O OD2 . ASP A 1 53  ? 3.116   14.668  14.877  1.00 91.75  ? 2034 ASP A OD2 1 
ATOM   281  N N   . GLU A 1 66  ? 7.042   33.024  8.084   1.00 100.00 ? 2047 GLU A N   1 
ATOM   282  C CA  . GLU A 1 66  ? 6.724   32.207  9.247   1.00 100.00 ? 2047 GLU A CA  1 
ATOM   283  C C   . GLU A 1 66  ? 5.189   32.684  9.213   1.00 98.98  ? 2047 GLU A C   1 
ATOM   284  O O   . GLU A 1 66  ? 4.583   32.813  8.134   1.00 99.47  ? 2047 GLU A O   1 
ATOM   285  C CB  . GLU A 1 66  ? 7.513   30.897  9.214   1.00 100.00 ? 2047 GLU A CB  1 
ATOM   286  C CG  . GLU A 1 66  ? 7.220   30.041  7.982   1.00 100.00 ? 2047 GLU A CG  1 
ATOM   287  C CD  . GLU A 1 66  ? 8.028   28.743  7.966   1.00 100.00 ? 2047 GLU A CD  1 
ATOM   288  O OE1 . GLU A 1 66  ? 8.841   28.476  8.932   1.00 100.00 ? 2047 GLU A OE1 1 
ATOM   289  O OE2 . GLU A 1 66  ? 7.897   27.914  6.987   1.00 100.00 ? 2047 GLU A OE2 1 
ATOM   290  N N   . GLY A 1 67  ? 4.189   32.906  10.028  1.00 97.46  ? 2048 GLY A N   1 
ATOM   291  C CA  . GLY A 1 67  ? 2.836   33.186  9.246   1.00 92.57  ? 2048 GLY A CA  1 
ATOM   292  C C   . GLY A 1 67  ? 1.663   32.153  9.549   1.00 87.99  ? 2048 GLY A C   1 
ATOM   293  O O   . GLY A 1 67  ? 0.497   32.320  9.106   1.00 88.08  ? 2048 GLY A O   1 
ATOM   294  N N   . LEU A 1 68  ? 2.025   31.096  10.262  1.00 80.17  ? 2049 LEU A N   1 
ATOM   295  C CA  . LEU A 1 68  ? 1.088   30.178  10.975  1.00 70.38  ? 2049 LEU A CA  1 
ATOM   296  C C   . LEU A 1 68  ? 0.111   29.306  10.157  1.00 69.63  ? 2049 LEU A C   1 
ATOM   297  O O   . LEU A 1 68  ? -1.120  29.414  10.301  1.00 58.60  ? 2049 LEU A O   1 
ATOM   298  C CB  . LEU A 1 68  ? 0.280   31.063  11.911  1.00 62.17  ? 2049 LEU A CB  1 
ATOM   299  C CG  . LEU A 1 68  ? 1.003   32.403  12.142  1.00 45.59  ? 2049 LEU A CG  1 
ATOM   300  C CD1 . LEU A 1 68  ? 0.182   33.622  11.723  1.00 37.25  ? 2049 LEU A CD1 1 
ATOM   301  C CD2 . LEU A 1 68  ? 1.389   32.639  13.602  1.00 40.99  ? 2049 LEU A CD2 1 
ATOM   302  N N   . GLU A 1 69  ? 0.679   28.421  9.351   1.00 74.12  ? 2050 GLU A N   1 
ATOM   303  C CA  . GLU A 1 69  ? -0.102  27.508  8.489   1.00 76.53  ? 2050 GLU A CA  1 
ATOM   304  C C   . GLU A 1 69  ? -0.465  26.211  9.236   1.00 74.51  ? 2050 GLU A C   1 
ATOM   305  O O   . GLU A 1 69  ? 0.359   25.654  9.982   1.00 68.77  ? 2050 GLU A O   1 
ATOM   306  C CB  . GLU A 1 69  ? 0.696   27.161  7.233   1.00 85.45  ? 2050 GLU A CB  1 
ATOM   307  C CG  . GLU A 1 69  ? 0.739   28.311  6.220   1.00 87.02  ? 2050 GLU A CG  1 
ATOM   308  C CD  . GLU A 1 69  ? -0.625  28.978  6.003   1.00 91.46  ? 2050 GLU A CD  1 
ATOM   309  O OE1 . GLU A 1 69  ? -1.700  28.413  6.441   1.00 95.21  ? 2050 GLU A OE1 1 
ATOM   310  O OE2 . GLU A 1 69  ? -0.701  30.107  5.381   1.00 87.66  ? 2050 GLU A OE2 1 
ATOM   311  N N   . PRO A 1 70  ? -1.709  25.756  9.027   1.00 76.32  ? 2051 PRO A N   1 
ATOM   312  C CA  . PRO A 1 70  ? -2.273  24.560  9.668   1.00 77.40  ? 2051 PRO A CA  1 
ATOM   313  C C   . PRO A 1 70  ? -1.613  23.236  9.376   1.00 79.41  ? 2051 PRO A C   1 
ATOM   314  O O   . PRO A 1 70  ? -2.277  22.175  9.560   1.00 83.48  ? 2051 PRO A O   1 
ATOM   315  C CB  . PRO A 1 70  ? -3.696  24.509  9.158   1.00 73.48  ? 2051 PRO A CB  1 
ATOM   316  C CG  . PRO A 1 70  ? -3.905  25.690  8.221   1.00 79.08  ? 2051 PRO A CG  1 
ATOM   317  C CD  . PRO A 1 70  ? -2.634  26.466  8.135   1.00 77.37  ? 2051 PRO A CD  1 
ATOM   318  N N   . ALA A 1 71  ? -0.402  23.261  8.855   1.00 79.28  ? 2052 ALA A N   1 
ATOM   319  C CA  . ALA A 1 71  ? 0.449   22.046  8.938   1.00 80.65  ? 2052 ALA A CA  1 
ATOM   320  C C   . ALA A 1 71  ? 0.668   21.017  7.792   1.00 81.82  ? 2052 ALA A C   1 
ATOM   321  O O   . ALA A 1 71  ? 1.766   20.848  7.403   1.00 82.55  ? 2052 ALA A O   1 
ATOM   322  C CB  . ALA A 1 71  ? -0.008  21.168  10.069  1.00 83.56  ? 2052 ALA A CB  1 
ATOM   323  N N   . GLU A 1 72  ? -0.231  20.153  7.317   1.00 73.68  ? 2053 GLU A N   1 
ATOM   324  C CA  . GLU A 1 72  ? 0.266   19.274  6.259   1.00 67.72  ? 2053 GLU A CA  1 
ATOM   325  C C   . GLU A 1 72  ? 0.263   17.812  6.704   1.00 60.72  ? 2053 GLU A C   1 
ATOM   326  O O   . GLU A 1 72  ? 1.246   17.254  7.257   1.00 57.81  ? 2053 GLU A O   1 
ATOM   327  C CB  . GLU A 1 72  ? 1.670   19.646  5.760   1.00 78.21  ? 2053 GLU A CB  1 
ATOM   328  C CG  . GLU A 1 72  ? 1.754   21.119  5.260   1.00 83.40  ? 2053 GLU A CG  1 
ATOM   329  C CD  . GLU A 1 72  ? 3.162   21.507  4.882   1.00 83.41  ? 2053 GLU A CD  1 
ATOM   330  O OE1 . GLU A 1 72  ? 4.075   20.666  5.022   1.00 80.38  ? 2053 GLU A OE1 1 
ATOM   331  O OE2 . GLU A 1 72  ? 3.352   22.654  4.426   1.00 85.92  ? 2053 GLU A OE2 1 
ATOM   332  N N   . ASN A 1 73  ? -0.826  17.124  6.363   1.00 54.61  ? 2054 ASN A N   1 
ATOM   333  C CA  . ASN A 1 73  ? -1.021  15.709  6.694   1.00 48.95  ? 2054 ASN A CA  1 
ATOM   334  C C   . ASN A 1 73  ? -0.315  14.807  5.685   1.00 35.74  ? 2054 ASN A C   1 
ATOM   335  O O   . ASN A 1 73  ? -0.362  15.060  4.484   1.00 34.82  ? 2054 ASN A O   1 
ATOM   336  C CB  . ASN A 1 73  ? -2.507  15.364  6.731   1.00 54.60  ? 2054 ASN A CB  1 
ATOM   337  C CG  . ASN A 1 73  ? -2.920  14.737  8.072   1.00 55.75  ? 2054 ASN A CG  1 
ATOM   338  O OD1 . ASN A 1 73  ? -2.150  13.977  8.652   1.00 57.22  ? 2054 ASN A OD1 1 
ATOM   339  N ND2 . ASN A 1 73  ? -4.098  15.024  8.589   1.00 45.41  ? 2054 ASN A ND2 1 
ATOM   340  N N   . LYS A 1 74  ? 0.326   13.742  6.168   1.00 25.19  ? 2055 LYS A N   1 
ATOM   341  C CA  . LYS A 1 74  ? 1.103   12.861  5.286   1.00 26.79  ? 2055 LYS A CA  1 
ATOM   342  C C   . LYS A 1 74  ? 1.142   11.357  5.587   1.00 25.20  ? 2055 LYS A C   1 
ATOM   343  O O   . LYS A 1 74  ? 0.676   10.893  6.624   1.00 28.33  ? 2055 LYS A O   1 
ATOM   344  C CB  . LYS A 1 74  ? 2.549   13.370  5.220   1.00 25.56  ? 2055 LYS A CB  1 
ATOM   345  C CG  . LYS A 1 74  ? 2.675   14.822  4.794   1.00 41.52  ? 2055 LYS A CG  1 
ATOM   346  C CD  . LYS A 1 74  ? 4.119   15.288  4.743   1.00 47.31  ? 2055 LYS A CD  1 
ATOM   347  C CE  . LYS A 1 74  ? 4.196   16.770  4.396   1.00 52.44  ? 2055 LYS A CE  1 
ATOM   348  N NZ  . LYS A 1 74  ? 5.580   17.240  4.101   1.00 53.31  ? 2055 LYS A NZ  1 
ATOM   349  N N   . CYS A 1 75  ? 1.752   10.608  4.671   1.00 31.96  ? 2056 CYS A N   1 
ATOM   350  C CA  . CYS A 1 75  ? 1.905   9.156   4.799   1.00 34.23  ? 2056 CYS A CA  1 
ATOM   351  C C   . CYS A 1 75  ? 3.256   8.745   4.227   1.00 28.91  ? 2056 CYS A C   1 
ATOM   352  O O   . CYS A 1 75  ? 3.697   9.297   3.223   1.00 26.10  ? 2056 CYS A O   1 
ATOM   353  C CB  . CYS A 1 75  ? 0.783   8.424   4.063   1.00 29.89  ? 2056 CYS A CB  1 
ATOM   354  S SG  . CYS A 1 75  ? 0.959   8.295   2.262   1.00 30.56  ? 2056 CYS A SG  1 
ATOM   355  N N   . LEU A 1 76  ? 3.949   7.842   4.911   1.00 22.19  ? 2057 LEU A N   1 
ATOM   356  C CA  . LEU A 1 76  ? 5.251   7.364   4.451   1.00 24.59  ? 2057 LEU A CA  1 
ATOM   357  C C   . LEU A 1 76  ? 5.071   6.091   3.624   1.00 26.62  ? 2057 LEU A C   1 
ATOM   358  O O   . LEU A 1 76  ? 4.356   5.169   4.021   1.00 32.56  ? 2057 LEU A O   1 
ATOM   359  C CB  . LEU A 1 76  ? 6.195   7.120   5.627   1.00 24.72  ? 2057 LEU A CB  1 
ATOM   360  C CG  . LEU A 1 76  ? 7.602   6.654   5.282   1.00 23.50  ? 2057 LEU A CG  1 
ATOM   361  C CD1 . LEU A 1 76  ? 8.306   7.737   4.497   1.00 38.49  ? 2057 LEU A CD1 1 
ATOM   362  C CD2 . LEU A 1 76  ? 8.404   6.300   6.514   1.00 25.87  ? 2057 LEU A CD2 1 
ATOM   363  N N   . LEU A 1 77  ? 5.709   6.064   2.462   1.00 35.65  ? 2058 LEU A N   1 
ATOM   364  C CA  . LEU A 1 77  ? 5.616   4.932   1.555   1.00 27.01  ? 2058 LEU A CA  1 
ATOM   365  C C   . LEU A 1 77  ? 6.973   4.298   1.362   1.00 26.75  ? 2058 LEU A C   1 
ATOM   366  O O   . LEU A 1 77  ? 7.891   4.934   0.856   1.00 36.76  ? 2058 LEU A O   1 
ATOM   367  C CB  . LEU A 1 77  ? 5.061   5.418   0.225   1.00 32.17  ? 2058 LEU A CB  1 
ATOM   368  C CG  . LEU A 1 77  ? 4.253   4.524   -0.716  1.00 40.69  ? 2058 LEU A CG  1 
ATOM   369  C CD1 . LEU A 1 77  ? 3.156   3.813   -0.011  1.00 39.70  ? 2058 LEU A CD1 1 
ATOM   370  C CD2 . LEU A 1 77  ? 3.643   5.412   -1.754  1.00 37.48  ? 2058 LEU A CD2 1 
ATOM   371  N N   . ARG A 1 78  ? 7.112   3.055   1.807   1.00 24.25  ? 2059 ARG A N   1 
ATOM   372  C CA  . ARG A 1 78  ? 8.374   2.342   1.664   1.00 22.30  ? 2059 ARG A CA  1 
ATOM   373  C C   . ARG A 1 78  ? 8.266   1.098   0.802   1.00 21.95  ? 2059 ARG A C   1 
ATOM   374  O O   . ARG A 1 78  ? 7.185   0.529   0.654   1.00 30.71  ? 2059 ARG A O   1 
ATOM   375  C CB  . ARG A 1 78  ? 8.945   1.970   3.023   1.00 28.69  ? 2059 ARG A CB  1 
ATOM   376  C CG  . ARG A 1 78  ? 9.268   3.147   3.881   1.00 32.60  ? 2059 ARG A CG  1 
ATOM   377  C CD  . ARG A 1 78  ? 10.052  2.711   5.086   1.00 48.42  ? 2059 ARG A CD  1 
ATOM   378  N NE  . ARG A 1 78  ? 9.188   2.368   6.206   1.00 57.27  ? 2059 ARG A NE  1 
ATOM   379  C CZ  . ARG A 1 78  ? 9.632   1.881   7.359   1.00 67.26  ? 2059 ARG A CZ  1 
ATOM   380  N NH1 . ARG A 1 78  ? 10.933  1.666   7.538   1.00 70.07  ? 2059 ARG A NH1 1 
ATOM   381  N NH2 . ARG A 1 78  ? 8.781   1.667   8.350   1.00 61.07  ? 2059 ARG A NH2 1 
ATOM   382  N N   . ALA A 1 79  ? 9.377   0.705   0.188   1.00 23.49  ? 2060 ALA A N   1 
ATOM   383  C CA  . ALA A 1 79  ? 9.378   -0.489  -0.647  1.00 24.59  ? 2060 ALA A CA  1 
ATOM   384  C C   . ALA A 1 79  ? 10.755  -1.102  -0.666  1.00 24.00  ? 2060 ALA A C   1 
ATOM   385  O O   . ALA A 1 79  ? 11.755  -0.395  -0.520  1.00 31.96  ? 2060 ALA A O   1 
ATOM   386  C CB  . ALA A 1 79  ? 8.926   -0.163  -2.073  1.00 24.50  ? 2060 ALA A CB  1 
ATOM   387  N N   . THR A 1 80  ? 10.796  -2.418  -0.834  1.00 20.25  ? 2061 THR A N   1 
ATOM   388  C CA  . THR A 1 80  ? 12.045  -3.157  -0.889  1.00 27.42  ? 2061 THR A CA  1 
ATOM   389  C C   . THR A 1 80  ? 11.924  -4.452  -1.677  1.00 26.95  ? 2061 THR A C   1 
ATOM   390  O O   . THR A 1 80  ? 10.832  -4.956  -1.936  1.00 31.79  ? 2061 THR A O   1 
ATOM   391  C CB  . THR A 1 80  ? 12.557  -3.482  0.525   1.00 28.61  ? 2061 THR A CB  1 
ATOM   392  O OG1 . THR A 1 80  ? 12.541  -2.278  1.308   1.00 58.27  ? 2061 THR A OG1 1 
ATOM   393  C CG2 . THR A 1 80  ? 13.406  -4.062  0.520   1.00 23.57  ? 2061 THR A CG2 1 
ATOM   394  N N   . ASP A 1 81  ? 13.073  -4.968  -2.085  1.00 40.08  ? 2062 ASP A N   1 
ATOM   395  C CA  . ASP A 1 81  ? 13.162  -6.216  -2.816  1.00 43.47  ? 2062 ASP A CA  1 
ATOM   396  C C   . ASP A 1 81  ? 14.117  -7.089  -2.011  1.00 38.93  ? 2062 ASP A C   1 
ATOM   397  O O   . ASP A 1 81  ? 14.647  -8.079  -2.508  1.00 47.40  ? 2062 ASP A O   1 
ATOM   398  C CB  . ASP A 1 81  ? 13.721  -5.961  -4.222  1.00 50.62  ? 2062 ASP A CB  1 
ATOM   399  C CG  . ASP A 1 81  ? 15.140  -5.425  -4.198  1.00 56.74  ? 2062 ASP A CG  1 
ATOM   400  O OD1 . ASP A 1 81  ? 15.421  -4.513  -3.386  1.00 62.79  ? 2062 ASP A OD1 1 
ATOM   401  O OD2 . ASP A 1 81  ? 15.974  -5.925  -4.981  1.00 58.84  ? 2062 ASP A OD2 1 
ATOM   402  N N   . GLY A 1 82  ? 14.346  -6.691  -0.763  1.00 46.40  ? 2063 GLY A N   1 
ATOM   403  C CA  . GLY A 1 82  ? 15.236  -7.425  0.120   1.00 54.23  ? 2063 GLY A CA  1 
ATOM   404  C C   . GLY A 1 82  ? 16.655  -6.878  0.168   1.00 60.02  ? 2063 GLY A C   1 
ATOM   405  O O   . GLY A 1 82  ? 17.380  -7.122  1.135   1.00 63.06  ? 2063 GLY A O   1 
ATOM   406  N N   . LYS A 1 83  ? 17.049  -6.129  -0.862  1.00 57.96  ? 2064 LYS A N   1 
ATOM   407  C CA  . LYS A 1 83  ? 18.389  -5.560  -0.937  1.00 60.25  ? 2064 LYS A CA  1 
ATOM   408  C C   . LYS A 1 83  ? 18.349  -4.027  -0.932  1.00 61.54  ? 2064 LYS A C   1 
ATOM   409  O O   . LYS A 1 83  ? 18.946  -3.373  -0.065  1.00 63.23  ? 2064 LYS A O   1 
ATOM   410  C CB  . LYS A 1 83  ? 19.099  -6.062  -2.197  1.00 62.09  ? 2064 LYS A CB  1 
ATOM   411  C CG  . LYS A 1 83  ? 19.191  -7.586  -2.271  1.00 69.75  ? 2064 LYS A CG  1 
ATOM   412  C CD  . LYS A 1 83  ? 19.726  -8.080  -3.616  1.00 69.49  ? 2064 LYS A CD  1 
ATOM   413  C CE  . LYS A 1 83  ? 19.752  -9.605  -3.719  1.00 72.35  ? 2064 LYS A CE  1 
ATOM   414  N NZ  . LYS A 1 83  ? 20.562  -10.239 -2.664  1.00 70.23  ? 2064 LYS A NZ  1 
ATOM   415  N N   . ARG A 1 84  ? 17.645  -3.466  -1.906  1.00 59.70  ? 2065 ARG A N   1 
ATOM   416  C CA  . ARG A 1 84  ? 17.507  -1.997  -2.030  1.00 53.43  ? 2065 ARG A CA  1 
ATOM   417  C C   . ARG A 1 84  ? 16.077  -1.401  -1.762  1.00 48.09  ? 2065 ARG A C   1 
ATOM   418  O O   . ARG A 1 84  ? 15.087  -2.064  -2.171  1.00 51.44  ? 2065 ARG A O   1 
ATOM   419  C CB  . ARG A 1 84  ? 17.766  -1.557  -3.454  1.00 59.24  ? 2065 ARG A CB  1 
ATOM   420  C CG  . ARG A 1 84  ? 17.018  -0.275  -3.827  1.00 69.11  ? 2065 ARG A CG  1 
ATOM   421  C CD  . ARG A 1 84  ? 17.141  0.055   -5.309  1.00 79.66  ? 2065 ARG A CD  1 
ATOM   422  N NE  . ARG A 1 84  ? 16.065  -0.536  -6.109  1.00 91.01  ? 2065 ARG A NE  1 
ATOM   423  C CZ  . ARG A 1 84  ? 15.803  -0.193  -7.373  1.00 91.92  ? 2065 ARG A CZ  1 
ATOM   424  N NH1 . ARG A 1 84  ? 16.536  0.734   -7.992  1.00 97.84  ? 2065 ARG A NH1 1 
ATOM   425  N NH2 . ARG A 1 84  ? 14.812  -0.731  -8.089  1.00 99.99  ? 2065 ARG A NH2 1 
ATOM   426  N N   . LYS A 1 85  ? 16.078  -0.660  -0.633  1.00 37.82  ? 2066 LYS A N   1 
ATOM   427  C CA  . LYS A 1 85  ? 15.146  0.034   0.240   1.00 41.86  ? 2066 LYS A CA  1 
ATOM   428  C C   . LYS A 1 85  ? 14.939  1.473   -0.216  1.00 35.80  ? 2066 LYS A C   1 
ATOM   429  O O   . LYS A 1 85  ? 15.836  2.315   -0.221  1.00 37.64  ? 2066 LYS A O   1 
ATOM   430  C CB  . LYS A 1 85  ? 15.659  -0.016  1.685   1.00 47.14  ? 2066 LYS A CB  1 
ATOM   431  C CG  . LYS A 1 85  ? 15.787  -1.426  2.240   1.00 57.76  ? 2066 LYS A CG  1 
ATOM   432  C CD  . LYS A 1 85  ? 16.077  -1.409  3.730   1.00 72.55  ? 2066 LYS A CD  1 
ATOM   433  C CE  . LYS A 1 85  ? 16.214  -2.821  4.281   1.00 78.25  ? 2066 LYS A CE  1 
ATOM   434  N NZ  . LYS A 1 85  ? 16.491  -2.823  5.743   1.00 83.96  ? 2066 LYS A NZ  1 
ATOM   435  N N   . ILE A 1 86  ? 13.680  1.799   -0.527  1.00 34.34  ? 2067 ILE A N   1 
ATOM   436  C CA  . ILE A 1 86  ? 13.329  3.156   -0.947  1.00 21.68  ? 2067 ILE A CA  1 
ATOM   437  C C   . ILE A 1 86  ? 12.091  3.648   -0.206  1.00 30.15  ? 2067 ILE A C   1 
ATOM   438  O O   . ILE A 1 86  ? 11.321  2.843   0.298   1.00 22.09  ? 2067 ILE A O   1 
ATOM   439  C CB  . ILE A 1 86  ? 13.093  3.237   -2.489  1.00 29.17  ? 2067 ILE A CB  1 
ATOM   440  C CG1 . ILE A 1 86  ? 11.874  2.413   -2.902  1.00 22.44  ? 2067 ILE A CG1 1 
ATOM   441  C CG2 . ILE A 1 86  ? 14.288  2.683   -3.227  1.00 32.94  ? 2067 ILE A CG2 1 
ATOM   442  C CD1 . ILE A 1 86  ? 11.529  2.535   -4.350  1.00 24.77  ? 2067 ILE A CD1 1 
ATOM   443  N N   . SER A 1 87  ? 11.911  4.966   -0.140  1.00 33.50  ? 2068 SER A N   1 
ATOM   444  C CA  . SER A 1 87  ? 10.757  5.553   0.539   1.00 38.42  ? 2068 SER A CA  1 
ATOM   445  C C   . SER A 1 87  ? 10.401  6.907   -0.042  1.00 38.45  ? 2068 SER A C   1 
ATOM   446  O O   . SER A 1 87  ? 11.143  7.452   -0.844  1.00 45.04  ? 2068 SER A O   1 
ATOM   447  C CB  . SER A 1 87  ? 11.016  5.677   2.042   1.00 39.72  ? 2068 SER A CB  1 
ATOM   448  O OG  . SER A 1 87  ? 12.151  6.463   2.303   1.00 52.79  ? 2068 SER A OG  1 
ATOM   449  N N   . THR A 1 88  ? 9.219   7.401   0.293   1.00 39.50  ? 2069 THR A N   1 
ATOM   450  C CA  . THR A 1 88  ? 8.760   8.704   -0.173  1.00 33.12  ? 2069 THR A CA  1 
ATOM   451  C C   . THR A 1 88  ? 7.661   9.165   0.762   1.00 32.23  ? 2069 THR A C   1 
ATOM   452  O O   . THR A 1 88  ? 7.057   8.336   1.451   1.00 27.63  ? 2069 THR A O   1 
ATOM   453  C CB  . THR A 1 88  ? 8.223   8.671   -1.621  1.00 36.99  ? 2069 THR A CB  1 
ATOM   454  O OG1 . THR A 1 88  ? 8.058   10.018  -2.090  1.00 29.04  ? 2069 THR A OG1 1 
ATOM   455  C CG2 . THR A 1 88  ? 6.876   7.963   -1.688  1.00 22.89  ? 2069 THR A CG2 1 
ATOM   456  N N   . VAL A 1 89  ? 7.450   10.483  0.807   1.00 24.36  ? 2070 VAL A N   1 
ATOM   457  C CA  . VAL A 1 89  ? 6.434   11.103  1.663   1.00 30.65  ? 2070 VAL A CA  1 
ATOM   458  C C   . VAL A 1 89  ? 5.410   11.836  0.818   1.00 33.07  ? 2070 VAL A C   1 
ATOM   459  O O   . VAL A 1 89  ? 5.692   12.878  0.220   1.00 41.77  ? 2070 VAL A O   1 
ATOM   460  C CB  . VAL A 1 89  ? 7.063   12.074  2.708   1.00 27.90  ? 2070 VAL A CB  1 
ATOM   461  C CG1 . VAL A 1 89  ? 5.972   12.777  3.529   1.00 27.92  ? 2070 VAL A CG1 1 
ATOM   462  C CG2 . VAL A 1 89  ? 7.975   11.305  3.656   1.00 24.25  ? 2070 VAL A CG2 1 
ATOM   463  N N   . VAL A 1 90  ? 4.198   11.303  0.813   1.00 31.38  ? 2071 VAL A N   1 
ATOM   464  C CA  . VAL A 1 90  ? 3.116   11.870  0.032   1.00 26.45  ? 2071 VAL A CA  1 
ATOM   465  C C   . VAL A 1 90  ? 2.191   12.707  0.908   1.00 29.41  ? 2071 VAL A C   1 
ATOM   466  O O   . VAL A 1 90  ? 1.854   12.322  2.016   1.00 23.35  ? 2071 VAL A O   1 
ATOM   467  C CB  . VAL A 1 90  ? 2.326   10.746  -0.670  1.00 17.71  ? 2071 VAL A CB  1 
ATOM   468  C CG1 . VAL A 1 90  ? 1.356   11.329  -1.685  1.00 14.10  ? 2071 VAL A CG1 1 
ATOM   469  C CG2 . VAL A 1 90  ? 3.296   9.741   -1.317  1.00 11.73  ? 2071 VAL A CG2 1 
ATOM   470  N N   . SER A 1 91  ? 1.725   13.827  0.377   1.00 26.00  ? 2072 SER A N   1 
ATOM   471  C CA  . SER A 1 91  ? 0.854   14.694  1.132   1.00 34.28  ? 2072 SER A CA  1 
ATOM   472  C C   . SER A 1 91  ? -0.439  14.878  0.391   1.00 35.58  ? 2072 SER A C   1 
ATOM   473  O O   . SER A 1 91  ? -0.598  14.379  -0.723  1.00 44.32  ? 2072 SER A O   1 
ATOM   474  C CB  . SER A 1 91  ? 1.516   16.046  1.326   1.00 45.15  ? 2072 SER A CB  1 
ATOM   475  O OG  . SER A 1 91  ? 1.666   16.683  0.073   1.00 47.27  ? 2072 SER A OG  1 
ATOM   476  N N   . SER A 1 92  ? -1.359  15.596  1.032   1.00 44.88  ? 2073 SER A N   1 
ATOM   477  C CA  . SER A 1 92  ? -2.676  15.894  0.487   1.00 50.00  ? 2073 SER A CA  1 
ATOM   478  C C   . SER A 1 92  ? -2.609  16.817  -0.717  1.00 56.93  ? 2073 SER A C   1 
ATOM   479  O O   . SER A 1 92  ? -3.587  16.963  -1.448  1.00 61.76  ? 2073 SER A O   1 
ATOM   480  C CB  . SER A 1 92  ? -3.563  16.515  1.569   1.00 49.02  ? 2073 SER A CB  1 
ATOM   481  O OG  . SER A 1 92  ? -2.814  17.387  2.397   1.00 57.02  ? 2073 SER A OG  1 
ATOM   482  N N   . LYS A 1 93  ? -1.451  17.432  -0.927  1.00 64.10  ? 2074 LYS A N   1 
ATOM   483  C CA  . LYS A 1 93  ? -1.267  18.353  -2.038  1.00 71.51  ? 2074 LYS A CA  1 
ATOM   484  C C   . LYS A 1 93  ? -1.004  17.604  -3.336  1.00 71.80  ? 2074 LYS A C   1 
ATOM   485  O O   . LYS A 1 93  ? -1.176  18.176  -4.423  1.00 70.63  ? 2074 LYS A O   1 
ATOM   486  C CB  . LYS A 1 93  ? -0.124  19.326  -1.742  1.00 78.03  ? 2074 LYS A CB  1 
ATOM   487  C CG  . LYS A 1 93  ? -0.345  20.188  -0.509  1.00 86.17  ? 2074 LYS A CG  1 
ATOM   488  C CD  . LYS A 1 93  ? -1.435  21.220  -0.746  1.00 92.65  ? 2074 LYS A CD  1 
ATOM   489  C CE  . LYS A 1 93  ? -1.655  22.080  0.490   1.00 95.02  ? 2074 LYS A CE  1 
ATOM   490  N NZ  . LYS A 1 93  ? -2.714  23.103  0.272   1.00 99.48  ? 2074 LYS A NZ  1 
ATOM   491  N N   . GLU A 1 94  ? -0.641  16.327  -3.245  1.00 70.24  ? 2075 GLU A N   1 
ATOM   492  C CA  . GLU A 1 94  ? -0.346  15.538  -4.430  1.00 62.40  ? 2075 GLU A CA  1 
ATOM   493  C C   . GLU A 1 94  ? -0.818  14.083  -4.445  1.00 55.96  ? 2075 GLU A C   1 
ATOM   494  O O   . GLU A 1 94  ? -0.249  13.285  -5.184  1.00 53.57  ? 2075 GLU A O   1 
ATOM   495  C CB  . GLU A 1 94  ? 1.156   15.559  -4.675  1.00 69.50  ? 2075 GLU A CB  1 
ATOM   496  C CG  . GLU A 1 94  ? 1.939   14.916  -3.547  1.00 72.42  ? 2075 GLU A CG  1 
ATOM   497  C CD  . GLU A 1 94  ? 3.433   14.969  -3.747  1.00 79.97  ? 2075 GLU A CD  1 
ATOM   498  O OE1 . GLU A 1 94  ? 3.900   15.671  -4.672  1.00 87.63  ? 2075 GLU A OE1 1 
ATOM   499  O OE2 . GLU A 1 94  ? 4.145   14.307  -2.965  1.00 75.66  ? 2075 GLU A OE2 1 
ATOM   500  N N   . VAL A 1 95  ? -1.816  13.711  -3.639  1.00 46.69  ? 2076 VAL A N   1 
ATOM   501  C CA  . VAL A 1 95  ? -2.266  12.316  -3.683  1.00 42.26  ? 2076 VAL A CA  1 
ATOM   502  C C   . VAL A 1 95  ? -2.966  12.017  -4.986  1.00 41.63  ? 2076 VAL A C   1 
ATOM   503  O O   . VAL A 1 95  ? -2.749  10.966  -5.551  1.00 38.37  ? 2076 VAL A O   1 
ATOM   504  C CB  . VAL A 1 95  ? -3.256  11.902  -2.563  1.00 42.66  ? 2076 VAL A CB  1 
ATOM   505  C CG1 . VAL A 1 95  ? -2.541  11.196  -1.455  1.00 46.20  ? 2076 VAL A CG1 1 
ATOM   506  C CG2 . VAL A 1 95  ? -4.065  13.085  -2.088  1.00 23.07  ? 2076 VAL A CG2 1 
ATOM   507  N N   . ASN A 1 96  ? -3.804  12.941  -5.457  1.00 49.98  ? 2077 ASN A N   1 
ATOM   508  C CA  . ASN A 1 96  ? -4.558  12.732  -6.695  1.00 57.41  ? 2077 ASN A CA  1 
ATOM   509  C C   . ASN A 1 96  ? -3.665  12.506  -7.916  1.00 58.58  ? 2077 ASN A C   1 
ATOM   510  O O   . ASN A 1 96  ? -3.903  11.584  -8.708  1.00 55.83  ? 2077 ASN A O   1 
ATOM   511  C CB  . ASN A 1 96  ? -5.538  13.884  -6.941  1.00 64.15  ? 2077 ASN A CB  1 
ATOM   512  C CG  . ASN A 1 96  ? -6.554  14.052  -5.810  1.00 72.53  ? 2077 ASN A CG  1 
ATOM   513  O OD1 . ASN A 1 96  ? -6.995  13.080  -5.181  1.00 71.82  ? 2077 ASN A OD1 1 
ATOM   514  N ND2 . ASN A 1 96  ? -6.932  15.297  -5.554  1.00 76.51  ? 2077 ASN A ND2 1 
ATOM   515  N N   . LYS A 1 97  ? -2.618  13.322  -8.039  1.00 56.44  ? 2078 LYS A N   1 
ATOM   516  C CA  . LYS A 1 97  ? -1.673  13.206  -9.148  1.00 55.41  ? 2078 LYS A CA  1 
ATOM   517  C C   . LYS A 1 97  ? -0.780  11.986  -8.960  1.00 50.11  ? 2078 LYS A C   1 
ATOM   518  O O   . LYS A 1 97  ? -0.516  11.255  -9.909  1.00 55.92  ? 2078 LYS A O   1 
ATOM   519  C CB  . LYS A 1 97  ? -0.824  14.481  -9.279  1.00 64.89  ? 2078 LYS A CB  1 
ATOM   520  C CG  . LYS A 1 97  ? -1.655  15.744  -9.541  1.00 81.07  ? 2078 LYS A CG  1 
ATOM   521  C CD  . LYS A 1 97  ? -0.798  16.982  -9.768  1.00 87.95  ? 2078 LYS A CD  1 
ATOM   522  C CE  . LYS A 1 97  ? -1.674  18.216  -9.991  1.00 91.85  ? 2078 LYS A CE  1 
ATOM   523  N NZ  . LYS A 1 97  ? -0.879  19.440  -10.302 1.00 89.72  ? 2078 LYS A NZ  1 
ATOM   524  N N   . PHE A 1 98  ? -0.319  11.767  -7.731  1.00 42.14  ? 2079 PHE A N   1 
ATOM   525  C CA  . PHE A 1 98  ? 0.537   10.629  -7.411  1.00 27.50  ? 2079 PHE A CA  1 
ATOM   526  C C   . PHE A 1 98  ? -0.210  9.321   -7.632  1.00 31.61  ? 2079 PHE A C   1 
ATOM   527  O O   . PHE A 1 98  ? 0.291   8.412   -8.296  1.00 31.59  ? 2079 PHE A O   1 
ATOM   528  C CB  . PHE A 1 98  ? 0.979   10.684  -5.946  1.00 30.47  ? 2079 PHE A CB  1 
ATOM   529  C CG  . PHE A 1 98  ? 1.879   9.536   -5.526  1.00 18.74  ? 2079 PHE A CG  1 
ATOM   530  C CD1 . PHE A 1 98  ? 3.237   9.541   -5.841  1.00 28.89  ? 2079 PHE A CD1 1 
ATOM   531  C CD2 . PHE A 1 98  ? 1.369   8.454   -4.813  1.00 25.32  ? 2079 PHE A CD2 1 
ATOM   532  C CE1 . PHE A 1 98  ? 4.077   8.490   -5.441  1.00 18.15  ? 2079 PHE A CE1 1 
ATOM   533  C CE2 . PHE A 1 98  ? 2.207   7.390   -4.408  1.00 21.45  ? 2079 PHE A CE2 1 
ATOM   534  C CZ  . PHE A 1 98  ? 3.560   7.412   -4.726  1.00 13.61  ? 2079 PHE A CZ  1 
ATOM   535  N N   . GLN A 1 99  ? -1.395  9.222   -7.032  1.00 28.21  ? 2080 GLN A N   1 
ATOM   536  C CA  . GLN A 1 99  ? -2.215  8.028   -7.128  1.00 28.03  ? 2080 GLN A CA  1 
ATOM   537  C C   . GLN A 1 99  ? -2.545  7.620   -8.546  1.00 26.42  ? 2080 GLN A C   1 
ATOM   538  O O   . GLN A 1 99  ? -2.623  6.433   -8.811  1.00 18.89  ? 2080 GLN A O   1 
ATOM   539  C CB  . GLN A 1 99  ? -3.490  8.144   -6.284  1.00 34.73  ? 2080 GLN A CB  1 
ATOM   540  C CG  . GLN A 1 99  ? -3.212  8.208   -4.793  1.00 27.01  ? 2080 GLN A CG  1 
ATOM   541  C CD  . GLN A 1 99  ? -4.250  7.497   -3.945  1.00 26.07  ? 2080 GLN A CD  1 
ATOM   542  O OE1 . GLN A 1 99  ? -5.457  7.562   -4.201  1.00 35.46  ? 2080 GLN A OE1 1 
ATOM   543  N NE2 . GLN A 1 99  ? -3.779  6.819   -2.923  1.00 18.85  ? 2080 GLN A NE2 1 
ATOM   544  N N   . MET A 1 100 ? -2.718  8.574   -9.464  1.00 30.49  ? 2081 MET A N   1 
ATOM   545  C CA  . MET A 1 100 ? -3.008  8.207   -10.864 1.00 34.59  ? 2081 MET A CA  1 
ATOM   546  C C   . MET A 1 100 ? -1.829  7.431   -11.468 1.00 35.02  ? 2081 MET A C   1 
ATOM   547  O O   . MET A 1 100 ? -2.021  6.431   -12.156 1.00 43.60  ? 2081 MET A O   1 
ATOM   548  C CB  . MET A 1 100 ? -3.390  9.419   -11.723 1.00 39.62  ? 2081 MET A CB  1 
ATOM   549  C CG  . MET A 1 100 ? -4.877  9.760   -11.623 1.00 49.82  ? 2081 MET A CG  1 
ATOM   550  S SD  . MET A 1 100 ? -5.505  10.687  -13.025 1.00 56.02  ? 2081 MET A SD  1 
ATOM   551  C CE  . MET A 1 100 ? -5.287  12.354  -12.457 1.00 50.80  ? 2081 MET A CE  1 
ATOM   552  N N   . ALA A 1 101 ? -0.610  7.866   -11.174 1.00 23.75  ? 2082 ALA A N   1 
ATOM   553  C CA  . ALA A 1 101 ? 0.564   7.138   -11.645 1.00 25.87  ? 2082 ALA A CA  1 
ATOM   554  C C   . ALA A 1 101 ? 0.733   5.833   -10.847 1.00 22.57  ? 2082 ALA A C   1 
ATOM   555  O O   . ALA A 1 101 ? 0.884   4.758   -11.431 1.00 23.12  ? 2082 ALA A O   1 
ATOM   556  C CB  . ALA A 1 101 ? 1.819   7.991   -11.494 1.00 19.69  ? 2082 ALA A CB  1 
ATOM   557  N N   . TYR A 1 102 ? 0.719   5.954   -9.511  1.00 28.38  ? 2083 TYR A N   1 
ATOM   558  C CA  . TYR A 1 102 ? 0.893   4.837   -8.574  1.00 13.72  ? 2083 TYR A CA  1 
ATOM   559  C C   . TYR A 1 102 ? -0.109  3.688   -8.794  1.00 14.87  ? 2083 TYR A C   1 
ATOM   560  O O   . TYR A 1 102 ? 0.249   2.526   -8.743  1.00 12.62  ? 2083 TYR A O   1 
ATOM   561  C CB  . TYR A 1 102 ? 0.839   5.374   -7.134  1.00 23.88  ? 2083 TYR A CB  1 
ATOM   562  C CG  . TYR A 1 102 ? 1.131   4.357   -6.037  1.00 15.69  ? 2083 TYR A CG  1 
ATOM   563  C CD1 . TYR A 1 102 ? 2.370   3.737   -5.949  1.00 16.85  ? 2083 TYR A CD1 1 
ATOM   564  C CD2 . TYR A 1 102 ? 0.158   4.013   -5.107  1.00 16.82  ? 2083 TYR A CD2 1 
ATOM   565  C CE1 . TYR A 1 102 ? 2.639   2.806   -4.980  1.00 14.56  ? 2083 TYR A CE1 1 
ATOM   566  C CE2 . TYR A 1 102 ? 0.416   3.077   -4.126  1.00 22.19  ? 2083 TYR A CE2 1 
ATOM   567  C CZ  . TYR A 1 102 ? 1.658   2.471   -4.065  1.00 14.60  ? 2083 TYR A CZ  1 
ATOM   568  O OH  . TYR A 1 102 ? 1.902   1.513   -3.087  1.00 28.76  ? 2083 TYR A OH  1 
ATOM   569  N N   . SER A 1 103 ? -1.367  4.021   -9.019  1.00 10.41  ? 2084 SER A N   1 
ATOM   570  C CA  . SER A 1 103 ? -2.386  3.021   -9.286  1.00 20.27  ? 2084 SER A CA  1 
ATOM   571  C C   . SER A 1 103 ? -2.054  2.254   -10.602 1.00 28.04  ? 2084 SER A C   1 
ATOM   572  O O   . SER A 1 103 ? -2.054  1.028   -10.617 1.00 28.03  ? 2084 SER A O   1 
ATOM   573  C CB  . SER A 1 103 ? -3.755  3.713   -9.334  1.00 15.83  ? 2084 SER A CB  1 
ATOM   574  O OG  . SER A 1 103 ? -4.770  2.863   -9.840  1.00 42.16  ? 2084 SER A OG  1 
ATOM   575  N N   . ASN A 1 104 ? -1.688  2.978   -11.672 1.00 27.42  ? 2085 ASN A N   1 
ATOM   576  C CA  . ASN A 1 104 ? -1.343  2.369   -12.969 1.00 20.35  ? 2085 ASN A CA  1 
ATOM   577  C C   . ASN A 1 104 ? -0.122  1.454   -12.905 1.00 21.17  ? 2085 ASN A C   1 
ATOM   578  O O   . ASN A 1 104 ? -0.100  0.364   -13.524 1.00 20.06  ? 2085 ASN A O   1 
ATOM   579  C CB  . ASN A 1 104 ? -1.119  3.436   -14.046 1.00 14.68  ? 2085 ASN A CB  1 
ATOM   580  C CG  . ASN A 1 104 ? -2.400  4.136   -14.444 1.00 15.47  ? 2085 ASN A CG  1 
ATOM   581  O OD1 . ASN A 1 104 ? -2.382  5.250   -14.974 1.00 16.75  ? 2085 ASN A OD1 1 
ATOM   582  N ND2 . ASN A 1 104 ? -3.529  3.496   -14.161 1.00 11.81  ? 2085 ASN A ND2 1 
ATOM   583  N N   . LEU A 1 105 ? 0.883   1.893   -12.157 1.00 12.87  ? 2086 LEU A N   1 
ATOM   584  C CA  . LEU A 1 105 ? 2.123   1.138   -11.981 1.00 17.38  ? 2086 LEU A CA  1 
ATOM   585  C C   . LEU A 1 105 ? 1.899   -0.189  -11.232 1.00 17.41  ? 2086 LEU A C   1 
ATOM   586  O O   . LEU A 1 105 ? 2.563   -1.199  -11.510 1.00 24.33  ? 2086 LEU A O   1 
ATOM   587  C CB  . LEU A 1 105 ? 3.130   2.017   -11.237 1.00 4.83   ? 2086 LEU A CB  1 
ATOM   588  C CG  . LEU A 1 105 ? 4.613   1.704   -11.049 1.00 19.88  ? 2086 LEU A CG  1 
ATOM   589  C CD1 . LEU A 1 105 ? 5.272   2.966   -10.528 1.00 4.14   ? 2086 LEU A CD1 1 
ATOM   590  C CD2 . LEU A 1 105 ? 4.863   0.558   -10.077 1.00 21.99  ? 2086 LEU A CD2 1 
ATOM   591  N N   . LEU A 1 106 ? 0.975   -0.197  -10.278 1.00 18.93  ? 2087 LEU A N   1 
ATOM   592  C CA  . LEU A 1 106 ? 0.711   -1.432  -9.536  1.00 20.92  ? 2087 LEU A CA  1 
ATOM   593  C C   . LEU A 1 106 ? 0.020   -2.452  -10.425 1.00 19.84  ? 2087 LEU A C   1 
ATOM   594  O O   . LEU A 1 106 ? 0.455   -3.601  -10.513 1.00 19.18  ? 2087 LEU A O   1 
ATOM   595  C CB  . LEU A 1 106 ? -0.114  -1.165  -8.271  1.00 22.38  ? 2087 LEU A CB  1 
ATOM   596  C CG  . LEU A 1 106 ? 0.602   -0.398  -7.155  1.00 14.73  ? 2087 LEU A CG  1 
ATOM   597  C CD1 . LEU A 1 106 ? -0.311  -0.276  -5.953  1.00 7.16   ? 2087 LEU A CD1 1 
ATOM   598  C CD2 . LEU A 1 106 ? 1.871   -1.094  -6.780  1.00 12.36  ? 2087 LEU A CD2 1 
ATOM   599  N N   . ARG A 1 107 ? -1.027  -2.006  -11.118 1.00 16.95  ? 2088 ARG A N   1 
ATOM   600  C CA  . ARG A 1 107 ? -1.783  -2.858  -12.027 1.00 21.26  ? 2088 ARG A CA  1 
ATOM   601  C C   . ARG A 1 107 ? -0.967  -3.388  -13.196 1.00 25.85  ? 2088 ARG A C   1 
ATOM   602  O O   . ARG A 1 107 ? -1.152  -4.527  -13.621 1.00 36.37  ? 2088 ARG A O   1 
ATOM   603  C CB  . ARG A 1 107 ? -3.014  -2.110  -12.544 1.00 12.55  ? 2088 ARG A CB  1 
ATOM   604  C CG  . ARG A 1 107 ? -4.025  -1.815  -11.447 1.00 24.11  ? 2088 ARG A CG  1 
ATOM   605  C CD  . ARG A 1 107 ? -5.243  -1.145  -12.006 1.00 9.33   ? 2088 ARG A CD  1 
ATOM   606  N NE  . ARG A 1 107 ? -6.178  -0.780  -10.947 1.00 31.49  ? 2088 ARG A NE  1 
ATOM   607  C CZ  . ARG A 1 107 ? -7.215  0.031   -11.105 1.00 39.38  ? 2088 ARG A CZ  1 
ATOM   608  N NH1 . ARG A 1 107 ? -7.479  0.561   -12.289 1.00 47.28  ? 2088 ARG A NH1 1 
ATOM   609  N NH2 . ARG A 1 107 ? -7.930  0.392   -10.053 1.00 47.36  ? 2088 ARG A NH2 1 
ATOM   610  N N   . ALA A 1 108 ? -0.061  -2.567  -13.712 1.00 32.25  ? 2089 ALA A N   1 
ATOM   611  C CA  . ALA A 1 108 ? 0.761   -2.960  -14.841 1.00 33.04  ? 2089 ALA A CA  1 
ATOM   612  C C   . ALA A 1 108 ? 1.867   -3.918  -14.457 1.00 30.38  ? 2089 ALA A C   1 
ATOM   613  O O   . ALA A 1 108 ? 2.100   -4.923  -15.137 1.00 33.39  ? 2089 ALA A O   1 
ATOM   614  C CB  . ALA A 1 108 ? 1.336   -1.750  -15.516 1.00 32.57  ? 2089 ALA A CB  1 
ATOM   615  N N   . ASN A 1 109 ? 2.533   -3.627  -13.351 1.00 26.55  ? 2090 ASN A N   1 
ATOM   616  C CA  . ASN A 1 109 ? 3.631   -4.467  -12.892 1.00 29.83  ? 2090 ASN A CA  1 
ATOM   617  C C   . ASN A 1 109 ? 3.283   -5.743  -12.144 1.00 25.14  ? 2090 ASN A C   1 
ATOM   618  O O   . ASN A 1 109 ? 4.094   -6.673  -12.097 1.00 35.31  ? 2090 ASN A O   1 
ATOM   619  C CB  . ASN A 1 109 ? 4.605   -3.625  -12.090 1.00 30.97  ? 2090 ASN A CB  1 
ATOM   620  C CG  . ASN A 1 109 ? 5.351   -2.639  -12.963 1.00 33.06  ? 2090 ASN A CG  1 
ATOM   621  O OD1 . ASN A 1 109 ? 6.517   -2.844  -13.285 1.00 30.49  ? 2090 ASN A OD1 1 
ATOM   622  N ND2 . ASN A 1 109 ? 4.657   -1.602  -13.407 1.00 27.84  ? 2090 ASN A ND2 1 
ATOM   623  N N   . MET A 1 110 ? 2.097   -5.780  -11.542 1.00 29.77  ? 2091 MET A N   1 
ATOM   624  C CA  . MET A 1 110 ? 1.654   -6.949  -10.797 1.00 35.15  ? 2091 MET A CA  1 
ATOM   625  C C   . MET A 1 110 ? 0.753   -7.711  -11.754 1.00 30.59  ? 2091 MET A C   1 
ATOM   626  O O   . MET A 1 110 ? -0.451  -7.885  -11.524 1.00 36.11  ? 2091 MET A O   1 
ATOM   627  C CB  . MET A 1 110 ? 0.921   -6.520  -9.518  1.00 24.45  ? 2091 MET A CB  1 
ATOM   628  C CG  . MET A 1 110 ? 1.793   -5.715  -8.568  1.00 33.80  ? 2091 MET A CG  1 
ATOM   629  S SD  . MET A 1 110 ? 1.255   -5.625  -6.794  1.00 19.86  ? 2091 MET A SD  1 
ATOM   630  C CE  . MET A 1 110 ? -0.406  -5.019  -6.977  1.00 2.00   ? 2091 MET A CE  1 
ATOM   631  N N   . ASP A 1 111 ? 1.366   -8.168  -12.839 1.00 30.49  ? 2092 ASP A N   1 
ATOM   632  C CA  . ASP A 1 111 ? 0.653   -8.868  -13.911 1.00 34.07  ? 2092 ASP A CA  1 
ATOM   633  C C   . ASP A 1 111 ? 0.964   -10.339 -14.137 1.00 30.97  ? 2092 ASP A C   1 
ATOM   634  O O   . ASP A 1 111 ? 0.559   -10.887 -15.161 1.00 37.03  ? 2092 ASP A O   1 
ATOM   635  C CB  . ASP A 1 111 ? 0.867   -8.114  -15.231 1.00 27.96  ? 2092 ASP A CB  1 
ATOM   636  C CG  . ASP A 1 111 ? 2.325   -8.156  -15.716 1.00 26.24  ? 2092 ASP A CG  1 
ATOM   637  O OD1 . ASP A 1 111 ? 3.200   -8.710  -15.021 1.00 26.23  ? 2092 ASP A OD1 1 
ATOM   638  O OD2 . ASP A 1 111 ? 2.594   -7.630  -16.815 1.00 40.58  ? 2092 ASP A OD2 1 
ATOM   639  N N   . GLY A 1 112 ? 1.722   -10.958 -13.238 1.00 29.58  ? 2093 GLY A N   1 
ATOM   640  C CA  . GLY A 1 112 ? 2.065   -12.363 -13.398 1.00 29.34  ? 2093 GLY A CA  1 
ATOM   641  C C   . GLY A 1 112 ? 1.230   -13.255 -12.504 1.00 23.98  ? 2093 GLY A C   1 
ATOM   642  O O   . GLY A 1 112 ? 1.757   -13.987 -11.684 1.00 43.38  ? 2093 GLY A O   1 
ATOM   643  N N   . LEU A 1 113 ? -0.080  -13.193 -12.678 1.00 28.66  ? 2094 LEU A N   1 
ATOM   644  C CA  . LEU A 1 113 ? -1.006  -13.963 -11.868 1.00 31.68  ? 2094 LEU A CA  1 
ATOM   645  C C   . LEU A 1 113 ? -1.913  -14.900 -12.676 1.00 40.17  ? 2094 LEU A C   1 
ATOM   646  O O   . LEU A 1 113 ? -2.024  -14.789 -13.897 1.00 42.86  ? 2094 LEU A O   1 
ATOM   647  C CB  . LEU A 1 113 ? -1.863  -13.009 -11.032 1.00 37.16  ? 2094 LEU A CB  1 
ATOM   648  C CG  . LEU A 1 113 ? -1.653  -13.062 -9.518  1.00 36.19  ? 2094 LEU A CG  1 
ATOM   649  C CD1 . LEU A 1 113 ? -0.226  -12.763 -9.196  1.00 35.65  ? 2094 LEU A CD1 1 
ATOM   650  C CD2 . LEU A 1 113 ? -2.534  -12.085 -8.797  1.00 38.23  ? 2094 LEU A CD2 1 
ATOM   651  N N   . LYS A 1 114 ? -2.575  -15.810 -11.965 1.00 41.17  ? 2095 LYS A N   1 
ATOM   652  C CA  . LYS A 1 114 ? -3.467  -16.788 -12.574 1.00 40.77  ? 2095 LYS A CA  1 
ATOM   653  C C   . LYS A 1 114 ? -4.402  -16.118 -13.648 1.00 47.34  ? 2095 LYS A C   1 
ATOM   654  O O   . LYS A 1 114 ? -5.447  -15.537 -13.316 1.00 39.37  ? 2095 LYS A O   1 
ATOM   655  C CB  . LYS A 1 114 ? -4.244  -17.553 -11.505 1.00 40.72  ? 2095 LYS A CB  1 
ATOM   656  C CG  . LYS A 1 114 ? -3.340  -18.264 -10.500 1.00 46.60  ? 2095 LYS A CG  1 
ATOM   657  C CD  . LYS A 1 114 ? -3.457  -19.786 -10.573 1.00 38.70  ? 2095 LYS A CD  1 
ATOM   658  C CE  . LYS A 1 114 ? -2.255  -20.500 -9.954  1.00 37.51  ? 2095 LYS A CE  1 
ATOM   659  N NZ  . LYS A 1 114 ? -2.545  -21.894 -9.590  1.00 55.10  ? 2095 LYS A NZ  1 
ATOM   660  N N   . LYS A 1 115 ? -3.934  -16.277 -14.908 1.00 61.55  ? 2096 LYS A N   1 
ATOM   661  C CA  . LYS A 1 115 ? -4.478  -15.751 -16.234 1.00 69.11  ? 2096 LYS A CA  1 
ATOM   662  C C   . LYS A 1 115 ? -6.032  -15.390 -16.243 1.00 76.51  ? 2096 LYS A C   1 
ATOM   663  O O   . LYS A 1 115 ? -6.415  -14.234 -16.251 1.00 76.18  ? 2096 LYS A O   1 
ATOM   664  C CB  . LYS A 1 115 ? -4.143  -16.789 -17.314 1.00 73.60  ? 2096 LYS A CB  1 
ATOM   665  C CG  . LYS A 1 115 ? -3.017  -17.755 -16.885 1.00 63.75  ? 2096 LYS A CG  1 
ATOM   666  C CD  . LYS A 1 115 ? -3.565  -19.118 -16.461 1.00 68.26  ? 2096 LYS A CD  1 
ATOM   667  C CE  . LYS A 1 115 ? -2.561  -19.967 -15.682 1.00 70.96  ? 2096 LYS A CE  1 
ATOM   668  N NZ  . LYS A 1 115 ? -2.809  -21.412 -15.828 1.00 79.96  ? 2096 LYS A NZ  1 
ATOM   669  N N   . ARG A 1 116 ? -6.960  -16.342 -16.417 1.00 83.32  ? 2097 ARG A N   1 
ATOM   670  C CA  . ARG A 1 116 ? -8.378  -16.551 -16.130 1.00 91.85  ? 2097 ARG A CA  1 
ATOM   671  C C   . ARG A 1 116 ? -9.272  -15.634 -16.938 1.00 96.36  ? 2097 ARG A C   1 
ATOM   672  O O   . ARG A 1 116 ? -10.156 -14.897 -16.252 1.00 98.76  ? 2097 ARG A O   1 
ATOM   673  C CB  . ARG A 1 116 ? -8.645  -16.379 -14.631 1.00 94.01  ? 2097 ARG A CB  1 
ATOM   674  C CG  . ARG A 1 116 ? -10.032 -16.830 -14.198 1.00 97.76  ? 2097 ARG A CG  1 
ATOM   675  C CD  . ARG A 1 116 ? -10.167 -18.343 -14.265 1.00 96.01  ? 2097 ARG A CD  1 
ATOM   676  N NE  . ARG A 1 116 ? -11.491 -18.791 -13.843 1.00 100.00 ? 2097 ARG A NE  1 
ATOM   677  C CZ  . ARG A 1 116 ? -11.874 -20.064 -13.802 1.00 98.48  ? 2097 ARG A CZ  1 
ATOM   678  N NH1 . ARG A 1 116 ? -11.030 -21.023 -14.160 1.00 100.00 ? 2097 ARG A NH1 1 
ATOM   679  N NH2 . ARG A 1 116 ? -13.099 -20.376 -13.406 1.00 95.97  ? 2097 ARG A NH2 1 
ATOM   680  N N   . ALA A 1 128 ? -5.594  -20.554 -1.733  1.00 77.19  ? 3001 ALA A N   1 
ATOM   681  C CA  . ALA A 1 128 ? -5.212  -19.519 -2.742  1.00 78.91  ? 3001 ALA A CA  1 
ATOM   682  C C   . ALA A 1 128 ? -5.734  -18.154 -2.410  1.00 78.24  ? 3001 ALA A C   1 
ATOM   683  O O   . ALA A 1 128 ? -4.971  -17.231 -2.121  1.00 79.62  ? 3001 ALA A O   1 
ATOM   684  C CB  . ALA A 1 128 ? -5.665  -19.963 -4.132  1.00 72.04  ? 3001 ALA A CB  1 
ATOM   685  N N   . GLN A 1 129 ? -7.020  -18.049 -2.491  1.00 76.68  ? 3002 GLN A N   1 
ATOM   686  C CA  . GLN A 1 129 ? -7.699  -16.819 -2.168  1.00 71.79  ? 3002 GLN A CA  1 
ATOM   687  C C   . GLN A 1 129 ? -8.128  -16.871 -0.706  1.00 68.66  ? 3002 GLN A C   1 
ATOM   688  O O   . GLN A 1 129 ? -8.448  -17.938 -0.177  1.00 73.62  ? 3002 GLN A O   1 
ATOM   689  C CB  . GLN A 1 129 ? -8.982  -16.745 -2.995  1.00 71.70  ? 3002 GLN A CB  1 
ATOM   690  C CG  . GLN A 1 129 ? -9.030  -15.605 -4.007  1.00 68.87  ? 3002 GLN A CG  1 
ATOM   691  C CD  . GLN A 1 129 ? -10.338 -15.607 -4.818  1.00 68.18  ? 3002 GLN A CD  1 
ATOM   692  O OE1 . GLN A 1 129 ? -11.054 -16.604 -4.826  1.00 67.52  ? 3002 GLN A OE1 1 
ATOM   693  N NE2 . GLN A 1 129 ? -10.686 -14.534 -5.505  1.00 70.82  ? 3002 GLN A NE2 1 
ATOM   694  N N   . GLY A 1 130 ? -8.134  -15.744 0.001   1.00 64.46  ? 3003 GLY A N   1 
ATOM   695  C CA  . GLY A 1 130 ? -8.765  -15.777 1.350   1.00 61.38  ? 3003 GLY A CA  1 
ATOM   696  C C   . GLY A 1 130 ? -8.075  -14.979 2.450   1.00 55.95  ? 3003 GLY A C   1 
ATOM   697  O O   . GLY A 1 130 ? -6.838  -14.925 2.529   1.00 49.18  ? 3003 GLY A O   1 
ATOM   698  N N   . GLY A 1 131 ? -8.897  -14.387 3.308   1.00 53.96  ? 3004 GLY A N   1 
ATOM   699  C CA  . GLY A 1 131 ? -8.387  -13.575 4.404   1.00 49.08  ? 3004 GLY A CA  1 
ATOM   700  C C   . GLY A 1 131 ? -8.112  -14.308 5.714   1.00 44.62  ? 3004 GLY A C   1 
ATOM   701  O O   . GLY A 1 131 ? -8.488  -15.463 5.870   1.00 38.41  ? 3004 GLY A O   1 
ATOM   702  N N   . GLU A 1 132 ? -7.523  -13.595 6.665   1.00 50.26  ? 3005 GLU A N   1 
ATOM   703  C CA  . GLU A 1 132 ? -7.159  -14.156 7.977   1.00 49.49  ? 3005 GLU A CA  1 
ATOM   704  C C   . GLU A 1 132 ? -7.259  -13.082 9.058   1.00 48.72  ? 3005 GLU A C   1 
ATOM   705  O O   . GLU A 1 132 ? -6.813  -11.943 8.871   1.00 52.40  ? 3005 GLU A O   1 
ATOM   706  C CB  . GLU A 1 132 ? -5.720  -14.627 7.943   1.00 49.11  ? 3005 GLU A CB  1 
ATOM   707  C CG  . GLU A 1 132 ? -5.530  -16.122 8.114   1.00 51.12  ? 3005 GLU A CG  1 
ATOM   708  C CD  . GLU A 1 132 ? -4.192  -16.570 7.534   1.00 56.05  ? 3005 GLU A CD  1 
ATOM   709  O OE1 . GLU A 1 132 ? -3.908  -16.274 6.314   1.00 60.52  ? 3005 GLU A OE1 1 
ATOM   710  O OE2 . GLU A 1 132 ? -3.365  -17.225 8.261   1.00 48.77  ? 3005 GLU A OE2 1 
ATOM   711  N N   . GLN A 1 133 ? -7.840  -13.477 10.174  1.00 51.77  ? 3006 GLN A N   1 
ATOM   712  C CA  . GLN A 1 133 ? -8.016  -12.596 11.340  1.00 55.79  ? 3006 GLN A CA  1 
ATOM   713  C C   . GLN A 1 133 ? -7.126  -13.101 12.478  1.00 57.63  ? 3006 GLN A C   1 
ATOM   714  O O   . GLN A 1 133 ? -7.566  -13.863 13.341  1.00 62.98  ? 3006 GLN A O   1 
ATOM   715  C CB  . GLN A 1 133 ? -9.481  -12.631 11.776  1.00 55.50  ? 3006 GLN A CB  1 
ATOM   716  C CG  . GLN A 1 133 ? -9.760  -11.817 13.036  1.00 57.15  ? 3006 GLN A CG  1 
ATOM   717  C CD  . GLN A 1 133 ? -10.882 -10.796 12.835  1.00 54.20  ? 3006 GLN A CD  1 
ATOM   718  O OE1 . GLN A 1 133 ? -11.181 -10.439 11.704  1.00 51.73  ? 3006 GLN A OE1 1 
ATOM   719  N NE2 . GLN A 1 133 ? -11.512 -10.313 13.888  1.00 66.80  ? 3006 GLN A NE2 1 
ATOM   720  N N   . LYS A 1 134 ? -5.872  -12.669 12.470  1.00 60.35  ? 3007 LYS A N   1 
ATOM   721  C CA  . LYS A 1 134 ? -4.877  -13.130 13.464  1.00 64.87  ? 3007 LYS A CA  1 
ATOM   722  C C   . LYS A 1 134 ? -4.722  -12.150 14.636  1.00 70.35  ? 3007 LYS A C   1 
ATOM   723  O O   . LYS A 1 134 ? -5.165  -10.991 14.575  1.00 58.99  ? 3007 LYS A O   1 
ATOM   724  C CB  . LYS A 1 134 ? -3.514  -13.300 12.789  1.00 64.03  ? 3007 LYS A CB  1 
ATOM   725  C CG  . LYS A 1 134 ? -2.406  -13.688 13.767  1.00 62.65  ? 3007 LYS A CG  1 
ATOM   726  C CD  . LYS A 1 134 ? -1.163  -14.266 13.080  1.00 65.73  ? 3007 LYS A CD  1 
ATOM   727  C CE  . LYS A 1 134 ? -0.104  -14.724 14.085  1.00 65.10  ? 3007 LYS A CE  1 
ATOM   728  N NZ  . LYS A 1 134 ? 1.092   -15.302 13.453  1.00 66.83  ? 3007 LYS A NZ  1 
ATOM   729  N N   . LEU A 1 135 ? -4.079  -12.649 15.703  1.00 78.09  ? 3008 LEU A N   1 
ATOM   730  C CA  . LEU A 1 135 ? -3.836  -11.836 16.905  1.00 84.54  ? 3008 LEU A CA  1 
ATOM   731  C C   . LEU A 1 135 ? -2.518  -12.121 17.590  1.00 88.79  ? 3008 LEU A C   1 
ATOM   732  O O   . LEU A 1 135 ? -2.440  -12.123 18.841  1.00 95.06  ? 3008 LEU A O   1 
ATOM   733  C CB  . LEU A 1 135 ? -4.929  -12.010 17.953  1.00 82.04  ? 3008 LEU A CB  1 
ATOM   734  C CG  . LEU A 1 135 ? -4.762  -11.021 19.119  1.00 76.69  ? 3008 LEU A CG  1 
ATOM   735  C CD1 . LEU A 1 135 ? -5.066  -9.574  18.726  1.00 70.27  ? 3008 LEU A CD1 1 
ATOM   736  C CD2 . LEU A 1 135 ? -5.659  -11.354 20.289  1.00 77.86  ? 3008 LEU A CD2 1 
ATOM   737  N N   . PHE A 1 150 ? -10.753 -14.645 6.330   1.00 98.69  ? 4004 PHE A N   1 
ATOM   738  C CA  . PHE A 1 150 ? -12.091 -14.125 6.083   1.00 98.50  ? 4004 PHE A CA  1 
ATOM   739  C C   . PHE A 1 150 ? -12.622 -14.601 4.881   1.00 99.19  ? 4004 PHE A C   1 
ATOM   740  O O   . PHE A 1 150 ? -13.629 -14.080 4.399   1.00 100.00 ? 4004 PHE A O   1 
ATOM   741  C CB  . PHE A 1 150 ? -12.043 -12.617 5.838   1.00 99.23  ? 4004 PHE A CB  1 
ATOM   742  C CG  . PHE A 1 150 ? -11.496 -11.828 7.021   1.00 100.00 ? 4004 PHE A CG  1 
ATOM   743  C CD1 . PHE A 1 150 ? -12.368 -11.367 8.011   1.00 100.00 ? 4004 PHE A CD1 1 
ATOM   744  C CD2 . PHE A 1 150 ? -10.125 -11.565 7.109   1.00 100.00 ? 4004 PHE A CD2 1 
ATOM   745  C CE1 . PHE A 1 150 ? -11.867 -10.639 9.096   1.00 100.00 ? 4004 PHE A CE1 1 
ATOM   746  C CE2 . PHE A 1 150 ? -9.623  -10.837 8.193   1.00 100.00 ? 4004 PHE A CE2 1 
ATOM   747  C CZ  . PHE A 1 150 ? -10.494 -10.374 9.186   1.00 100.00 ? 4004 PHE A CZ  1 
ATOM   748  N N   . GLN A 1 151 ? -11.897 -15.556 4.501   1.00 94.73  ? 4005 GLN A N   1 
ATOM   749  C CA  . GLN A 1 151 ? -12.427 -16.035 3.232   1.00 88.15  ? 4005 GLN A CA  1 
ATOM   750  C C   . GLN A 1 151 ? -12.761 -14.875 2.303   1.00 81.95  ? 4005 GLN A C   1 
ATOM   751  O O   . GLN A 1 151 ? -11.895 -14.371 1.589   1.00 85.83  ? 4005 GLN A O   1 
ATOM   752  C CB  . GLN A 1 151 ? -13.660 -16.913 3.461   1.00 93.21  ? 4005 GLN A CB  1 
ATOM   753  C CG  . GLN A 1 151 ? -14.886 -16.151 3.931   1.00 94.70  ? 4005 GLN A CG  1 
ATOM   754  C CD  . GLN A 1 151 ? -16.007 -17.073 4.371   1.00 99.27  ? 4005 GLN A CD  1 
ATOM   755  O OE1 . GLN A 1 151 ? -15.871 -18.295 4.323   1.00 100.00 ? 4005 GLN A OE1 1 
ATOM   756  N NE2 . GLN A 1 151 ? -17.196 -16.703 4.831   1.00 100.00 ? 4005 GLN A NE2 1 
ATOM   757  N N   . THR A 1 152 ? -13.986 -14.454 2.360   1.00 72.00  ? 4006 THR A N   1 
ATOM   758  C CA  . THR A 1 152 ? -14.429 -13.369 1.494   1.00 62.53  ? 4006 THR A CA  1 
ATOM   759  C C   . THR A 1 152 ? -13.458 -12.187 1.545   1.00 58.96  ? 4006 THR A C   1 
ATOM   760  O O   . THR A 1 152 ? -12.820 -11.913 2.575   1.00 49.39  ? 4006 THR A O   1 
ATOM   761  C CB  . THR A 1 152 ? -15.810 -12.855 1.919   1.00 64.26  ? 4006 THR A CB  1 
ATOM   762  O OG1 . THR A 1 152 ? -15.746 -12.253 3.205   1.00 71.49  ? 4006 THR A OG1 1 
ATOM   763  C CG2 . THR A 1 152 ? -16.869 -13.958 1.988   1.00 67.00  ? 4006 THR A CG2 1 
ATOM   764  N N   . TRP A 1 153 ? -13.358 -11.543 0.399   1.00 46.75  ? 4007 TRP A N   1 
ATOM   765  C CA  . TRP A 1 153 ? -12.654 -10.278 0.285   1.00 35.99  ? 4007 TRP A CA  1 
ATOM   766  C C   . TRP A 1 153 ? -13.506 -9.273  1.061   1.00 32.40  ? 4007 TRP A C   1 
ATOM   767  O O   . TRP A 1 153 ? -13.044 -8.437  1.810   1.00 37.70  ? 4007 TRP A O   1 
ATOM   768  C CB  . TRP A 1 153 ? -12.569 -9.850  -1.190  1.00 26.30  ? 4007 TRP A CB  1 
ATOM   769  C CG  . TRP A 1 153 ? -12.236 -8.355  -1.412  1.00 21.80  ? 4007 TRP A CG  1 
ATOM   770  C CD1 . TRP A 1 153 ? -13.030 -7.408  -1.952  1.00 3.46   ? 4007 TRP A CD1 1 
ATOM   771  C CD2 . TRP A 1 153 ? -11.007 -7.732  -1.081  1.00 19.08  ? 4007 TRP A CD2 1 
ATOM   772  N NE1 . TRP A 1 153 ? -12.282 -6.181  -1.973  1.00 26.46  ? 4007 TRP A NE1 1 
ATOM   773  C CE2 . TRP A 1 153 ? -11.096 -6.398  -1.461  1.00 21.09  ? 4007 TRP A CE2 1 
ATOM   774  C CE3 . TRP A 1 153 ? -9.831  -8.200  -0.495  1.00 23.70  ? 4007 TRP A CE3 1 
ATOM   775  C CZ2 . TRP A 1 153 ? -10.043 -5.488  -1.297  1.00 26.36  ? 4007 TRP A CZ2 1 
ATOM   776  C CZ3 . TRP A 1 153 ? -8.781  -7.277  -0.326  1.00 42.16  ? 4007 TRP A CZ3 1 
ATOM   777  C CH2 . TRP A 1 153 ? -8.883  -5.985  -0.711  1.00 40.93  ? 4007 TRP A CH2 1 
ATOM   778  N N   . GLU A 1 154 ? -14.796 -9.353  0.908   1.00 23.20  ? 4008 GLU A N   1 
ATOM   779  C CA  . GLU A 1 154 ? -15.677 -8.380  1.557   1.00 29.11  ? 4008 GLU A CA  1 
ATOM   780  C C   . GLU A 1 154 ? -15.421 -8.259  3.077   1.00 37.62  ? 4008 GLU A C   1 
ATOM   781  O O   . GLU A 1 154 ? -15.344 -7.153  3.630   1.00 36.85  ? 4008 GLU A O   1 
ATOM   782  C CB  . GLU A 1 154 ? -17.112 -8.783  1.347   1.00 34.28  ? 4008 GLU A CB  1 
ATOM   783  C CG  . GLU A 1 154 ? -18.087 -7.657  1.635   1.00 51.99  ? 4008 GLU A CG  1 
ATOM   784  C CD  . GLU A 1 154 ? -19.511 -8.058  1.303   1.00 60.19  ? 4008 GLU A CD  1 
ATOM   785  O OE1 . GLU A 1 154 ? -19.737 -9.205  0.759   1.00 74.43  ? 4008 GLU A OE1 1 
ATOM   786  O OE2 . GLU A 1 154 ? -20.478 -7.255  1.564   1.00 57.14  ? 4008 GLU A OE2 1 
ATOM   787  N N   . GLU A 1 155 ? -15.307 -9.398  3.742   1.00 37.25  ? 4009 GLU A N   1 
ATOM   788  C CA  . GLU A 1 155 ? -15.104 -9.443  5.210   1.00 32.88  ? 4009 GLU A CA  1 
ATOM   789  C C   . GLU A 1 155 ? -13.734 -8.891  5.582   1.00 23.82  ? 4009 GLU A C   1 
ATOM   790  O O   . GLU A 1 155 ? -13.557 -8.270  6.619   1.00 33.65  ? 4009 GLU A O   1 
ATOM   791  C CB  . GLU A 1 155 ? -15.231 -10.877 5.709   1.00 31.16  ? 4009 GLU A CB  1 
ATOM   792  C CG  . GLU A 1 155 ? -16.630 -11.452 5.490   1.00 45.97  ? 4009 GLU A CG  1 
ATOM   793  C CD  . GLU A 1 155 ? -16.768 -12.874 6.017   1.00 51.93  ? 4009 GLU A CD  1 
ATOM   794  O OE1 . GLU A 1 155 ? -15.772 -13.435 6.610   1.00 54.46  ? 4009 GLU A OE1 1 
ATOM   795  O OE2 . GLU A 1 155 ? -17.878 -13.508 5.867   1.00 71.73  ? 4009 GLU A OE2 1 
ATOM   796  N N   . PHE A 1 156 ? -12.763 -9.186  4.736   1.00 23.32  ? 4010 PHE A N   1 
ATOM   797  C CA  . PHE A 1 156 ? -11.427 -8.703  4.956   1.00 19.48  ? 4010 PHE A CA  1 
ATOM   798  C C   . PHE A 1 156 ? -11.407 -7.168  4.910   1.00 24.08  ? 4010 PHE A C   1 
ATOM   799  O O   . PHE A 1 156 ? -10.921 -6.522  5.824   1.00 24.95  ? 4010 PHE A O   1 
ATOM   800  C CB  . PHE A 1 156 ? -10.457 -9.284  3.918   1.00 8.35   ? 4010 PHE A CB  1 
ATOM   801  C CG  . PHE A 1 156 ? -9.114  -8.590  3.905   1.00 21.69  ? 4010 PHE A CG  1 
ATOM   802  C CD1 . PHE A 1 156 ? -8.098  -8.997  4.766   1.00 22.02  ? 4010 PHE A CD1 1 
ATOM   803  C CD2 . PHE A 1 156 ? -8.916  -7.451  3.127   1.00 24.61  ? 4010 PHE A CD2 1 
ATOM   804  C CE1 . PHE A 1 156 ? -6.922  -8.277  4.862   1.00 28.62  ? 4010 PHE A CE1 1 
ATOM   805  C CE2 . PHE A 1 156 ? -7.758  -6.732  3.217   1.00 17.88  ? 4010 PHE A CE2 1 
ATOM   806  C CZ  . PHE A 1 156 ? -6.751  -7.139  4.090   1.00 24.26  ? 4010 PHE A CZ  1 
ATOM   807  N N   . SER A 1 157 ? -11.920 -6.603  3.827   1.00 29.82  ? 4011 SER A N   1 
ATOM   808  C CA  . SER A 1 157 ? -11.959 -5.160  3.630   1.00 32.92  ? 4011 SER A CA  1 
ATOM   809  C C   . SER A 1 157 ? -12.562 -4.410  4.793   1.00 29.55  ? 4011 SER A C   1 
ATOM   810  O O   . SER A 1 157 ? -11.996 -3.415  5.246   1.00 28.26  ? 4011 SER A O   1 
ATOM   811  C CB  . SER A 1 157 ? -12.761 -4.820  2.373   1.00 21.20  ? 4011 SER A CB  1 
ATOM   812  O OG  . SER A 1 157 ? -12.048 -5.181  1.222   1.00 55.93  ? 4011 SER A OG  1 
ATOM   813  N N   . ARG A 1 158 ? -13.739 -4.858  5.226   1.00 31.54  ? 4012 ARG A N   1 
ATOM   814  C CA  . ARG A 1 158 ? -14.466 -4.229  6.324   1.00 27.66  ? 4012 ARG A CA  1 
ATOM   815  C C   . ARG A 1 158 ? -13.646 -4.269  7.597   1.00 23.95  ? 4012 ARG A C   1 
ATOM   816  O O   . ARG A 1 158 ? -13.515 -3.262  8.284   1.00 23.24  ? 4012 ARG A O   1 
ATOM   817  C CB  . ARG A 1 158 ? -15.807 -4.927  6.555   1.00 27.06  ? 4012 ARG A CB  1 
ATOM   818  C CG  . ARG A 1 158 ? -16.691 -4.974  5.337   1.00 28.51  ? 4012 ARG A CG  1 
ATOM   819  C CD  . ARG A 1 158 ? -16.904 -3.607  4.768   1.00 27.14  ? 4012 ARG A CD  1 
ATOM   820  N NE  . ARG A 1 158 ? -17.495 -3.666  3.437   1.00 44.77  ? 4012 ARG A NE  1 
ATOM   821  C CZ  . ARG A 1 158 ? -18.768 -3.954  3.214   1.00 41.57  ? 4012 ARG A CZ  1 
ATOM   822  N NH1 . ARG A 1 158 ? -19.568 -4.215  4.238   1.00 50.10  ? 4012 ARG A NH1 1 
ATOM   823  N NH2 . ARG A 1 158 ? -19.243 -3.931  1.978   1.00 39.36  ? 4012 ARG A NH2 1 
ATOM   824  N N   . ALA A 1 159 ? -13.099 -5.447  7.893   1.00 13.13  ? 4013 ALA A N   1 
ATOM   825  C CA  . ALA A 1 159 ? -12.298 -5.654  9.084   1.00 21.23  ? 4013 ALA A CA  1 
ATOM   826  C C   . ALA A 1 159 ? -11.068 -4.747  9.104   1.00 23.17  ? 4013 ALA A C   1 
ATOM   827  O O   . ALA A 1 159 ? -10.771 -4.115  10.122  1.00 21.84  ? 4013 ALA A O   1 
ATOM   828  C CB  . ALA A 1 159 ? -11.875 -7.106  9.172   1.00 5.81   ? 4013 ALA A CB  1 
ATOM   829  N N   . ALA A 1 160 ? -10.346 -4.729  7.980   1.00 25.18  ? 4014 ALA A N   1 
ATOM   830  C CA  . ALA A 1 160 ? -9.133  -3.935  7.813   1.00 23.18  ? 4014 ALA A CA  1 
ATOM   831  C C   . ALA A 1 160 ? -9.408  -2.445  7.927   1.00 22.51  ? 4014 ALA A C   1 
ATOM   832  O O   . ALA A 1 160 ? -8.601  -1.701  8.461   1.00 27.84  ? 4014 ALA A O   1 
ATOM   833  C CB  . ALA A 1 160 ? -8.505  -4.254  6.493   1.00 21.91  ? 4014 ALA A CB  1 
ATOM   834  N N   . GLU A 1 161 ? -10.583 -2.048  7.460   1.00 25.31  ? 4015 GLU A N   1 
ATOM   835  C CA  . GLU A 1 161 ? -11.045 -0.665  7.473   1.00 32.13  ? 4015 GLU A CA  1 
ATOM   836  C C   . GLU A 1 161 ? -11.333 -0.191  8.914   1.00 31.79  ? 4015 GLU A C   1 
ATOM   837  O O   . GLU A 1 161 ? -10.966 0.931   9.281   1.00 42.72  ? 4015 GLU A O   1 
ATOM   838  C CB  . GLU A 1 161 ? -12.278 -0.576  6.577   1.00 19.50  ? 4015 GLU A CB  1 
ATOM   839  C CG  . GLU A 1 161 ? -12.849 0.786   6.327   1.00 38.06  ? 4015 GLU A CG  1 
ATOM   840  C CD  . GLU A 1 161 ? -14.169 0.692   5.605   1.00 35.97  ? 4015 GLU A CD  1 
ATOM   841  O OE1 . GLU A 1 161 ? -14.199 0.191   4.462   1.00 32.08  ? 4015 GLU A OE1 1 
ATOM   842  O OE2 . GLU A 1 161 ? -15.183 1.094   6.198   1.00 43.22  ? 4015 GLU A OE2 1 
ATOM   843  N N   . LYS A 1 162 ? -11.994 -1.029  9.724   1.00 32.74  ? 4016 LYS A N   1 
ATOM   844  C CA  . LYS A 1 162 ? -12.243 -0.697  11.119  1.00 30.81  ? 4016 LYS A CA  1 
ATOM   845  C C   . LYS A 1 162 ? -10.944 -0.678  11.916  1.00 29.66  ? 4016 LYS A C   1 
ATOM   846  O O   . LYS A 1 162 ? -10.736 0.162   12.773  1.00 20.10  ? 4016 LYS A O   1 
ATOM   847  C CB  . LYS A 1 162 ? -13.235 -1.683  11.734  1.00 44.15  ? 4016 LYS A CB  1 
ATOM   848  C CG  . LYS A 1 162 ? -13.554 -1.412  13.194  1.00 67.72  ? 4016 LYS A CG  1 
ATOM   849  C CD  . LYS A 1 162 ? -14.546 -2.428  13.738  1.00 79.64  ? 4016 LYS A CD  1 
ATOM   850  C CE  . LYS A 1 162 ? -14.876 -2.149  15.197  1.00 86.89  ? 4016 LYS A CE  1 
ATOM   851  N NZ  . LYS A 1 162 ? -15.861 -3.124  15.738  1.00 87.84  ? 4016 LYS A NZ  1 
ATOM   852  N N   . LEU A 1 163 ? -10.046 -1.605  11.593  1.00 23.65  ? 4017 LEU A N   1 
ATOM   853  C CA  . LEU A 1 163 ? -8.734  -1.654  12.219  1.00 24.39  ? 4017 LEU A CA  1 
ATOM   854  C C   . LEU A 1 163 ? -7.975  -0.363  11.927  1.00 21.99  ? 4017 LEU A C   1 
ATOM   855  O O   . LEU A 1 163 ? -7.260  0.158   12.781  1.00 36.29  ? 4017 LEU A O   1 
ATOM   856  C CB  . LEU A 1 163 ? -7.923  -2.843  11.698  1.00 21.04  ? 4017 LEU A CB  1 
ATOM   857  C CG  . LEU A 1 163 ? -6.465  -2.925  12.161  1.00 27.35  ? 4017 LEU A CG  1 
ATOM   858  C CD1 . LEU A 1 163 ? -6.371  -2.712  13.662  1.00 25.63  ? 4017 LEU A CD1 1 
ATOM   859  C CD2 . LEU A 1 163 ? -5.893  -4.288  11.802  1.00 19.92  ? 4017 LEU A CD2 1 
ATOM   860  N N   . TYR A 1 164 ? -8.143  0.165   10.723  1.00 24.67  ? 4018 TYR A N   1 
ATOM   861  C CA  . TYR A 1 164 ? -7.448  1.396   10.372  1.00 23.84  ? 4018 TYR A CA  1 
ATOM   862  C C   . TYR A 1 164 ? -8.022  2.606   11.120  1.00 20.48  ? 4018 TYR A C   1 
ATOM   863  O O   . TYR A 1 164 ? -7.279  3.401   11.682  1.00 14.13  ? 4018 TYR A O   1 
ATOM   864  C CB  . TYR A 1 164 ? -7.528  1.651   8.855   1.00 21.52  ? 4018 TYR A CB  1 
ATOM   865  C CG  . TYR A 1 164 ? -6.964  2.977   8.494   1.00 13.46  ? 4018 TYR A CG  1 
ATOM   866  C CD1 . TYR A 1 164 ? -5.588  3.203   8.562   1.00 21.13  ? 4018 TYR A CD1 1 
ATOM   867  C CD2 . TYR A 1 164 ? -7.789  4.054   8.213   1.00 14.08  ? 4018 TYR A CD2 1 
ATOM   868  C CE1 . TYR A 1 164 ? -5.060  4.465   8.368   1.00 17.89  ? 4018 TYR A CE1 1 
ATOM   869  C CE2 . TYR A 1 164 ? -7.248  5.350   8.017   1.00 16.23  ? 4018 TYR A CE2 1 
ATOM   870  C CZ  . TYR A 1 164 ? -5.883  5.531   8.103   1.00 22.51  ? 4018 TYR A CZ  1 
ATOM   871  O OH  . TYR A 1 164 ? -5.337  6.796   7.975   1.00 34.64  ? 4018 TYR A OH  1 
ATOM   872  N N   . LEU A 1 165 ? -9.338  2.772   11.026  1.00 13.53  ? 4019 LEU A N   1 
ATOM   873  C CA  . LEU A 1 165 ? -10.063 3.865   11.634  1.00 18.93  ? 4019 LEU A CA  1 
ATOM   874  C C   . LEU A 1 165 ? -9.918  3.915   13.152  1.00 28.27  ? 4019 LEU A C   1 
ATOM   875  O O   . LEU A 1 165 ? -9.992  4.989   13.760  1.00 32.59  ? 4019 LEU A O   1 
ATOM   876  C CB  . LEU A 1 165 ? -11.543 3.784   11.248  1.00 18.25  ? 4019 LEU A CB  1 
ATOM   877  C CG  . LEU A 1 165 ? -12.166 4.454   10.008  1.00 34.54  ? 4019 LEU A CG  1 
ATOM   878  C CD1 . LEU A 1 165 ? -11.138 5.180   9.187   1.00 24.91  ? 4019 LEU A CD1 1 
ATOM   879  C CD2 . LEU A 1 165 ? -12.922 3.443   9.173   1.00 30.82  ? 4019 LEU A CD2 1 
ATOM   880  N N   . ALA A 1 166 ? -9.679  2.755   13.752  1.00 29.74  ? 4020 ALA A N   1 
ATOM   881  C CA  . ALA A 1 166 ? -9.519  2.655   15.191  1.00 32.79  ? 4020 ALA A CA  1 
ATOM   882  C C   . ALA A 1 166 ? -8.368  3.562   15.626  1.00 33.10  ? 4020 ALA A C   1 
ATOM   883  O O   . ALA A 1 166 ? -8.562  4.461   16.430  1.00 35.06  ? 4020 ALA A O   1 
ATOM   884  C CB  . ALA A 1 166 ? -9.247  1.241   15.567  1.00 17.99  ? 4020 ALA A CB  1 
ATOM   885  N N   . ASP A 1 167 ? -7.190  3.336   15.055  1.00 29.51  ? 4021 ASP A N   1 
ATOM   886  C CA  . ASP A 1 167 ? -6.013  4.134   15.343  1.00 29.22  ? 4021 ASP A CA  1 
ATOM   887  C C   . ASP A 1 167 ? -5.112  4.305   14.095  1.00 20.00  ? 4021 ASP A C   1 
ATOM   888  O O   . ASP A 1 167 ? -4.128  3.596   13.937  1.00 24.79  ? 4021 ASP A O   1 
ATOM   889  C CB  . ASP A 1 167 ? -5.228  3.512   16.517  1.00 31.69  ? 4021 ASP A CB  1 
ATOM   890  C CG  . ASP A 1 167 ? -4.264  4.506   17.167  1.00 27.28  ? 4021 ASP A CG  1 
ATOM   891  O OD1 . ASP A 1 167 ? -4.216  5.672   16.726  1.00 31.62  ? 4021 ASP A OD1 1 
ATOM   892  O OD2 . ASP A 1 167 ? -3.562  4.132   18.128  1.00 45.48  ? 4021 ASP A OD2 1 
ATOM   893  N N   . PRO A 1 168 ? -5.406  5.304   13.238  1.00 27.16  ? 4022 PRO A N   1 
ATOM   894  C CA  . PRO A 1 168 ? -4.660  5.616   11.992  1.00 21.97  ? 4022 PRO A CA  1 
ATOM   895  C C   . PRO A 1 168 ? -3.140  5.759   12.108  1.00 26.13  ? 4022 PRO A C   1 
ATOM   896  O O   . PRO A 1 168 ? -2.406  5.404   11.196  1.00 29.98  ? 4022 PRO A O   1 
ATOM   897  C CB  . PRO A 1 168 ? -5.287  6.932   11.528  1.00 22.61  ? 4022 PRO A CB  1 
ATOM   898  C CG  . PRO A 1 168 ? -6.703  6.844   12.020  1.00 18.52  ? 4022 PRO A CG  1 
ATOM   899  C CD  . PRO A 1 168 ? -6.509  6.272   13.439  1.00 27.74  ? 4022 PRO A CD  1 
ATOM   900  N N   . MET A 1 169 ? -2.669  6.244   13.252  1.00 34.86  ? 4023 MET A N   1 
ATOM   901  C CA  . MET A 1 169 ? -1.236  6.451   13.483  1.00 29.04  ? 4023 MET A CA  1 
ATOM   902  C C   . MET A 1 169 ? -0.421  5.193   13.770  1.00 27.73  ? 4023 MET A C   1 
ATOM   903  O O   . MET A 1 169 ? 0.801   5.176   13.616  1.00 30.58  ? 4023 MET A O   1 
ATOM   904  C CB  . MET A 1 169 ? -1.038  7.451   14.632  1.00 23.98  ? 4023 MET A CB  1 
ATOM   905  C CG  . MET A 1 169 ? -1.498  8.855   14.329  1.00 23.64  ? 4023 MET A CG  1 
ATOM   906  S SD  . MET A 1 169 ? -0.576  9.568   12.947  1.00 40.02  ? 4023 MET A SD  1 
ATOM   907  C CE  . MET A 1 169 ? 1.098   9.228   13.412  1.00 24.73  ? 4023 MET A CE  1 
ATOM   908  N N   . LYS A 1 170 ? -1.092  4.145   14.222  1.00 24.60  ? 4024 LYS A N   1 
ATOM   909  C CA  . LYS A 1 170 ? -0.412  2.885   14.563  1.00 23.12  ? 4024 LYS A CA  1 
ATOM   910  C C   . LYS A 1 170 ? -0.517  1.768   13.529  1.00 21.35  ? 4024 LYS A C   1 
ATOM   911  O O   . LYS A 1 170 ? 0.201   0.773   13.621  1.00 27.03  ? 4024 LYS A O   1 
ATOM   912  C CB  . LYS A 1 170 ? -0.955  2.374   15.893  1.00 31.69  ? 4024 LYS A CB  1 
ATOM   913  C CG  . LYS A 1 170 ? -0.823  3.387   17.013  1.00 28.90  ? 4024 LYS A CG  1 
ATOM   914  C CD  . LYS A 1 170 ? 0.529   3.290   17.709  1.00 24.82  ? 4024 LYS A CD  1 
ATOM   915  C CE  . LYS A 1 170 ? 0.647   4.308   18.855  1.00 40.42  ? 4024 LYS A CE  1 
ATOM   916  N NZ  . LYS A 1 170 ? -0.602  4.523   19.654  1.00 52.20  ? 4024 LYS A NZ  1 
ATOM   917  N N   . VAL A 1 171 ? -1.407  1.929   12.552  1.00 29.64  ? 4025 VAL A N   1 
ATOM   918  C CA  . VAL A 1 171 ? -1.627  0.909   11.529  1.00 28.61  ? 4025 VAL A CA  1 
ATOM   919  C C   . VAL A 1 171 ? -0.690  0.958   10.312  1.00 28.59  ? 4025 VAL A C   1 
ATOM   920  O O   . VAL A 1 171 ? -0.369  2.020   9.792   1.00 31.63  ? 4025 VAL A O   1 
ATOM   921  C CB  . VAL A 1 171 ? -3.112  0.920   11.098  1.00 27.36  ? 4025 VAL A CB  1 
ATOM   922  C CG1 . VAL A 1 171 ? -3.414  -0.212  10.092  1.00 18.88  ? 4025 VAL A CG1 1 
ATOM   923  C CG2 . VAL A 1 171 ? -3.996  0.796   12.334  1.00 20.48  ? 4025 VAL A CG2 1 
ATOM   924  N N   . ARG A 1 172 ? -0.251  -0.221  9.884   1.00 31.81  ? 4026 ARG A N   1 
ATOM   925  C CA  . ARG A 1 172 ? 0.639   -0.379  8.734   1.00 26.64  ? 4026 ARG A CA  1 
ATOM   926  C C   . ARG A 1 172 ? -0.051  -1.191  7.655   1.00 22.39  ? 4026 ARG A C   1 
ATOM   927  O O   . ARG A 1 172 ? -0.630  -2.243  7.939   1.00 27.70  ? 4026 ARG A O   1 
ATOM   928  C CB  . ARG A 1 172 ? 1.890   -1.139  9.136   1.00 29.02  ? 4026 ARG A CB  1 
ATOM   929  C CG  . ARG A 1 172 ? 2.903   -1.304  8.037   1.00 39.62  ? 4026 ARG A CG  1 
ATOM   930  C CD  . ARG A 1 172 ? 3.958   -2.310  8.442   1.00 36.41  ? 4026 ARG A CD  1 
ATOM   931  N NE  . ARG A 1 172 ? 4.419   -2.059  9.802   1.00 49.36  ? 4026 ARG A NE  1 
ATOM   932  C CZ  . ARG A 1 172 ? 4.289   -2.909  10.813  1.00 46.27  ? 4026 ARG A CZ  1 
ATOM   933  N NH1 . ARG A 1 172 ? 3.719   -4.098  10.642  1.00 49.58  ? 4026 ARG A NH1 1 
ATOM   934  N NH2 . ARG A 1 172 ? 4.662   -2.524  12.018  1.00 45.19  ? 4026 ARG A NH2 1 
ATOM   935  N N   . VAL A 1 173 ? -0.013  -0.690  6.424   1.00 26.97  ? 4027 VAL A N   1 
ATOM   936  C CA  . VAL A 1 173 ? -0.614  -1.398  5.307   1.00 21.54  ? 4027 VAL A CA  1 
ATOM   937  C C   . VAL A 1 173 ? 0.533   -2.020  4.507   1.00 25.43  ? 4027 VAL A C   1 
ATOM   938  O O   . VAL A 1 173 ? 1.444   -1.318  4.086   1.00 32.11  ? 4027 VAL A O   1 
ATOM   939  C CB  . VAL A 1 173 ? -1.419  -0.457  4.460   1.00 18.38  ? 4027 VAL A CB  1 
ATOM   940  C CG1 . VAL A 1 173 ? -2.036  -1.206  3.294   1.00 20.56  ? 4027 VAL A CG1 1 
ATOM   941  C CG2 . VAL A 1 173 ? -2.488  0.223   5.325   1.00 9.40   ? 4027 VAL A CG2 1 
ATOM   942  N N   . VAL A 1 174 ? 0.536   -3.345  4.367   1.00 20.40  ? 4028 VAL A N   1 
ATOM   943  C CA  . VAL A 1 174 ? 1.612   -4.020  3.644   1.00 19.38  ? 4028 VAL A CA  1 
ATOM   944  C C   . VAL A 1 174 ? 1.148   -4.729  2.370   1.00 18.84  ? 4028 VAL A C   1 
ATOM   945  O O   . VAL A 1 174 ? 0.064   -5.279  2.319   1.00 27.07  ? 4028 VAL A O   1 
ATOM   946  C CB  . VAL A 1 174 ? 2.368   -5.022  4.568   1.00 24.64  ? 4028 VAL A CB  1 
ATOM   947  C CG1 . VAL A 1 174 ? 3.487   -5.732  3.812   1.00 21.55  ? 4028 VAL A CG1 1 
ATOM   948  C CG2 . VAL A 1 174 ? 2.956   -4.302  5.762   1.00 24.39  ? 4028 VAL A CG2 1 
ATOM   949  N N   . LEU A 1 175 ? 1.969   -4.645  1.326   1.00 28.03  ? 4029 LEU A N   1 
ATOM   950  C CA  . LEU A 1 175 ? 1.703   -5.274  0.024   1.00 22.85  ? 4029 LEU A CA  1 
ATOM   951  C C   . LEU A 1 175 ? 2.938   -6.089  -0.331  1.00 26.00  ? 4029 LEU A C   1 
ATOM   952  O O   . LEU A 1 175 ? 4.071   -5.625  -0.165  1.00 19.90  ? 4029 LEU A O   1 
ATOM   953  C CB  . LEU A 1 175 ? 1.442   -4.228  -1.066  1.00 10.08  ? 4029 LEU A CB  1 
ATOM   954  C CG  . LEU A 1 175 ? 0.088   -3.525  -1.234  1.00 12.90  ? 4029 LEU A CG  1 
ATOM   955  C CD1 . LEU A 1 175 ? 0.179   -2.693  -2.501  1.00 22.01  ? 4029 LEU A CD1 1 
ATOM   956  C CD2 . LEU A 1 175 ? -1.070  -4.500  -1.383  1.00 20.15  ? 4029 LEU A CD2 1 
ATOM   957  N N   . LYS A 1 176 ? 2.713   -7.331  -0.737  1.00 14.54  ? 4030 LYS A N   1 
ATOM   958  C CA  . LYS A 1 176 ? 3.800   -8.229  -1.094  1.00 19.28  ? 4030 LYS A CA  1 
ATOM   959  C C   . LYS A 1 176 ? 3.438   -8.930  -2.402  1.00 23.81  ? 4030 LYS A C   1 
ATOM   960  O O   . LYS A 1 176 ? 2.440   -9.632  -2.495  1.00 29.67  ? 4030 LYS A O   1 
ATOM   961  C CB  . LYS A 1 176 ? 4.038   -9.256  0.003   1.00 14.09  ? 4030 LYS A CB  1 
ATOM   962  C CG  . LYS A 1 176 ? 5.075   -10.326 -0.351  1.00 31.19  ? 4030 LYS A CG  1 
ATOM   963  C CD  . LYS A 1 176 ? 5.015   -11.507 0.621   1.00 32.22  ? 4030 LYS A CD  1 
ATOM   964  C CE  . LYS A 1 176 ? 6.122   -12.521 0.348   1.00 37.96  ? 4030 LYS A CE  1 
ATOM   965  N NZ  . LYS A 1 176 ? 6.151   -13.595 1.384   1.00 44.40  ? 4030 LYS A NZ  1 
ATOM   966  N N   . TYR A 1 177 ? 4.242   -8.687  -3.422  1.00 25.37  ? 4031 TYR A N   1 
ATOM   967  C CA  . TYR A 1 177 ? 4.006   -9.264  -4.724  1.00 30.31  ? 4031 TYR A CA  1 
ATOM   968  C C   . TYR A 1 177 ? 5.105   -10.240 -5.053  1.00 31.80  ? 4031 TYR A C   1 
ATOM   969  O O   . TYR A 1 177 ? 6.292   -9.935  -4.920  1.00 33.09  ? 4031 TYR A O   1 
ATOM   970  C CB  . TYR A 1 177 ? 3.945   -8.168  -5.792  1.00 29.80  ? 4031 TYR A CB  1 
ATOM   971  C CG  . TYR A 1 177 ? 3.655   -8.698  -7.167  1.00 36.66  ? 4031 TYR A CG  1 
ATOM   972  C CD1 . TYR A 1 177 ? 2.437   -9.316  -7.455  1.00 25.95  ? 4031 TYR A CD1 1 
ATOM   973  C CD2 . TYR A 1 177 ? 4.625   -8.650  -8.172  1.00 28.26  ? 4031 TYR A CD2 1 
ATOM   974  C CE1 . TYR A 1 177 ? 2.193   -9.877  -8.690  1.00 28.35  ? 4031 TYR A CE1 1 
ATOM   975  C CE2 . TYR A 1 177 ? 4.390   -9.207  -9.418  1.00 20.15  ? 4031 TYR A CE2 1 
ATOM   976  C CZ  . TYR A 1 177 ? 3.171   -9.824  -9.675  1.00 30.12  ? 4031 TYR A CZ  1 
ATOM   977  O OH  . TYR A 1 177 ? 2.921   -10.393 -10.915 1.00 26.85  ? 4031 TYR A OH  1 
ATOM   978  N N   . ARG A 1 178 ? 4.716   -11.469 -5.348  1.00 28.30  ? 4032 ARG A N   1 
ATOM   979  C CA  . ARG A 1 178 ? 5.713   -12.443 -5.739  1.00 27.19  ? 4032 ARG A CA  1 
ATOM   980  C C   . ARG A 1 178 ? 5.383   -12.942 -7.146  1.00 22.57  ? 4032 ARG A C   1 
ATOM   981  O O   . ARG A 1 178 ? 4.555   -13.829 -7.326  1.00 31.05  ? 4032 ARG A O   1 
ATOM   982  C CB  . ARG A 1 178 ? 5.791   -13.569 -4.735  1.00 29.21  ? 4032 ARG A CB  1 
ATOM   983  C CG  . ARG A 1 178 ? 7.159   -14.188 -4.713  1.00 45.51  ? 4032 ARG A CG  1 
ATOM   984  C CD  . ARG A 1 178 ? 7.549   -14.593 -3.307  1.00 54.07  ? 4032 ARG A CD  1 
ATOM   985  N NE  . ARG A 1 178 ? 9.004   -14.628 -3.166  1.00 56.30  ? 4032 ARG A NE  1 
ATOM   986  C CZ  . ARG A 1 178 ? 9.793   -15.549 -3.711  1.00 55.91  ? 4032 ARG A CZ  1 
ATOM   987  N NH1 . ARG A 1 178 ? 9.273   -16.535 -4.429  1.00 56.29  ? 4032 ARG A NH1 1 
ATOM   988  N NH2 . ARG A 1 178 ? 11.108  -15.447 -3.590  1.00 52.57  ? 4032 ARG A NH2 1 
ATOM   989  N N   . HIS A 1 179 ? 5.984   -12.288 -8.137  1.00 22.10  ? 4033 HIS A N   1 
ATOM   990  C CA  . HIS A 1 179 ? 5.783   -12.618 -9.554  1.00 29.12  ? 4033 HIS A CA  1 
ATOM   991  C C   . HIS A 1 179 ? 5.966   -14.084 -9.916  1.00 25.74  ? 4033 HIS A C   1 
ATOM   992  O O   . HIS A 1 179 ? 5.089   -14.683 -10.530 1.00 33.58  ? 4033 HIS A O   1 
ATOM   993  C CB  . HIS A 1 179 ? 6.703   -11.786 -10.438 1.00 31.31  ? 4033 HIS A CB  1 
ATOM   994  C CG  . HIS A 1 179 ? 6.287   -11.775 -11.876 1.00 33.58  ? 4033 HIS A CG  1 
ATOM   995  N ND1 . HIS A 1 179 ? 5.116   -11.188 -12.295 1.00 28.97  ? 4033 HIS A ND1 1 
ATOM   996  C CD2 . HIS A 1 179 ? 6.859   -12.318 -12.967 1.00 28.50  ? 4033 HIS A CD2 1 
ATOM   997  C CE1 . HIS A 1 179 ? 4.983   -11.374 -13.601 1.00 29.85  ? 4033 HIS A CE1 1 
ATOM   998  N NE2 . HIS A 1 179 ? 6.031   -12.059 -14.028 1.00 24.10  ? 4033 HIS A NE2 1 
ATOM   999  N N   . VAL A 1 180 ? 7.125   -14.634 -9.568  1.00 33.26  ? 4034 VAL A N   1 
ATOM   1000 C CA  . VAL A 1 180 ? 7.452   -16.031 -9.843  1.00 35.40  ? 4034 VAL A CA  1 
ATOM   1001 C C   . VAL A 1 180 ? 6.417   -17.016 -9.278  1.00 43.03  ? 4034 VAL A C   1 
ATOM   1002 O O   . VAL A 1 180 ? 6.101   -18.015 -9.920  1.00 47.87  ? 4034 VAL A O   1 
ATOM   1003 C CB  . VAL A 1 180 ? 8.849   -16.403 -9.302  1.00 39.74  ? 4034 VAL A CB  1 
ATOM   1004 C CG1 . VAL A 1 180 ? 8.855   -16.427 -7.789  1.00 27.77  ? 4034 VAL A CG1 1 
ATOM   1005 C CG2 . VAL A 1 180 ? 9.293   -17.755 -9.867  1.00 33.32  ? 4034 VAL A CG2 1 
ATOM   1006 N N   . ASP A 1 181 ? 5.899   -16.733 -8.083  1.00 37.49  ? 4035 ASP A N   1 
ATOM   1007 C CA  . ASP A 1 181 ? 4.895   -17.589 -7.447  1.00 35.35  ? 4035 ASP A CA  1 
ATOM   1008 C C   . ASP A 1 181 ? 3.487   -17.287 -7.942  1.00 28.44  ? 4035 ASP A C   1 
ATOM   1009 O O   . ASP A 1 181 ? 2.570   -18.085 -7.760  1.00 43.24  ? 4035 ASP A O   1 
ATOM   1010 C CB  . ASP A 1 181 ? 4.931   -17.413 -5.931  1.00 35.73  ? 4035 ASP A CB  1 
ATOM   1011 C CG  . ASP A 1 181 ? 6.228   -17.882 -5.318  1.00 45.04  ? 4035 ASP A CG  1 
ATOM   1012 O OD1 . ASP A 1 181 ? 6.952   -18.681 -5.965  1.00 42.01  ? 4035 ASP A OD1 1 
ATOM   1013 O OD2 . ASP A 1 181 ? 6.517   -17.458 -4.172  1.00 47.18  ? 4035 ASP A OD2 1 
ATOM   1014 N N   . GLY A 1 182 ? 3.315   -16.118 -8.540  1.00 30.59  ? 4036 GLY A N   1 
ATOM   1015 C CA  . GLY A 1 182 ? 2.010   -15.730 -9.044  1.00 33.01  ? 4036 GLY A CA  1 
ATOM   1016 C C   . GLY A 1 182 ? 1.029   -15.417 -7.932  1.00 41.24  ? 4036 GLY A C   1 
ATOM   1017 O O   . GLY A 1 182 ? -0.143  -15.788 -8.024  1.00 47.31  ? 4036 GLY A O   1 
ATOM   1018 N N   . ASN A 1 183 ? 1.502   -14.750 -6.876  1.00 38.37  ? 4037 ASN A N   1 
ATOM   1019 C CA  . ASN A 1 183 ? 0.610   -14.383 -5.778  1.00 35.68  ? 4037 ASN A CA  1 
ATOM   1020 C C   . ASN A 1 183 ? 0.811   -12.976 -5.211  1.00 31.14  ? 4037 ASN A C   1 
ATOM   1021 O O   . ASN A 1 183 ? 1.903   -12.412 -5.254  1.00 24.95  ? 4037 ASN A O   1 
ATOM   1022 C CB  . ASN A 1 183 ? 0.597   -15.449 -4.656  1.00 37.52  ? 4037 ASN A CB  1 
ATOM   1023 C CG  . ASN A 1 183 ? 1.963   -15.701 -4.059  1.00 38.35  ? 4037 ASN A CG  1 
ATOM   1024 O OD1 . ASN A 1 183 ? 2.684   -14.770 -3.720  1.00 43.50  ? 4037 ASN A OD1 1 
ATOM   1025 N ND2 . ASN A 1 183 ? 2.312   -16.977 -3.892  1.00 25.32  ? 4037 ASN A ND2 1 
ATOM   1026 N N   . LEU A 1 184 ? -0.295  -12.379 -4.781  1.00 22.67  ? 4038 LEU A N   1 
ATOM   1027 C CA  . LEU A 1 184 ? -0.281  -11.066 -4.176  1.00 20.22  ? 4038 LEU A CA  1 
ATOM   1028 C C   . LEU A 1 184 ? -0.807  -11.186 -2.739  1.00 28.63  ? 4038 LEU A C   1 
ATOM   1029 O O   . LEU A 1 184 ? -1.695  -11.986 -2.446  1.00 21.24  ? 4038 LEU A O   1 
ATOM   1030 C CB  . LEU A 1 184 ? -1.148  -10.090 -4.976  1.00 20.44  ? 4038 LEU A CB  1 
ATOM   1031 C CG  . LEU A 1 184 ? -1.315  -8.696  -4.361  1.00 10.51  ? 4038 LEU A CG  1 
ATOM   1032 C CD1 . LEU A 1 184 ? 0.022   -8.038  -4.124  1.00 4.25   ? 4038 LEU A CD1 1 
ATOM   1033 C CD2 . LEU A 1 184 ? -2.187  -7.846  -5.231  1.00 12.68  ? 4038 LEU A CD2 1 
ATOM   1034 N N   . CYS A 1 185 ? -0.241  -10.392 -1.840  1.00 28.50  ? 4039 CYS A N   1 
ATOM   1035 C CA  . CYS A 1 185 ? -0.672  -10.430 -0.461  1.00 29.29  ? 4039 CYS A CA  1 
ATOM   1036 C C   . CYS A 1 185 ? -0.783  -9.049  0.193   1.00 27.32  ? 4039 CYS A C   1 
ATOM   1037 O O   . CYS A 1 185 ? 0.131   -8.243  0.100   1.00 33.26  ? 4039 CYS A O   1 
ATOM   1038 C CB  . CYS A 1 185 ? 0.261   -11.335 0.361   1.00 33.16  ? 4039 CYS A CB  1 
ATOM   1039 S SG  . CYS A 1 185 ? -0.269  -11.436 2.091   1.00 52.85  ? 4039 CYS A SG  1 
ATOM   1040 N N   . ILE A 1 186 ? -1.932  -8.764  0.801   1.00 19.08  ? 4040 ILE A N   1 
ATOM   1041 C CA  . ILE A 1 186 ? -2.118  -7.510  1.514   1.00 16.18  ? 4040 ILE A CA  1 
ATOM   1042 C C   . ILE A 1 186 ? -2.381  -7.711  3.034   1.00 27.86  ? 4040 ILE A C   1 
ATOM   1043 O O   . ILE A 1 186 ? -3.248  -8.490  3.481   1.00 20.75  ? 4040 ILE A O   1 
ATOM   1044 C CB  . ILE A 1 186 ? -3.219  -6.657  0.895   1.00 17.86  ? 4040 ILE A CB  1 
ATOM   1045 C CG1 . ILE A 1 186 ? -3.184  -5.257  1.503   1.00 11.44  ? 4040 ILE A CG1 1 
ATOM   1046 C CG2 . ILE A 1 186 ? -4.560  -7.320  1.031   1.00 20.36  ? 4040 ILE A CG2 1 
ATOM   1047 C CD1 . ILE A 1 186 ? -4.185  -4.296  0.878   1.00 9.09   ? 4040 ILE A CD1 1 
ATOM   1048 N N   . LYS A 1 187 ? -1.613  -6.983  3.827   1.00 31.36  ? 4041 LYS A N   1 
ATOM   1049 C CA  . LYS A 1 187 ? -1.737  -7.052  5.254   1.00 29.84  ? 4041 LYS A CA  1 
ATOM   1050 C C   . LYS A 1 187 ? -1.972  -5.688  5.897   1.00 26.38  ? 4041 LYS A C   1 
ATOM   1051 O O   . LYS A 1 187 ? -1.313  -4.707  5.565   1.00 31.53  ? 4041 LYS A O   1 
ATOM   1052 C CB  . LYS A 1 187 ? -0.482  -7.700  5.827   1.00 29.80  ? 4041 LYS A CB  1 
ATOM   1053 C CG  . LYS A 1 187 ? -0.456  -7.753  7.321   1.00 26.81  ? 4041 LYS A CG  1 
ATOM   1054 C CD  . LYS A 1 187 ? 0.636   -8.662  7.826   1.00 30.81  ? 4041 LYS A CD  1 
ATOM   1055 C CE  . LYS A 1 187 ? 2.007   -8.094  7.636   1.00 32.58  ? 4041 LYS A CE  1 
ATOM   1056 N NZ  . LYS A 1 187 ? 3.035   -8.981  8.246   1.00 42.29  ? 4041 LYS A NZ  1 
ATOM   1057 N N   . VAL A 1 188 ? -2.973  -5.629  6.767   1.00 27.43  ? 4042 VAL A N   1 
ATOM   1058 C CA  . VAL A 1 188 ? -3.291  -4.432  7.528   1.00 24.53  ? 4042 VAL A CA  1 
ATOM   1059 C C   . VAL A 1 188 ? -3.149  -4.867  8.992   1.00 32.86  ? 4042 VAL A C   1 
ATOM   1060 O O   . VAL A 1 188 ? -3.812  -5.796  9.437   1.00 34.20  ? 4042 VAL A O   1 
ATOM   1061 C CB  . VAL A 1 188 ? -4.722  -3.913  7.259   1.00 27.77  ? 4042 VAL A CB  1 
ATOM   1062 C CG1 . VAL A 1 188 ? -5.091  -2.845  8.272   1.00 15.82  ? 4042 VAL A CG1 1 
ATOM   1063 C CG2 . VAL A 1 188 ? -4.821  -3.327  5.837   1.00 21.46  ? 4042 VAL A CG2 1 
ATOM   1064 N N   . THR A 1 189 ? -2.204  -4.256  9.695   1.00 26.64  ? 4043 THR A N   1 
ATOM   1065 C CA  . THR A 1 189 ? -1.947  -4.566  11.096  1.00 27.50  ? 4043 THR A CA  1 
ATOM   1066 C C   . THR A 1 189 ? -1.553  -3.341  11.946  1.00 27.07  ? 4043 THR A C   1 
ATOM   1067 O O   . THR A 1 189 ? -1.159  -2.296  11.419  1.00 27.86  ? 4043 THR A O   1 
ATOM   1068 C CB  . THR A 1 189 ? -0.829  -5.639  11.232  1.00 31.05  ? 4043 THR A CB  1 
ATOM   1069 O OG1 . THR A 1 189 ? -0.590  -5.908  12.618  1.00 40.99  ? 4043 THR A OG1 1 
ATOM   1070 C CG2 . THR A 1 189 ? 0.480   -5.176  10.598  1.00 25.23  ? 4043 THR A CG2 1 
ATOM   1071 N N   . ASP A 1 190 ? -1.754  -3.471  13.261  1.00 27.48  ? 4044 ASP A N   1 
ATOM   1072 C CA  . ASP A 1 190 ? -1.380  -2.453  14.248  1.00 24.03  ? 4044 ASP A CA  1 
ATOM   1073 C C   . ASP A 1 190 ? -0.379  -3.109  15.175  1.00 20.31  ? 4044 ASP A C   1 
ATOM   1074 O O   . ASP A 1 190 ? -0.154  -2.662  16.288  1.00 27.11  ? 4044 ASP A O   1 
ATOM   1075 C CB  . ASP A 1 190 ? -2.583  -1.956  15.060  1.00 17.23  ? 4044 ASP A CB  1 
ATOM   1076 C CG  . ASP A 1 190 ? -3.195  -3.028  15.985  1.00 31.35  ? 4044 ASP A CG  1 
ATOM   1077 O OD1 . ASP A 1 190 ? -2.791  -4.213  15.989  1.00 22.30  ? 4044 ASP A OD1 1 
ATOM   1078 O OD2 . ASP A 1 190 ? -4.138  -2.672  16.723  1.00 41.01  ? 4044 ASP A OD2 1 
ATOM   1079 N N   . ASP A 1 191 ? 0.189   -4.208  14.704  1.00 27.08  ? 4045 ASP A N   1 
ATOM   1080 C CA  . ASP A 1 191 ? 1.133   -5.010  15.466  1.00 33.92  ? 4045 ASP A CA  1 
ATOM   1081 C C   . ASP A 1 191 ? 0.489   -5.834  16.608  1.00 38.36  ? 4045 ASP A C   1 
ATOM   1082 O O   . ASP A 1 191 ? 1.188   -6.476  17.390  1.00 32.06  ? 4045 ASP A O   1 
ATOM   1083 C CB  . ASP A 1 191 ? 2.307   -4.162  15.933  1.00 40.05  ? 4045 ASP A CB  1 
ATOM   1084 C CG  . ASP A 1 191 ? 3.180   -3.709  14.771  1.00 49.33  ? 4045 ASP A CG  1 
ATOM   1085 O OD1 . ASP A 1 191 ? 3.489   -4.564  13.909  1.00 33.71  ? 4045 ASP A OD1 1 
ATOM   1086 O OD2 . ASP A 1 191 ? 3.545   -2.508  14.715  1.00 40.29  ? 4045 ASP A OD2 1 
ATOM   1087 N N   . LEU A 1 192 ? -0.822  -5.760  16.756  1.00 31.26  ? 4046 LEU A N   1 
ATOM   1088 C CA  . LEU A 1 192 ? -1.459  -6.587  17.764  1.00 36.79  ? 4046 LEU A CA  1 
ATOM   1089 C C   . LEU A 1 192 ? -2.372  -7.486  16.918  1.00 36.84  ? 4046 LEU A C   1 
ATOM   1090 O O   . LEU A 1 192 ? -2.083  -8.669  16.718  1.00 32.22  ? 4046 LEU A O   1 
ATOM   1091 C CB  . LEU A 1 192 ? -2.229  -5.732  18.773  1.00 40.37  ? 4046 LEU A CB  1 
ATOM   1092 C CG  . LEU A 1 192 ? -2.531  -6.361  20.145  1.00 39.68  ? 4046 LEU A CG  1 
ATOM   1093 C CD1 . LEU A 1 192 ? -4.006  -6.246  20.384  1.00 44.95  ? 4046 LEU A CD1 1 
ATOM   1094 C CD2 . LEU A 1 192 ? -2.074  -7.832  20.268  1.00 40.28  ? 4046 LEU A CD2 1 
ATOM   1095 N N   . VAL A 1 193 ? -3.435  -6.898  16.374  1.00 37.69  ? 4047 VAL A N   1 
ATOM   1096 C CA  . VAL A 1 193 ? -4.350  -7.609  15.492  1.00 36.47  ? 4047 VAL A CA  1 
ATOM   1097 C C   . VAL A 1 193 ? -3.791  -7.565  14.065  1.00 35.77  ? 4047 VAL A C   1 
ATOM   1098 O O   . VAL A 1 193 ? -3.306  -6.523  13.613  1.00 33.25  ? 4047 VAL A O   1 
ATOM   1099 C CB  . VAL A 1 193 ? -5.759  -6.991  15.525  1.00 36.74  ? 4047 VAL A CB  1 
ATOM   1100 C CG1 . VAL A 1 193 ? -6.335  -7.149  16.888  1.00 46.74  ? 4047 VAL A CG1 1 
ATOM   1101 C CG2 . VAL A 1 193 ? -5.705  -5.552  15.198  1.00 40.47  ? 4047 VAL A CG2 1 
ATOM   1102 N N   . CYS A 1 194 ? -3.835  -8.704  13.379  1.00 36.53  ? 4048 CYS A N   1 
ATOM   1103 C CA  . CYS A 1 194 ? -3.324  -8.831  12.016  1.00 36.65  ? 4048 CYS A CA  1 
ATOM   1104 C C   . CYS A 1 194 ? -4.446  -9.311  11.080  1.00 40.73  ? 4048 CYS A C   1 
ATOM   1105 O O   . CYS A 1 194 ? -5.301  -10.115 11.466  1.00 35.43  ? 4048 CYS A O   1 
ATOM   1106 C CB  . CYS A 1 194 ? -2.154  -9.828  12.016  1.00 40.03  ? 4048 CYS A CB  1 
ATOM   1107 S SG  . CYS A 1 194 ? -1.076  -9.981  10.523  1.00 50.44  ? 4048 CYS A SG  1 
ATOM   1108 N N   . LEU A 1 195 ? -4.499  -8.731  9.880   1.00 38.48  ? 4049 LEU A N   1 
ATOM   1109 C CA  . LEU A 1 195 ? -5.490  -9.118  8.886   1.00 35.83  ? 4049 LEU A CA  1 
ATOM   1110 C C   . LEU A 1 195 ? -4.755  -9.244  7.556   1.00 35.77  ? 4049 LEU A C   1 
ATOM   1111 O O   . LEU A 1 195 ? -4.135  -8.290  7.104   1.00 33.69  ? 4049 LEU A O   1 
ATOM   1112 C CB  . LEU A 1 195 ? -6.575  -8.052  8.768   1.00 35.21  ? 4049 LEU A CB  1 
ATOM   1113 C CG  . LEU A 1 195 ? -7.213  -7.461  10.033  1.00 36.02  ? 4049 LEU A CG  1 
ATOM   1114 C CD1 . LEU A 1 195 ? -8.224  -6.456  9.609   1.00 34.46  ? 4049 LEU A CD1 1 
ATOM   1115 C CD2 . LEU A 1 195 ? -7.870  -8.517  10.923  1.00 34.10  ? 4049 LEU A CD2 1 
ATOM   1116 N N   . VAL A 1 196 ? -4.707  -10.453 6.998   1.00 29.45  ? 4050 VAL A N   1 
ATOM   1117 C CA  . VAL A 1 196 ? -4.057  -10.663 5.700   1.00 29.77  ? 4050 VAL A CA  1 
ATOM   1118 C C   . VAL A 1 196 ? -5.066  -11.135 4.655   1.00 32.35  ? 4050 VAL A C   1 
ATOM   1119 O O   . VAL A 1 196 ? -6.201  -11.472 4.974   1.00 25.99  ? 4050 VAL A O   1 
ATOM   1120 C CB  . VAL A 1 196 ? -2.902  -11.691 5.746   1.00 30.45  ? 4050 VAL A CB  1 
ATOM   1121 C CG1 . VAL A 1 196 ? -1.926  -11.353 6.854   1.00 32.82  ? 4050 VAL A CG1 1 
ATOM   1122 C CG2 . VAL A 1 196 ? -3.447  -13.086 5.894   1.00 37.06  ? 4050 VAL A CG2 1 
ATOM   1123 N N   . TYR A 1 197 ? -4.677  -11.050 3.392   1.00 28.82  ? 4051 TYR A N   1 
ATOM   1124 C CA  . TYR A 1 197 ? -5.527  -11.499 2.301   1.00 23.56  ? 4051 TYR A CA  1 
ATOM   1125 C C   . TYR A 1 197 ? -4.611  -11.907 1.174   1.00 27.80  ? 4051 TYR A C   1 
ATOM   1126 O O   . TYR A 1 197 ? -3.932  -11.076 0.592   1.00 27.55  ? 4051 TYR A O   1 
ATOM   1127 C CB  . TYR A 1 197 ? -6.510  -10.424 1.845   1.00 22.36  ? 4051 TYR A CB  1 
ATOM   1128 C CG  . TYR A 1 197 ? -7.500  -10.968 0.846   1.00 32.58  ? 4051 TYR A CG  1 
ATOM   1129 C CD1 . TYR A 1 197 ? -7.194  -10.985 -0.514  1.00 29.94  ? 4051 TYR A CD1 1 
ATOM   1130 C CD2 . TYR A 1 197 ? -8.694  -11.558 1.261   1.00 20.60  ? 4051 TYR A CD2 1 
ATOM   1131 C CE1 . TYR A 1 197 ? -8.034  -11.582 -1.430  1.00 29.25  ? 4051 TYR A CE1 1 
ATOM   1132 C CE2 . TYR A 1 197 ? -9.551  -12.167 0.341   1.00 31.49  ? 4051 TYR A CE2 1 
ATOM   1133 C CZ  . TYR A 1 197 ? -9.208  -12.174 -1.013  1.00 36.53  ? 4051 TYR A CZ  1 
ATOM   1134 O OH  . TYR A 1 197 ? -10.016 -12.779 -1.956  1.00 41.96  ? 4051 TYR A OH  1 
ATOM   1135 N N   . ARG A 1 198 ? -4.591  -13.213 0.909   1.00 30.03  ? 4052 ARG A N   1 
ATOM   1136 C CA  . ARG A 1 198 ? -3.761  -13.829 -0.113  1.00 24.36  ? 4052 ARG A CA  1 
ATOM   1137 C C   . ARG A 1 198 ? -4.545  -14.215 -1.360  1.00 24.70  ? 4052 ARG A C   1 
ATOM   1138 O O   . ARG A 1 198 ? -5.691  -14.670 -1.284  1.00 22.83  ? 4052 ARG A O   1 
ATOM   1139 C CB  . ARG A 1 198 ? -3.085  -15.061 0.459   1.00 18.87  ? 4052 ARG A CB  1 
ATOM   1140 C CG  . ARG A 1 198 ? -2.241  -14.776 1.650   1.00 28.22  ? 4052 ARG A CG  1 
ATOM   1141 C CD  . ARG A 1 198 ? -1.464  -15.991 2.085   1.00 40.62  ? 4052 ARG A CD  1 
ATOM   1142 N NE  . ARG A 1 198 ? -0.860  -15.764 3.396   1.00 45.83  ? 4052 ARG A NE  1 
ATOM   1143 C CZ  . ARG A 1 198 ? 0.242   -15.047 3.608   1.00 59.62  ? 4052 ARG A CZ  1 
ATOM   1144 N NH1 . ARG A 1 198 ? 0.887   -14.484 2.593   1.00 66.08  ? 4052 ARG A NH1 1 
ATOM   1145 N NH2 . ARG A 1 198 ? 0.679   -14.854 4.847   1.00 53.56  ? 4052 ARG A NH2 1 
ATOM   1146 N N   . THR A 1 199 ? -3.920  -14.024 -2.511  1.00 25.75  ? 4053 THR A N   1 
ATOM   1147 C CA  . THR A 1 199 ? -4.568  -14.346 -3.761  1.00 20.50  ? 4053 THR A CA  1 
ATOM   1148 C C   . THR A 1 199 ? -3.575  -14.697 -4.852  1.00 25.41  ? 4053 THR A C   1 
ATOM   1149 O O   . THR A 1 199 ? -2.360  -14.480 -4.721  1.00 16.43  ? 4053 THR A O   1 
ATOM   1150 C CB  . THR A 1 199 ? -5.439  -13.201 -4.223  1.00 27.44  ? 4053 THR A CB  1 
ATOM   1151 O OG1 . THR A 1 199 ? -6.429  -12.938 -3.237  1.00 55.36  ? 4053 THR A OG1 1 
ATOM   1152 C CG2 . THR A 1 199 ? -6.143  -13.577 -5.458  1.00 17.08  ? 4053 THR A CG2 1 
ATOM   1153 N N   . ASP A 1 200 ? -4.112  -15.319 -5.896  1.00 26.95  ? 4054 ASP A N   1 
ATOM   1154 C CA  . ASP A 1 200 ? -3.347  -15.725 -7.068  1.00 32.31  ? 4054 ASP A CA  1 
ATOM   1155 C C   . ASP A 1 200 ? -4.175  -15.391 -8.310  1.00 32.72  ? 4054 ASP A C   1 
ATOM   1156 O O   . ASP A 1 200 ? -3.736  -15.600 -9.424  1.00 41.01  ? 4054 ASP A O   1 
ATOM   1157 C CB  . ASP A 1 200 ? -2.918  -17.217 -6.997  1.00 15.76  ? 4054 ASP A CB  1 
ATOM   1158 C CG  . ASP A 1 200 ? -4.095  -18.203 -6.883  1.00 26.40  ? 4054 ASP A CG  1 
ATOM   1159 O OD1 . ASP A 1 200 ? -5.282  -17.811 -6.830  1.00 31.55  ? 4054 ASP A OD1 1 
ATOM   1160 O OD2 . ASP A 1 200 ? -3.814  -19.415 -6.845  1.00 30.91  ? 4054 ASP A OD2 1 
ATOM   1161 N N   . GLN A 1 201 ? -5.331  -14.774 -8.088  1.00 33.62  ? 4055 GLN A N   1 
ATOM   1162 C CA  . GLN A 1 201 ? -6.223  -14.368 -9.153  1.00 35.40  ? 4055 GLN A CA  1 
ATOM   1163 C C   . GLN A 1 201 ? -5.883  -12.966 -9.656  1.00 40.37  ? 4055 GLN A C   1 
ATOM   1164 O O   . GLN A 1 201 ? -5.846  -12.004 -8.884  1.00 46.78  ? 4055 GLN A O   1 
ATOM   1165 C CB  . GLN A 1 201 ? -7.676  -14.411 -8.673  1.00 33.99  ? 4055 GLN A CB  1 
ATOM   1166 C CG  . GLN A 1 201 ? -8.175  -15.788 -8.279  1.00 49.03  ? 4055 GLN A CG  1 
ATOM   1167 C CD  . GLN A 1 201 ? -8.107  -16.803 -9.408  1.00 54.14  ? 4055 GLN A CD  1 
ATOM   1168 O OE1 . GLN A 1 201 ? -7.757  -16.481 -10.545 1.00 63.17  ? 4055 GLN A OE1 1 
ATOM   1169 N NE2 . GLN A 1 201 ? -8.440  -18.044 -9.098  1.00 59.62  ? 4055 GLN A NE2 1 
ATOM   1170 N N   . ALA A 1 202 ? -5.664  -12.853 -10.963 1.00 39.01  ? 4056 ALA A N   1 
ATOM   1171 C CA  . ALA A 1 202 ? -5.338  -11.594 -11.604 1.00 28.38  ? 4056 ALA A CA  1 
ATOM   1172 C C   . ALA A 1 202 ? -6.495  -10.616 -11.457 1.00 31.97  ? 4056 ALA A C   1 
ATOM   1173 O O   . ALA A 1 202 ? -6.312  -9.396  -11.555 1.00 35.24  ? 4056 ALA A O   1 
ATOM   1174 C CB  . ALA A 1 202 ? -5.038  -11.830 -13.067 1.00 20.65  ? 4056 ALA A CB  1 
ATOM   1175 N N   . GLN A 1 203 ? -7.677  -11.160 -11.189 1.00 27.05  ? 4057 GLN A N   1 
ATOM   1176 C CA  . GLN A 1 203 ? -8.897  -10.370 -11.023 1.00 29.00  ? 4057 GLN A CA  1 
ATOM   1177 C C   . GLN A 1 203 ? -8.973  -9.662  -9.663  1.00 32.32  ? 4057 GLN A C   1 
ATOM   1178 O O   . GLN A 1 203 ? -9.816  -8.784  -9.465  1.00 39.13  ? 4057 GLN A O   1 
ATOM   1179 C CB  . GLN A 1 203 ? -10.129 -11.265 -11.192 1.00 38.32  ? 4057 GLN A CB  1 
ATOM   1180 C CG  . GLN A 1 203 ? -10.312 -12.274 -10.053 1.00 54.34  ? 4057 GLN A CG  1 
ATOM   1181 C CD  . GLN A 1 203 ? -11.479 -13.230 -10.251 1.00 60.11  ? 4057 GLN A CD  1 
ATOM   1182 O OE1 . GLN A 1 203 ? -12.198 -13.171 -11.256 1.00 67.96  ? 4057 GLN A OE1 1 
ATOM   1183 N NE2 . GLN A 1 203 ? -11.672 -14.126 -9.289  1.00 55.24  ? 4057 GLN A NE2 1 
ATOM   1184 N N   . ASP A 1 204 ? -8.114  -10.057 -8.728  1.00 22.03  ? 4058 ASP A N   1 
ATOM   1185 C CA  . ASP A 1 204 ? -8.114  -9.436  -7.407  1.00 29.91  ? 4058 ASP A CA  1 
ATOM   1186 C C   . ASP A 1 204 ? -7.130  -8.275  -7.291  1.00 30.04  ? 4058 ASP A C   1 
ATOM   1187 O O   . ASP A 1 204 ? -7.232  -7.480  -6.371  1.00 36.18  ? 4058 ASP A O   1 
ATOM   1188 C CB  . ASP A 1 204 ? -7.857  -10.474 -6.294  1.00 22.66  ? 4058 ASP A CB  1 
ATOM   1189 C CG  . ASP A 1 204 ? -8.985  -11.504 -6.168  1.00 33.56  ? 4058 ASP A CG  1 
ATOM   1190 O OD1 . ASP A 1 204 ? -10.147 -11.197 -6.504  1.00 30.80  ? 4058 ASP A OD1 1 
ATOM   1191 O OD2 . ASP A 1 204 ? -8.716  -12.637 -5.731  1.00 35.08  ? 4058 ASP A OD2 1 
ATOM   1192 N N   . VAL A 1 205 ? -6.191  -8.175  -8.232  1.00 23.85  ? 4059 VAL A N   1 
ATOM   1193 C CA  . VAL A 1 205 ? -5.198  -7.104  -8.221  1.00 28.72  ? 4059 VAL A CA  1 
ATOM   1194 C C   . VAL A 1 205 ? -5.828  -5.711  -8.129  1.00 28.50  ? 4059 VAL A C   1 
ATOM   1195 O O   . VAL A 1 205 ? -5.533  -4.946  -7.206  1.00 33.48  ? 4059 VAL A O   1 
ATOM   1196 C CB  . VAL A 1 205 ? -4.243  -7.214  -9.430  1.00 30.38  ? 4059 VAL A CB  1 
ATOM   1197 C CG1 . VAL A 1 205 ? -3.304  -6.008  -9.500  1.00 26.73  ? 4059 VAL A CG1 1 
ATOM   1198 C CG2 . VAL A 1 205 ? -3.414  -8.477  -9.296  1.00 29.22  ? 4059 VAL A CG2 1 
ATOM   1199 N N   . LYS A 1 206 ? -6.780  -5.443  -9.013  1.00 22.36  ? 4060 LYS A N   1 
ATOM   1200 C CA  . LYS A 1 206 ? -7.491  -4.172  -9.058  1.00 23.97  ? 4060 LYS A CA  1 
ATOM   1201 C C   . LYS A 1 206 ? -8.116  -3.700  -7.720  1.00 28.29  ? 4060 LYS A C   1 
ATOM   1202 O O   . LYS A 1 206 ? -7.918  -2.563  -7.311  1.00 20.10  ? 4060 LYS A O   1 
ATOM   1203 C CB  . LYS A 1 206 ? -8.575  -4.241  -10.149 1.00 23.11  ? 4060 LYS A CB  1 
ATOM   1204 C CG  . LYS A 1 206 ? -9.454  -3.002  -10.268 1.00 40.51  ? 4060 LYS A CG  1 
ATOM   1205 C CD  . LYS A 1 206 ? -10.475 -3.146  -11.380 1.00 53.40  ? 4060 LYS A CD  1 
ATOM   1206 C CE  . LYS A 1 206 ? -11.289 -1.860  -11.569 1.00 59.17  ? 4060 LYS A CE  1 
ATOM   1207 N NZ  . LYS A 1 206 ? -12.204 -1.930  -12.757 1.00 64.17  ? 4060 LYS A NZ  1 
ATOM   1208 N N   . LYS A 1 207 ? -8.904  -4.551  -7.069  1.00 26.09  ? 4061 LYS A N   1 
ATOM   1209 C CA  . LYS A 1 207 ? -9.561  -4.170  -5.814  1.00 29.54  ? 4061 LYS A CA  1 
ATOM   1210 C C   . LYS A 1 207 ? -8.602  -4.040  -4.622  1.00 28.59  ? 4061 LYS A C   1 
ATOM   1211 O O   . LYS A 1 207 ? -8.807  -3.223  -3.731  1.00 29.51  ? 4061 LYS A O   1 
ATOM   1212 C CB  . LYS A 1 207 ? -10.730 -5.113  -5.502  1.00 18.99  ? 4061 LYS A CB  1 
ATOM   1213 C CG  . LYS A 1 207 ? -10.360 -6.586  -5.368  1.00 30.12  ? 4061 LYS A CG  1 
ATOM   1214 C CD  . LYS A 1 207 ? -11.626 -7.425  -5.357  1.00 35.73  ? 4061 LYS A CD  1 
ATOM   1215 C CE  . LYS A 1 207 ? -11.365 -8.856  -4.931  1.00 43.44  ? 4061 LYS A CE  1 
ATOM   1216 N NZ  . LYS A 1 207 ? -12.635 -9.640  -4.926  1.00 48.33  ? 4061 LYS A NZ  1 
ATOM   1217 N N   . ILE A 1 208 ? -7.563  -4.865  -4.624  1.00 23.98  ? 4062 ILE A N   1 
ATOM   1218 C CA  . ILE A 1 208 ? -6.532  -4.861  -3.599  1.00 20.13  ? 4062 ILE A CA  1 
ATOM   1219 C C   . ILE A 1 208 ? -5.716  -3.557  -3.759  1.00 39.33  ? 4062 ILE A C   1 
ATOM   1220 O O   . ILE A 1 208 ? -5.223  -2.986  -2.778  1.00 32.60  ? 4062 ILE A O   1 
ATOM   1221 C CB  . ILE A 1 208 ? -5.610  -6.105  -3.759  1.00 25.35  ? 4062 ILE A CB  1 
ATOM   1222 C CG1 . ILE A 1 208 ? -6.389  -7.391  -3.432  1.00 22.25  ? 4062 ILE A CG1 1 
ATOM   1223 C CG2 . ILE A 1 208 ? -4.347  -5.992  -2.904  1.00 17.57  ? 4062 ILE A CG2 1 
ATOM   1224 C CD1 . ILE A 1 208 ? -5.493  -8.609  -3.278  1.00 13.09  ? 4062 ILE A CD1 1 
ATOM   1225 N N   . GLU A 1 209 ? -5.575  -3.088  -4.995  1.00 35.79  ? 4063 GLU A N   1 
ATOM   1226 C CA  . GLU A 1 209 ? -4.854  -1.856  -5.223  1.00 29.39  ? 4063 GLU A CA  1 
ATOM   1227 C C   . GLU A 1 209 ? -5.760  -0.682  -4.844  1.00 24.68  ? 4063 GLU A C   1 
ATOM   1228 O O   . GLU A 1 209 ? -5.355  0.190   -4.086  1.00 23.11  ? 4063 GLU A O   1 
ATOM   1229 C CB  . GLU A 1 209 ? -4.355  -1.760  -6.673  1.00 27.02  ? 4063 GLU A CB  1 
ATOM   1230 C CG  . GLU A 1 209 ? -5.157  -0.837  -7.623  1.00 33.51  ? 4063 GLU A CG  1 
ATOM   1231 C CD  . GLU A 1 209 ? -4.971  0.635   -7.343  1.00 10.16  ? 4063 GLU A CD  1 
ATOM   1232 O OE1 . GLU A 1 209 ? -3.843  1.025   -7.019  1.00 33.24  ? 4063 GLU A OE1 1 
ATOM   1233 O OE2 . GLU A 1 209 ? -5.948  1.397   -7.423  1.00 31.01  ? 4063 GLU A OE2 1 
ATOM   1234 N N   . LYS A 1 210 ? -6.993  -0.680  -5.337  1.00 15.22  ? 4064 LYS A N   1 
ATOM   1235 C CA  . LYS A 1 210 ? -7.907  0.396   -5.039  1.00 23.70  ? 4064 LYS A CA  1 
ATOM   1236 C C   . LYS A 1 210 ? -8.101  0.599   -3.545  1.00 29.13  ? 4064 LYS A C   1 
ATOM   1237 O O   . LYS A 1 210 ? -8.286  1.731   -3.096  1.00 29.68  ? 4064 LYS A O   1 
ATOM   1238 C CB  . LYS A 1 210 ? -9.266  0.164   -5.682  1.00 28.01  ? 4064 LYS A CB  1 
ATOM   1239 C CG  . LYS A 1 210 ? -9.300  0.087   -7.181  1.00 31.06  ? 4064 LYS A CG  1 
ATOM   1240 C CD  . LYS A 1 210 ? -10.737 0.145   -7.708  1.00 32.17  ? 4064 LYS A CD  1 
ATOM   1241 C CE  . LYS A 1 210 ? -11.681 -0.845  -7.006  1.00 48.08  ? 4064 LYS A CE  1 
ATOM   1242 N NZ  . LYS A 1 210 ? -13.124 -0.615  -7.351  1.00 60.00  ? 4064 LYS A NZ  1 
ATOM   1243 N N   . PHE A 1 211 ? -8.091  -0.498  -2.792  1.00 21.25  ? 4065 PHE A N   1 
ATOM   1244 C CA  . PHE A 1 211 ? -8.276  -0.468  -1.352  1.00 25.08  ? 4065 PHE A CA  1 
ATOM   1245 C C   . PHE A 1 211 ? -7.079  0.143   -0.637  1.00 23.73  ? 4065 PHE A C   1 
ATOM   1246 O O   . PHE A 1 211 ? -7.243  1.006   0.221   1.00 31.15  ? 4065 PHE A O   1 
ATOM   1247 C CB  . PHE A 1 211 ? -8.521  -1.872  -0.814  1.00 16.16  ? 4065 PHE A CB  1 
ATOM   1248 C CG  . PHE A 1 211 ? -8.779  -1.903  0.667   1.00 25.41  ? 4065 PHE A CG  1 
ATOM   1249 C CD1 . PHE A 1 211 ? -9.887  -1.247  1.202   1.00 17.77  ? 4065 PHE A CD1 1 
ATOM   1250 C CD2 . PHE A 1 211 ? -7.925  -2.596  1.520   1.00 14.60  ? 4065 PHE A CD2 1 
ATOM   1251 C CE1 . PHE A 1 211 ? -10.140 -1.286  2.554   1.00 21.68  ? 4065 PHE A CE1 1 
ATOM   1252 C CE2 . PHE A 1 211 ? -8.173  -2.643  2.877   1.00 20.60  ? 4065 PHE A CE2 1 
ATOM   1253 C CZ  . PHE A 1 211 ? -9.283  -1.988  3.393   1.00 16.77  ? 4065 PHE A CZ  1 
ATOM   1254 N N   . HIS A 1 212 ? -5.910  -0.419  -0.900  1.00 16.33  ? 4066 HIS A N   1 
ATOM   1255 C CA  . HIS A 1 212 ? -4.635  0.027   -0.371  1.00 19.89  ? 4066 HIS A CA  1 
ATOM   1256 C C   . HIS A 1 212 ? -4.511  1.530   -0.667  1.00 32.19  ? 4066 HIS A C   1 
ATOM   1257 O O   . HIS A 1 212 ? -4.107  2.316   0.202   1.00 28.32  ? 4066 HIS A O   1 
ATOM   1258 C CB  . HIS A 1 212 ? -3.530  -0.788  -1.075  1.00 20.32  ? 4066 HIS A CB  1 
ATOM   1259 C CG  . HIS A 1 212 ? -2.186  -0.133  -1.117  1.00 38.31  ? 4066 HIS A CG  1 
ATOM   1260 N ND1 . HIS A 1 212 ? -1.148  -0.507  -0.277  1.00 39.51  ? 4066 HIS A ND1 1 
ATOM   1261 C CD2 . HIS A 1 212 ? -1.654  0.802   -1.951  1.00 33.75  ? 4066 HIS A CD2 1 
ATOM   1262 C CE1 . HIS A 1 212 ? -0.048  0.164   -0.606  1.00 32.92  ? 4066 HIS A CE1 1 
ATOM   1263 N NE2 . HIS A 1 212 ? -0.341  0.961   -1.618  1.00 36.97  ? 4066 HIS A NE2 1 
ATOM   1264 N N   . SER A 1 213 ? -4.907  1.923   -1.875  1.00 27.55  ? 4067 SER A N   1 
ATOM   1265 C CA  . SER A 1 213 ? -4.864  3.328   -2.273  1.00 25.89  ? 4067 SER A CA  1 
ATOM   1266 C C   . SER A 1 213 ? -5.862  4.214   -1.530  1.00 22.46  ? 4067 SER A C   1 
ATOM   1267 O O   . SER A 1 213 ? -5.567  5.382   -1.298  1.00 32.49  ? 4067 SER A O   1 
ATOM   1268 C CB  . SER A 1 213 ? -5.049  3.473   -3.779  1.00 15.62  ? 4067 SER A CB  1 
ATOM   1269 O OG  . SER A 1 213 ? -3.902  2.961   -4.419  1.00 18.71  ? 4067 SER A OG  1 
ATOM   1270 N N   . GLN A 1 214 ? -7.037  3.684   -1.194  1.00 19.42  ? 4068 GLN A N   1 
ATOM   1271 C CA  . GLN A 1 214 ? -8.019  4.460   -0.450  1.00 22.26  ? 4068 GLN A CA  1 
ATOM   1272 C C   . GLN A 1 214 ? -7.552  4.703   0.973   1.00 21.03  ? 4068 GLN A C   1 
ATOM   1273 O O   . GLN A 1 214 ? -7.808  5.765   1.531   1.00 19.90  ? 4068 GLN A O   1 
ATOM   1274 C CB  . GLN A 1 214 ? -9.382  3.786   -0.401  1.00 32.63  ? 4068 GLN A CB  1 
ATOM   1275 C CG  . GLN A 1 214 ? -10.409 4.625   0.367   1.00 34.98  ? 4068 GLN A CG  1 
ATOM   1276 C CD  . GLN A 1 214 ? -11.808 4.076   0.250   1.00 37.24  ? 4068 GLN A CD  1 
ATOM   1277 O OE1 . GLN A 1 214 ? -12.753 4.817   -0.030  1.00 44.10  ? 4068 GLN A OE1 1 
ATOM   1278 N NE2 . GLN A 1 214 ? -11.954 2.767   0.452   1.00 33.30  ? 4068 GLN A NE2 1 
ATOM   1279 N N   . LEU A 1 215 ? -6.937  3.681   1.576   1.00 17.19  ? 4069 LEU A N   1 
ATOM   1280 C CA  . LEU A 1 215 ? -6.372  3.910   2.910   1.00 19.49  ? 4069 LEU A CA  1 
ATOM   1281 C C   . LEU A 1 215 ? -5.380  5.075   2.913   1.00 17.21  ? 4069 LEU A C   1 
ATOM   1282 O O   . LEU A 1 215 ? -5.423  5.931   3.775   1.00 27.94  ? 4069 LEU A O   1 
ATOM   1283 C CB  . LEU A 1 215 ? -5.685  2.642   3.429   1.00 13.63  ? 4069 LEU A CB  1 
ATOM   1284 C CG  . LEU A 1 215 ? -6.565  1.399   3.580   1.00 24.33  ? 4069 LEU A CG  1 
ATOM   1285 C CD1 . LEU A 1 215 ? -5.751  0.223   4.095   1.00 27.97  ? 4069 LEU A CD1 1 
ATOM   1286 C CD2 . LEU A 1 215 ? -7.739  1.682   4.505   1.00 18.41  ? 4069 LEU A CD2 1 
ATOM   1287 N N   . MET A 1 216 ? -4.603  5.143   1.813   1.00 15.27  ? 4070 MET A N   1 
ATOM   1288 C CA  . MET A 1 216 ? -3.596  6.188   1.618   1.00 10.89  ? 4070 MET A CA  1 
ATOM   1289 C C   . MET A 1 216 ? -4.256  7.540   1.625   1.00 19.53  ? 4070 MET A C   1 
ATOM   1290 O O   . MET A 1 216 ? -3.773  8.456   2.265   1.00 25.45  ? 4070 MET A O   1 
ATOM   1291 C CB  . MET A 1 216 ? -2.823  5.981   0.320   1.00 26.72  ? 4070 MET A CB  1 
ATOM   1292 C CG  . MET A 1 216 ? -1.711  6.992   0.106   1.00 36.02  ? 4070 MET A CG  1 
ATOM   1293 S SD  . MET A 1 216 ? -0.771  6.762   -1.400  1.00 25.55  ? 4070 MET A SD  1 
ATOM   1294 C CE  . MET A 1 216 ? -0.081  5.218   -1.158  1.00 34.87  ? 4070 MET A CE  1 
ATOM   1295 N N   . ARG A 1 217 ? -5.425  7.625   1.000   1.00 20.47  ? 4071 ARG A N   1 
ATOM   1296 C CA  . ARG A 1 217 ? -6.183  8.866   0.941   1.00 14.32  ? 4071 ARG A CA  1 
ATOM   1297 C C   . ARG A 1 217 ? -6.740  9.285   2.315   1.00 22.86  ? 4071 ARG A C   1 
ATOM   1298 O O   . ARG A 1 217 ? -6.959  10.467  2.572   1.00 20.74  ? 4071 ARG A O   1 
ATOM   1299 C CB  . ARG A 1 217 ? -7.354  8.741   -0.061  1.00 11.72  ? 4071 ARG A CB  1 
ATOM   1300 C CG  . ARG A 1 217 ? -6.934  8.591   -1.505  1.00 16.96  ? 4071 ARG A CG  1 
ATOM   1301 C CD  . ARG A 1 217 ? -8.043  9.026   -2.470  1.00 7.42   ? 4071 ARG A CD  1 
ATOM   1302 N NE  . ARG A 1 217 ? -9.203  8.150   -2.427  1.00 28.55  ? 4071 ARG A NE  1 
ATOM   1303 C CZ  . ARG A 1 217 ? -9.250  6.926   -2.945  1.00 19.98  ? 4071 ARG A CZ  1 
ATOM   1304 N NH1 . ARG A 1 217 ? -8.209  6.416   -3.572  1.00 11.10  ? 4071 ARG A NH1 1 
ATOM   1305 N NH2 . ARG A 1 217 ? -10.311 6.175   -2.732  1.00 16.31  ? 4071 ARG A NH2 1 
ATOM   1306 N N   . LEU A 1 218 ? -7.069  8.308   3.158   1.00 23.87  ? 4072 LEU A N   1 
ATOM   1307 C CA  . LEU A 1 218 ? -7.599  8.615   4.489   1.00 17.35  ? 4072 LEU A CA  1 
ATOM   1308 C C   . LEU A 1 218 ? -6.457  9.184   5.348   1.00 10.49  ? 4072 LEU A C   1 
ATOM   1309 O O   . LEU A 1 218 ? -6.620  10.195  6.049   1.00 20.26  ? 4072 LEU A O   1 
ATOM   1310 C CB  . LEU A 1 218 ? -8.211  7.364   5.135   1.00 19.39  ? 4072 LEU A CB  1 
ATOM   1311 C CG  . LEU A 1 218 ? -9.422  6.722   4.433   1.00 23.96  ? 4072 LEU A CG  1 
ATOM   1312 C CD1 . LEU A 1 218 ? -9.950  5.510   5.201   1.00 18.06  ? 4072 LEU A CD1 1 
ATOM   1313 C CD2 . LEU A 1 218 ? -10.539 7.738   4.231   1.00 22.52  ? 4072 LEU A CD2 1 
ATOM   1314 N N   . MET A 1 219 ? -5.279  8.596   5.174   1.00 6.08   ? 4073 MET A N   1 
ATOM   1315 C CA  . MET A 1 219 ? -4.089  8.994   5.895   1.00 13.71  ? 4073 MET A CA  1 
ATOM   1316 C C   . MET A 1 219 ? -3.719  10.433  5.593   1.00 27.42  ? 4073 MET A C   1 
ATOM   1317 O O   . MET A 1 219 ? -3.286  11.174  6.454   1.00 29.35  ? 4073 MET A O   1 
ATOM   1318 C CB  . MET A 1 219 ? -2.909  8.101   5.484   1.00 14.58  ? 4073 MET A CB  1 
ATOM   1319 C CG  . MET A 1 219 ? -3.081  6.606   5.720   1.00 8.73   ? 4073 MET A CG  1 
ATOM   1320 S SD  . MET A 1 219 ? -1.561  5.658   5.316   1.00 20.39  ? 4073 MET A SD  1 
ATOM   1321 C CE  . MET A 1 219 ? -2.102  3.991   5.887   1.00 17.97  ? 4073 MET A CE  1 
ATOM   1322 N N   . VAL A 1 220 ? -3.891  10.806  4.335   1.00 28.31  ? 4074 VAL A N   1 
ATOM   1323 C CA  . VAL A 1 220 ? -3.539  12.111  3.826   1.00 30.37  ? 4074 VAL A CA  1 
ATOM   1324 C C   . VAL A 1 220 ? -4.619  13.204  3.947   1.00 30.91  ? 4074 VAL A C   1 
ATOM   1325 O O   . VAL A 1 220 ? -4.302  14.381  4.042   1.00 39.90  ? 4074 VAL A O   1 
ATOM   1326 C CB  . VAL A 1 220 ? -3.088  11.922  2.339   1.00 37.65  ? 4074 VAL A CB  1 
ATOM   1327 C CG1 . VAL A 1 220 ? -3.876  12.829  1.384   1.00 35.48  ? 4074 VAL A CG1 1 
ATOM   1328 C CG2 . VAL A 1 220 ? -1.592  12.094  2.209   1.00 28.06  ? 4074 VAL A CG2 1 
ATOM   1329 N N   . ALA A 1 221 ? -5.884  12.813  3.932   1.00 30.42  ? 4075 ALA A N   1 
ATOM   1330 C CA  . ALA A 1 221 ? -6.993  13.754  4.000   1.00 26.57  ? 4075 ALA A CA  1 
ATOM   1331 C C   . ALA A 1 221 ? -6.847  14.743  5.161   1.00 31.72  ? 4075 ALA A C   1 
ATOM   1332 O O   . ALA A 1 221 ? -6.493  14.366  6.284   1.00 39.56  ? 4075 ALA A O   1 
ATOM   1333 C CB  . ALA A 1 221 ? -8.306  13.002  4.123   1.00 35.24  ? 4075 ALA A CB  1 
ATOM   1334 N N   . LYS A 1 222 ? -7.132  16.003  4.835   1.00 36.36  ? 4076 LYS A N   1 
ATOM   1335 C CA  . LYS A 1 222 ? -7.082  17.124  5.792   1.00 48.52  ? 4076 LYS A CA  1 
ATOM   1336 C C   . LYS A 1 222 ? -8.482  17.357  6.364   1.00 47.36  ? 4076 LYS A C   1 
ATOM   1337 O O   . LYS A 1 222 ? -9.489  17.258  5.658   1.00 39.98  ? 4076 LYS A O   1 
ATOM   1338 C CB  . LYS A 1 222 ? -6.604  18.399  5.092   1.00 55.33  ? 4076 LYS A CB  1 
ATOM   1339 C CG  . LYS A 1 222 ? -6.288  19.530  6.071   1.00 63.91  ? 4076 LYS A CG  1 
ATOM   1340 C CD  . LYS A 1 222 ? -5.106  19.210  6.987   1.00 71.98  ? 4076 LYS A CD  1 
ATOM   1341 C CE  . LYS A 1 222 ? -4.807  20.331  7.987   1.00 73.82  ? 4076 LYS A CE  1 
ATOM   1342 N NZ  . LYS A 1 222 ? -3.640  20.043  8.839   1.00 80.30  ? 4076 LYS A NZ  1 
ATOM   1343 N N   . GLU A 1 223 ? -8.543  17.680  7.648   1.00 48.76  ? 4077 GLU A N   1 
ATOM   1344 C CA  . GLU A 1 223 ? -9.836  17.860  8.325   1.00 53.14  ? 4077 GLU A CA  1 
ATOM   1345 C C   . GLU A 1 223 ? -9.988  19.275  8.843   1.00 53.50  ? 4077 GLU A C   1 
ATOM   1346 O O   . GLU A 1 223 ? -9.154  19.824  9.534   1.00 55.30  ? 4077 GLU A O   1 
ATOM   1347 C CB  . GLU A 1 223 ? -9.926  16.897  9.502   1.00 53.46  ? 4077 GLU A CB  1 
ATOM   1348 C CG  . GLU A 1 223 ? -11.356 16.627  9.943   1.00 59.97  ? 4077 GLU A CG  1 
ATOM   1349 C CD  . GLU A 1 223 ? -11.435 15.669  11.127  1.00 61.54  ? 4077 GLU A CD  1 
ATOM   1350 O OE1 . GLU A 1 223 ? -10.352 15.198  11.637  1.00 62.86  ? 4077 GLU A OE1 1 
ATOM   1351 O OE2 . GLU A 1 223 ? -12.579 15.343  11.603  1.00 60.63  ? 4077 GLU A OE2 1 
ATOM   1352 N N   . SER A 1 224 ? -11.057 19.931  8.548   1.00 50.34  ? 4078 SER A N   1 
ATOM   1353 C CA  . SER A 1 224 ? -11.159 21.296  9.026   1.00 51.73  ? 4078 SER A CA  1 
ATOM   1354 C C   . SER A 1 224 ? -11.394 21.347  10.533  1.00 54.70  ? 4078 SER A C   1 
ATOM   1355 O O   . SER A 1 224 ? -12.536 21.407  10.999  1.00 61.92  ? 4078 SER A O   1 
ATOM   1356 C CB  . SER A 1 224 ? -12.333 21.986  8.330   1.00 46.60  ? 4078 SER A CB  1 
ATOM   1357 O OG  . SER A 1 224 ? -12.255 21.780  6.928   1.00 50.21  ? 4078 SER A OG  1 
ATOM   1358 N N   . ARG A 1 225 ? -10.315 21.308  11.296  1.00 63.86  ? 4079 ARG A N   1 
ATOM   1359 C CA  . ARG A 1 225 ? -10.431 21.400  12.758  1.00 71.45  ? 4079 ARG A CA  1 
ATOM   1360 C C   . ARG A 1 225 ? -10.841 22.837  13.093  1.00 70.02  ? 4079 ARG A C   1 
ATOM   1361 O O   . ARG A 1 225 ? -10.361 23.785  12.471  1.00 67.48  ? 4079 ARG A O   1 
ATOM   1362 C CB  . ARG A 1 225 ? -9.122  21.015  13.445  1.00 74.01  ? 4079 ARG A CB  1 
ATOM   1363 C CG  . ARG A 1 225 ? -9.239  20.963  14.978  1.00 83.33  ? 4079 ARG A CG  1 
ATOM   1364 C CD  . ARG A 1 225 ? -10.512 20.265  15.485  1.00 90.46  ? 4079 ARG A CD  1 
ATOM   1365 N NE  . ARG A 1 225 ? -10.663 20.378  16.947  1.00 95.13  ? 4079 ARG A NE  1 
ATOM   1366 C CZ  . ARG A 1 225 ? -11.427 19.572  17.700  1.00 99.18  ? 4079 ARG A CZ  1 
ATOM   1367 N NH1 . ARG A 1 225 ? -12.131 18.578  17.152  1.00 100.00 ? 4079 ARG A NH1 1 
ATOM   1368 N NH2 . ARG A 1 225 ? -11.538 19.695  19.030  1.00 100.00 ? 4079 ARG A NH2 1 
ATOM   1369 N N   . ASN A 1 226 ? -11.699 23.000  14.094  1.00 70.65  ? 4080 ASN A N   1 
ATOM   1370 C CA  . ASN A 1 226 ? -12.220 24.327  14.404  1.00 70.18  ? 4080 ASN A CA  1 
ATOM   1371 C C   . ASN A 1 226 ? -11.713 25.314  15.439  1.00 68.24  ? 4080 ASN A C   1 
ATOM   1372 O O   . ASN A 1 226 ? -12.512 25.762  16.256  1.00 70.00  ? 4080 ASN A O   1 
ATOM   1373 C CB  . ASN A 1 226 ? -13.753 24.270  14.539  1.00 73.39  ? 4080 ASN A CB  1 
ATOM   1374 C CG  . ASN A 1 226 ? -14.228 23.963  15.948  1.00 76.73  ? 4080 ASN A CG  1 
ATOM   1375 O OD1 . ASN A 1 226 ? -13.752 23.026  16.597  1.00 81.90  ? 4080 ASN A OD1 1 
ATOM   1376 N ND2 . ASN A 1 226 ? -15.132 24.798  16.452  1.00 74.69  ? 4080 ASN A ND2 1 
ATOM   1377 N N   . VAL A 1 227 ? -10.445 25.711  15.454  1.00 68.74  ? 4081 VAL A N   1 
ATOM   1378 C CA  . VAL A 1 227 ? -10.169 26.750  16.437  1.00 74.28  ? 4081 VAL A CA  1 
ATOM   1379 C C   . VAL A 1 227 ? -10.876 28.005  15.863  1.00 77.65  ? 4081 VAL A C   1 
ATOM   1380 O O   . VAL A 1 227 ? -11.934 28.431  16.387  1.00 74.73  ? 4081 VAL A O   1 
ATOM   1381 C CB  . VAL A 1 227 ? -8.656  26.957  16.760  1.00 76.51  ? 4081 VAL A CB  1 
ATOM   1382 C CG1 . VAL A 1 227 ? -8.043  28.132  15.986  1.00 76.03  ? 4081 VAL A CG1 1 
ATOM   1383 C CG2 . VAL A 1 227 ? -8.513  27.210  18.258  1.00 75.92  ? 4081 VAL A CG2 1 
HETATM 1384 P P   . PO4 B 2 .   ? 7.005   1.115   11.079  1.00 73.46  ? 5001 PO4 A P   1 
HETATM 1385 O O1  . PO4 B 2 .   ? 7.974   2.226   10.705  1.00 83.77  ? 5001 PO4 A O1  1 
HETATM 1386 O O2  . PO4 B 2 .   ? 6.065   0.825   9.913   1.00 76.61  ? 5001 PO4 A O2  1 
HETATM 1387 O O3  . PO4 B 2 .   ? 7.800   -0.140  11.438  1.00 75.50  ? 5001 PO4 A O3  1 
HETATM 1388 O O4  . PO4 B 2 .   ? 6.170   1.568   12.269  1.00 80.70  ? 5001 PO4 A O4  1 
HETATM 1389 C C1  . BME C 3 .   ? 3.159   -10.670 4.571   1.00 52.02  ? 6000 BME A C1  1 
HETATM 1390 C C2  . BME C 3 .   ? 1.849   -11.294 4.196   1.00 50.18  ? 6000 BME A C2  1 
HETATM 1391 O O1  . BME C 3 .   ? 3.147   -9.314  4.177   1.00 51.63  ? 6000 BME A O1  1 
HETATM 1392 S S2  . BME C 3 .   ? 0.980   -10.170 3.059   1.00 50.00  ? 6000 BME A S2  1 
HETATM 1393 O O   . HOH D 4 .   ? -9.419  -10.876 17.040  0.5  20.00  ? 9000 HOH A O   1 
HETATM 1394 O O   . HOH D 4 .   ? 9.109   -11.139 -18.333 1.00 20.00  ? 9001 HOH A O   1 
HETATM 1395 O O   . HOH D 4 .   ? 16.196  -12.743 -4.773  1.00 20.00  ? 9002 HOH A O   1 
HETATM 1396 O O   . HOH D 4 .   ? -10.245 16.349  3.092   1.00 20.00  ? 9003 HOH A O   1 
HETATM 1397 O O   . HOH D 4 .   ? -14.699 -12.650 -2.359  1.00 20.00  ? 9004 HOH A O   1 
HETATM 1398 O O   . HOH D 4 .   ? -7.422  -6.755  -11.803 1.00 20.00  ? 9005 HOH A O   1 
HETATM 1399 O O   . HOH D 4 .   ? -7.882  8.712   8.773   1.00 20.00  ? 9006 HOH A O   1 
HETATM 1400 O O   . HOH D 4 .   ? -5.050  -5.471  -12.612 1.00 20.00  ? 9007 HOH A O   1 
HETATM 1401 O O   . HOH D 4 .   ? -11.125 1.821   -11.525 1.00 20.00  ? 9008 HOH A O   1 
HETATM 1402 O O   . HOH D 4 .   ? -15.891 -6.700  9.772   1.00 20.00  ? 9009 HOH A O   1 
HETATM 1403 O O   . HOH D 4 .   ? 9.658   -14.650 0.457   1.00 20.00  ? 9010 HOH A O   1 
HETATM 1404 O O   . HOH D 4 .   ? -11.590 -0.552  -2.895  1.00 20.00  ? 9011 HOH A O   1 
HETATM 1405 O O   . HOH D 4 .   ? 7.738   -5.425  -13.540 1.00 20.00  ? 9012 HOH A O   1 
HETATM 1406 O O   . HOH D 4 .   ? -10.390 -21.084 -16.937 1.00 20.00  ? 9013 HOH A O   1 
HETATM 1407 O O   . HOH D 4 .   ? -11.846 3.050   -4.623  1.00 20.00  ? 9014 HOH A O   1 
HETATM 1408 O O   . HOH D 4 .   ? 8.115   -10.054 -7.787  1.00 20.00  ? 9015 HOH A O   1 
HETATM 1409 O O   . HOH D 4 .   ? -10.332 -20.780 -10.549 1.00 20.00  ? 9016 HOH A O   1 
# 
